data_9JL7
# 
_entry.id   9JL7 
# 
_audit_conform.dict_name       mmcif_pdbx.dic 
_audit_conform.dict_version    5.402 
_audit_conform.dict_location   http://mmcif.pdb.org/dictionaries/ascii/mmcif_pdbx.dic 
# 
loop_
_database_2.database_id 
_database_2.database_code 
_database_2.pdbx_database_accession 
_database_2.pdbx_DOI 
PDB   9JL7         pdb_00009jl7 10.2210/pdb9jl7/pdb 
WWPDB D_1300051611 ?            ?                   
# 
loop_
_pdbx_audit_revision_history.ordinal 
_pdbx_audit_revision_history.data_content_type 
_pdbx_audit_revision_history.major_revision 
_pdbx_audit_revision_history.minor_revision 
_pdbx_audit_revision_history.revision_date 
_pdbx_audit_revision_history.part_number 
1 'Structure model' 1 0 2025-03-12 ? 
2 'Structure model' 1 1 2025-04-09 ? 
# 
_pdbx_audit_revision_details.ordinal             1 
_pdbx_audit_revision_details.revision_ordinal    1 
_pdbx_audit_revision_details.data_content_type   'Structure model' 
_pdbx_audit_revision_details.provider            repository 
_pdbx_audit_revision_details.type                'Initial release' 
_pdbx_audit_revision_details.description         ? 
_pdbx_audit_revision_details.details             ? 
# 
_pdbx_audit_revision_group.ordinal             1 
_pdbx_audit_revision_group.revision_ordinal    2 
_pdbx_audit_revision_group.data_content_type   'Structure model' 
_pdbx_audit_revision_group.group               'Database references' 
# 
loop_
_pdbx_audit_revision_category.ordinal 
_pdbx_audit_revision_category.revision_ordinal 
_pdbx_audit_revision_category.data_content_type 
_pdbx_audit_revision_category.category 
1 2 'Structure model' citation        
2 2 'Structure model' citation_author 
# 
loop_
_pdbx_audit_revision_item.ordinal 
_pdbx_audit_revision_item.revision_ordinal 
_pdbx_audit_revision_item.data_content_type 
_pdbx_audit_revision_item.item 
1 2 'Structure model' '_citation.journal_volume'          
2 2 'Structure model' '_citation.page_first'              
3 2 'Structure model' '_citation.page_last'               
4 2 'Structure model' '_citation_author.identifier_ORCID' 
# 
_pdbx_database_status.status_code                     REL 
_pdbx_database_status.status_code_sf                  REL 
_pdbx_database_status.status_code_mr                  ? 
_pdbx_database_status.entry_id                        9JL7 
_pdbx_database_status.recvd_initial_deposition_date   2024-09-18 
_pdbx_database_status.SG_entry                        N 
_pdbx_database_status.deposit_site                    PDBJ 
_pdbx_database_status.process_site                    PDBJ 
_pdbx_database_status.status_code_cs                  ? 
_pdbx_database_status.status_code_nmr_data            ? 
_pdbx_database_status.methods_development_category    ? 
_pdbx_database_status.pdb_format_compatible           Y 
# 
_pdbx_contact_author.id                 3 
_pdbx_contact_author.email              mhho@nchu.edu.tw 
_pdbx_contact_author.name_first         Ming-Hon 
_pdbx_contact_author.name_last          Hou 
_pdbx_contact_author.name_mi            ? 
_pdbx_contact_author.role               'principal investigator/group leader' 
_pdbx_contact_author.identifier_ORCID   0000-0003-4170-1527 
# 
loop_
_audit_author.name 
_audit_author.pdbx_ordinal 
_audit_author.identifier_ORCID 
'Li, H.J.'      1 ? 
'Satange, R.B.' 2 ? 
'Hou, M.H.'     3 ? 
# 
_citation.abstract                  ? 
_citation.abstract_id_CAS           ? 
_citation.book_id_ISBN              ? 
_citation.book_publisher            ? 
_citation.book_publisher_city       ? 
_citation.book_title                ? 
_citation.coordinate_linkage        ? 
_citation.country                   US 
_citation.database_id_Medline       ? 
_citation.details                   ? 
_citation.id                        primary 
_citation.journal_abbrev            J.Med.Chem. 
_citation.journal_id_ASTM           JMCMAR 
_citation.journal_id_CSD            0151 
_citation.journal_id_ISSN           0022-2623 
_citation.journal_full              ? 
_citation.journal_issue             ? 
_citation.journal_volume            68 
_citation.language                  ? 
_citation.page_first                6601 
_citation.page_last                 6615 
_citation.title                     
;Structural and Functional Insights into Targeting GCCG Sites in the EGFR Promoter by Two DNA Intercalators to Inhibit Breast Cancer Metastasis.
;
_citation.year                      2025 
_citation.database_id_CSD           ? 
_citation.pdbx_database_id_DOI      10.1021/acs.jmedchem.4c03203 
_citation.pdbx_database_id_PubMed   40032551 
_citation.pdbx_database_id_patent   ? 
_citation.unpublished_flag          ? 
# 
loop_
_citation_author.citation_id 
_citation_author.name 
_citation_author.ordinal 
_citation_author.identifier_ORCID 
primary 'Chang, C.C.' 1 ? 
primary 'Li, H.J.'    2 ? 
primary 'Satange, R.' 3 ? 
primary 'Lin, S.M.'   4 ? 
primary 'Chen, T.L.'  5 ? 
primary 'Lin, C.C.'   6 ? 
primary 'Neidle, S.'  7 ? 
primary 'Hou, M.H.'   8 ? 
# 
loop_
_entity.id 
_entity.type 
_entity.src_method 
_entity.pdbx_description 
_entity.formula_weight 
_entity.pdbx_number_of_molecules 
_entity.pdbx_ec 
_entity.pdbx_mutation 
_entity.pdbx_fragment 
_entity.details 
1 polymer     syn 
;DNA (5'-D(P*AP*GP*CP*CP*GP*T)-3')
;
1809.217 1  ? ? ? ? 
2 polymer     syn 
;DNA (5'-D(P*AP*CP*GP*GP*CP*T)-3')
;
1809.217 1  ? ? ? ? 
3 polymer     syn 'Actinomycin D'                     1291.446 1  ? ? ? ? 
4 non-polymer syn DOXORUBICIN                         543.519  1  ? ? ? ? 
5 non-polymer syn 'MANGANESE (II) ION'                54.938   3  ? ? ? ? 
6 non-polymer syn 'CHLORIDE ION'                      35.453   1  ? ? ? ? 
7 water       nat water                               18.015   90 ? ? ? ? 
# 
loop_
_entity_poly.entity_id 
_entity_poly.type 
_entity_poly.nstd_linkage 
_entity_poly.nstd_monomer 
_entity_poly.pdbx_seq_one_letter_code 
_entity_poly.pdbx_seq_one_letter_code_can 
_entity_poly.pdbx_strand_id 
_entity_poly.pdbx_target_identifier 
1 polydeoxyribonucleotide no no  '(DA)(DG)(DC)(DC)(DG)(DT)'                AGCCGT      A ? 
2 polydeoxyribonucleotide no no  '(DA)(DC)(DG)(DG)(DC)(DT)'                ACGGCT      B ? 
3 'polypeptide(L)'        no yes 'T(DVA)P(SAR)(MVA)(PXZ)T(DVA)P(SAR)(MVA)' TVPGVXTVPGV G ? 
# 
loop_
_pdbx_entity_nonpoly.entity_id 
_pdbx_entity_nonpoly.name 
_pdbx_entity_nonpoly.comp_id 
4 DOXORUBICIN          DM2 
5 'MANGANESE (II) ION' MN  
6 'CHLORIDE ION'       CL  
7 water                HOH 
# 
loop_
_entity_poly_seq.entity_id 
_entity_poly_seq.num 
_entity_poly_seq.mon_id 
_entity_poly_seq.hetero 
1 1  DA  n 
1 2  DG  n 
1 3  DC  n 
1 4  DC  n 
1 5  DG  n 
1 6  DT  n 
2 1  DA  n 
2 2  DC  n 
2 3  DG  n 
2 4  DG  n 
2 5  DC  n 
2 6  DT  n 
3 1  THR n 
3 2  DVA n 
3 3  PRO n 
3 4  SAR n 
3 5  MVA n 
3 6  PXZ n 
3 7  THR n 
3 8  DVA n 
3 9  PRO n 
3 10 SAR n 
3 11 MVA n 
# 
loop_
_pdbx_entity_src_syn.entity_id 
_pdbx_entity_src_syn.pdbx_src_id 
_pdbx_entity_src_syn.pdbx_alt_source_flag 
_pdbx_entity_src_syn.pdbx_beg_seq_num 
_pdbx_entity_src_syn.pdbx_end_seq_num 
_pdbx_entity_src_syn.organism_scientific 
_pdbx_entity_src_syn.organism_common_name 
_pdbx_entity_src_syn.ncbi_taxonomy_id 
_pdbx_entity_src_syn.details 
1 1 sample 1 6  'synthetic construct'   ? 32630  ? 
2 1 sample 1 6  'synthetic construct'   ? 32630  ? 
3 1 sample 1 11 'Streptomyces parvulus' ? 146923 ? 
# 
loop_
_chem_comp.id 
_chem_comp.type 
_chem_comp.mon_nstd_flag 
_chem_comp.name 
_chem_comp.pdbx_synonyms 
_chem_comp.formula 
_chem_comp.formula_weight 
CL  non-polymer         . 'CHLORIDE ION'                                                  ?           'Cl -1'           35.453  
DA  'DNA linking'       y "2'-DEOXYADENOSINE-5'-MONOPHOSPHATE"                            ?           'C10 H14 N5 O6 P' 331.222 
DC  'DNA linking'       y "2'-DEOXYCYTIDINE-5'-MONOPHOSPHATE"                             ?           'C9 H14 N3 O7 P'  307.197 
DG  'DNA linking'       y "2'-DEOXYGUANOSINE-5'-MONOPHOSPHATE"                            ?           'C10 H14 N5 O7 P' 347.221 
DM2 non-polymer         . DOXORUBICIN                                                     ADRIAMYCIN  'C27 H29 N O11'   543.519 
DT  'DNA linking'       y "THYMIDINE-5'-MONOPHOSPHATE"                                    ?           'C10 H15 N2 O8 P' 322.208 
DVA 'D-peptide linking' . D-VALINE                                                        ?           'C5 H11 N O2'     117.146 
HOH non-polymer         . WATER                                                           ?           'H2 O'            18.015  
MN  non-polymer         . 'MANGANESE (II) ION'                                            ?           'Mn 2'            54.938  
MVA 'L-peptide linking' n N-METHYLVALINE                                                  ?           'C6 H13 N O2'     131.173 
PRO 'L-peptide linking' y PROLINE                                                         ?           'C5 H9 N O2'      115.130 
PXZ non-polymer         . 2-AMINO-1,9-DICARBONYL-4,6-DIMETHYL-10-DEHYDRO-PHENOXAZIN-3-ONE PHENOXAZINE 'C16 H12 N2 O6'   328.276 
SAR 'peptide linking'   n SARCOSINE                                                       ?           'C3 H7 N O2'      89.093  
THR 'L-peptide linking' y THREONINE                                                       ?           'C4 H9 N O3'      119.119 
# 
loop_
_pdbx_poly_seq_scheme.asym_id 
_pdbx_poly_seq_scheme.entity_id 
_pdbx_poly_seq_scheme.seq_id 
_pdbx_poly_seq_scheme.mon_id 
_pdbx_poly_seq_scheme.ndb_seq_num 
_pdbx_poly_seq_scheme.pdb_seq_num 
_pdbx_poly_seq_scheme.auth_seq_num 
_pdbx_poly_seq_scheme.pdb_mon_id 
_pdbx_poly_seq_scheme.auth_mon_id 
_pdbx_poly_seq_scheme.pdb_strand_id 
_pdbx_poly_seq_scheme.pdb_ins_code 
_pdbx_poly_seq_scheme.hetero 
A 1 1  DA  1  1  1  DA  DA  A . n 
A 1 2  DG  2  2  2  DG  DG  A . n 
A 1 3  DC  3  3  3  DC  DC  A . n 
A 1 4  DC  4  4  4  DC  DC  A . n 
A 1 5  DG  5  5  5  DG  DG  A . n 
A 1 6  DT  6  6  6  DT  DT  A . n 
B 2 1  DA  1  2  2  DA  DA  B . n 
B 2 2  DC  2  3  3  DC  DC  B . n 
B 2 3  DG  3  4  4  DG  DG  B . n 
B 2 4  DG  4  5  5  DG  DG  B . n 
B 2 5  DC  5  6  6  DC  DC  B . n 
B 2 6  DT  6  7  7  DT  DT  B . n 
C 3 1  THR 1  1  1  THR THR G . n 
C 3 2  DVA 2  2  2  DVA DVA G . n 
C 3 3  PRO 3  3  3  PRO PRO G . n 
C 3 4  SAR 4  4  4  SAR SAR G . n 
C 3 5  MVA 5  5  5  MVA MVA G . n 
C 3 6  PXZ 6  6  6  PXZ PXF G . n 
C 3 7  THR 7  7  7  THR THR G . n 
C 3 8  DVA 8  8  8  DVA DVA G . n 
C 3 9  PRO 9  9  9  PRO PRO G . n 
C 3 10 SAR 10 10 10 SAR SAR G . n 
C 3 11 MVA 11 11 11 MVA MVA G . n 
# 
loop_
_pdbx_entity_instance_feature.ordinal 
_pdbx_entity_instance_feature.comp_id 
_pdbx_entity_instance_feature.asym_id 
_pdbx_entity_instance_feature.seq_num 
_pdbx_entity_instance_feature.auth_comp_id 
_pdbx_entity_instance_feature.auth_asym_id 
_pdbx_entity_instance_feature.auth_seq_num 
_pdbx_entity_instance_feature.feature_type 
_pdbx_entity_instance_feature.details 
1 CL  ? ? CL  ? ? 'SUBJECT OF INVESTIGATION' ? 
2 DM2 ? ? DM2 ? ? 'SUBJECT OF INVESTIGATION' ? 
3 DVA ? ? DVA ? ? 'SUBJECT OF INVESTIGATION' ? 
4 MVA ? ? MVA ? ? 'SUBJECT OF INVESTIGATION' ? 
5 PXZ ? ? PXZ ? ? 'SUBJECT OF INVESTIGATION' ? 
6 SAR ? ? SAR ? ? 'SUBJECT OF INVESTIGATION' ? 
# 
loop_
_pdbx_nonpoly_scheme.asym_id 
_pdbx_nonpoly_scheme.entity_id 
_pdbx_nonpoly_scheme.mon_id 
_pdbx_nonpoly_scheme.ndb_seq_num 
_pdbx_nonpoly_scheme.pdb_seq_num 
_pdbx_nonpoly_scheme.auth_seq_num 
_pdbx_nonpoly_scheme.pdb_mon_id 
_pdbx_nonpoly_scheme.auth_mon_id 
_pdbx_nonpoly_scheme.pdb_strand_id 
_pdbx_nonpoly_scheme.pdb_ins_code 
D 4 DM2 1  101 101 DM2 DM2 A . 
E 5 MN  1  102 2   MN  MN  A . 
F 5 MN  1  103 3   MN  MN  A . 
G 5 MN  1  101 1   MN  MN  B . 
H 6 CL  1  102 2   CL  CL  B . 
I 7 HOH 1  201 69  HOH HOH A . 
I 7 HOH 2  202 64  HOH HOH A . 
I 7 HOH 3  203 33  HOH HOH A . 
I 7 HOH 4  204 50  HOH HOH A . 
I 7 HOH 5  205 41  HOH HOH A . 
I 7 HOH 6  206 16  HOH HOH A . 
I 7 HOH 7  207 68  HOH HOH A . 
I 7 HOH 8  208 6   HOH HOH A . 
I 7 HOH 9  209 40  HOH HOH A . 
I 7 HOH 10 210 38  HOH HOH A . 
I 7 HOH 11 211 8   HOH HOH A . 
I 7 HOH 12 212 93  HOH HOH A . 
I 7 HOH 13 213 23  HOH HOH A . 
I 7 HOH 14 214 78  HOH HOH A . 
I 7 HOH 15 215 87  HOH HOH A . 
I 7 HOH 16 216 73  HOH HOH A . 
I 7 HOH 17 217 15  HOH HOH A . 
I 7 HOH 18 218 17  HOH HOH A . 
I 7 HOH 19 219 13  HOH HOH A . 
I 7 HOH 20 220 12  HOH HOH A . 
I 7 HOH 21 221 14  HOH HOH A . 
I 7 HOH 22 222 53  HOH HOH A . 
I 7 HOH 23 223 46  HOH HOH A . 
I 7 HOH 24 224 82  HOH HOH A . 
I 7 HOH 25 225 71  HOH HOH A . 
I 7 HOH 26 226 37  HOH HOH A . 
I 7 HOH 27 227 63  HOH HOH A . 
I 7 HOH 28 228 77  HOH HOH A . 
I 7 HOH 29 229 85  HOH HOH A . 
I 7 HOH 30 230 59  HOH HOH A . 
I 7 HOH 31 231 57  HOH HOH A . 
I 7 HOH 32 232 67  HOH HOH A . 
I 7 HOH 33 233 91  HOH HOH A . 
I 7 HOH 34 234 55  HOH HOH A . 
I 7 HOH 35 235 26  HOH HOH A . 
I 7 HOH 36 236 48  HOH HOH A . 
I 7 HOH 37 237 22  HOH HOH A . 
I 7 HOH 38 238 80  HOH HOH A . 
I 7 HOH 39 239 83  HOH HOH A . 
I 7 HOH 40 240 52  HOH HOH A . 
I 7 HOH 41 241 44  HOH HOH A . 
I 7 HOH 42 242 47  HOH HOH A . 
I 7 HOH 43 243 81  HOH HOH A . 
I 7 HOH 44 244 58  HOH HOH A . 
J 7 HOH 1  201 34  HOH HOH B . 
J 7 HOH 2  202 1   HOH HOH B . 
J 7 HOH 3  203 43  HOH HOH B . 
J 7 HOH 4  204 7   HOH HOH B . 
J 7 HOH 5  205 30  HOH HOH B . 
J 7 HOH 6  206 45  HOH HOH B . 
J 7 HOH 7  207 60  HOH HOH B . 
J 7 HOH 8  208 21  HOH HOH B . 
J 7 HOH 9  209 2   HOH HOH B . 
J 7 HOH 10 210 4   HOH HOH B . 
J 7 HOH 11 211 9   HOH HOH B . 
J 7 HOH 12 212 10  HOH HOH B . 
J 7 HOH 13 213 11  HOH HOH B . 
J 7 HOH 14 214 5   HOH HOH B . 
J 7 HOH 15 215 3   HOH HOH B . 
J 7 HOH 16 216 25  HOH HOH B . 
J 7 HOH 17 217 24  HOH HOH B . 
J 7 HOH 18 218 51  HOH HOH B . 
J 7 HOH 19 219 90  HOH HOH B . 
J 7 HOH 20 220 20  HOH HOH B . 
J 7 HOH 21 221 56  HOH HOH B . 
J 7 HOH 22 222 28  HOH HOH B . 
J 7 HOH 23 223 32  HOH HOH B . 
J 7 HOH 24 224 62  HOH HOH B . 
J 7 HOH 25 225 54  HOH HOH B . 
J 7 HOH 26 226 79  HOH HOH B . 
J 7 HOH 27 227 27  HOH HOH B . 
J 7 HOH 28 228 29  HOH HOH B . 
J 7 HOH 29 229 36  HOH HOH B . 
J 7 HOH 30 230 70  HOH HOH B . 
J 7 HOH 31 231 72  HOH HOH B . 
J 7 HOH 32 232 66  HOH HOH B . 
J 7 HOH 33 233 76  HOH HOH B . 
K 7 HOH 1  101 39  HOH HOH G . 
K 7 HOH 2  102 35  HOH HOH G . 
K 7 HOH 3  103 42  HOH HOH G . 
K 7 HOH 4  104 18  HOH HOH G . 
K 7 HOH 5  105 19  HOH HOH G . 
K 7 HOH 6  106 61  HOH HOH G . 
K 7 HOH 7  107 86  HOH HOH G . 
K 7 HOH 8  108 49  HOH HOH G . 
K 7 HOH 9  109 89  HOH HOH G . 
K 7 HOH 10 110 65  HOH HOH G . 
K 7 HOH 11 111 31  HOH HOH G . 
K 7 HOH 12 112 84  HOH HOH G . 
K 7 HOH 13 113 74  HOH HOH G . 
# 
loop_
_pdbx_unobs_or_zero_occ_atoms.id 
_pdbx_unobs_or_zero_occ_atoms.PDB_model_num 
_pdbx_unobs_or_zero_occ_atoms.polymer_flag 
_pdbx_unobs_or_zero_occ_atoms.occupancy_flag 
_pdbx_unobs_or_zero_occ_atoms.auth_asym_id 
_pdbx_unobs_or_zero_occ_atoms.auth_comp_id 
_pdbx_unobs_or_zero_occ_atoms.auth_seq_id 
_pdbx_unobs_or_zero_occ_atoms.PDB_ins_code 
_pdbx_unobs_or_zero_occ_atoms.auth_atom_id 
_pdbx_unobs_or_zero_occ_atoms.label_alt_id 
_pdbx_unobs_or_zero_occ_atoms.label_asym_id 
_pdbx_unobs_or_zero_occ_atoms.label_comp_id 
_pdbx_unobs_or_zero_occ_atoms.label_seq_id 
_pdbx_unobs_or_zero_occ_atoms.label_atom_id 
1 1 Y 0 A DA 1 ? P ? A DA 1 P 
2 1 Y 0 B DA 2 ? P ? B DA 1 P 
# 
loop_
_software.citation_id 
_software.classification 
_software.compiler_name 
_software.compiler_version 
_software.contact_author 
_software.contact_author_email 
_software.date 
_software.description 
_software.dependencies 
_software.hardware 
_software.language 
_software.location 
_software.mods 
_software.name 
_software.os 
_software.os_version 
_software.type 
_software.version 
_software.pdbx_ordinal 
? refinement       ? ? ? ? ? ? ? ? ? ? ? PHENIX   ? ? ? 1.20.1-4487 1 
? 'data scaling'   ? ? ? ? ? ? ? ? ? ? ? HKL-2000 ? ? ? .           2 
? 'data reduction' ? ? ? ? ? ? ? ? ? ? ? HKL-2000 ? ? ? .           3 
? phasing          ? ? ? ? ? ? ? ? ? ? ? PHENIX   ? ? ? 1.20.1-4487 4 
# 
_cell.angle_alpha                  90.00 
_cell.angle_alpha_esd              ? 
_cell.angle_beta                   90.00 
_cell.angle_beta_esd               ? 
_cell.angle_gamma                  120.00 
_cell.angle_gamma_esd              ? 
_cell.entry_id                     9JL7 
_cell.details                      ? 
_cell.formula_units_Z              ? 
_cell.length_a                     27.002 
_cell.length_a_esd                 ? 
_cell.length_b                     27.002 
_cell.length_b_esd                 ? 
_cell.length_c                     205.993 
_cell.length_c_esd                 ? 
_cell.volume                       ? 
_cell.volume_esd                   ? 
_cell.Z_PDB                        12 
_cell.reciprocal_angle_alpha       ? 
_cell.reciprocal_angle_beta        ? 
_cell.reciprocal_angle_gamma       ? 
_cell.reciprocal_angle_alpha_esd   ? 
_cell.reciprocal_angle_beta_esd    ? 
_cell.reciprocal_angle_gamma_esd   ? 
_cell.reciprocal_length_a          ? 
_cell.reciprocal_length_b          ? 
_cell.reciprocal_length_c          ? 
_cell.reciprocal_length_a_esd      ? 
_cell.reciprocal_length_b_esd      ? 
_cell.reciprocal_length_c_esd      ? 
_cell.pdbx_unique_axis             ? 
_cell.pdbx_esd_method              ? 
# 
_symmetry.entry_id                         9JL7 
_symmetry.cell_setting                     ? 
_symmetry.Int_Tables_number                179 
_symmetry.space_group_name_Hall            ? 
_symmetry.space_group_name_H-M             'P 65 2 2' 
_symmetry.pdbx_full_space_group_name_H-M   ? 
# 
_exptl.absorpt_coefficient_mu     ? 
_exptl.absorpt_correction_T_max   ? 
_exptl.absorpt_correction_T_min   ? 
_exptl.absorpt_correction_type    ? 
_exptl.absorpt_process_details    ? 
_exptl.entry_id                   9JL7 
_exptl.crystals_number            1 
_exptl.details                    ? 
_exptl.method                     'X-RAY DIFFRACTION' 
_exptl.method_details             ? 
# 
_exptl_crystal.colour                       ? 
_exptl_crystal.density_diffrn               ? 
_exptl_crystal.density_Matthews             2.21 
_exptl_crystal.density_method               ? 
_exptl_crystal.density_percent_sol          44.28 
_exptl_crystal.description                  ? 
_exptl_crystal.F_000                        ? 
_exptl_crystal.id                           1 
_exptl_crystal.preparation                  ? 
_exptl_crystal.size_max                     ? 
_exptl_crystal.size_mid                     ? 
_exptl_crystal.size_min                     ? 
_exptl_crystal.size_rad                     ? 
_exptl_crystal.colour_lustre                ? 
_exptl_crystal.colour_modifier              ? 
_exptl_crystal.colour_primary               ? 
_exptl_crystal.density_meas                 ? 
_exptl_crystal.density_meas_esd             ? 
_exptl_crystal.density_meas_gt              ? 
_exptl_crystal.density_meas_lt              ? 
_exptl_crystal.density_meas_temp            ? 
_exptl_crystal.density_meas_temp_esd        ? 
_exptl_crystal.density_meas_temp_gt         ? 
_exptl_crystal.density_meas_temp_lt         ? 
_exptl_crystal.pdbx_crystal_image_url       ? 
_exptl_crystal.pdbx_crystal_image_format    ? 
_exptl_crystal.pdbx_mosaicity               ? 
_exptl_crystal.pdbx_mosaicity_esd           ? 
_exptl_crystal.pdbx_mosaic_method           ? 
_exptl_crystal.pdbx_mosaic_block_size       ? 
_exptl_crystal.pdbx_mosaic_block_size_esd   ? 
# 
_exptl_crystal_grow.apparatus       ? 
_exptl_crystal_grow.atmosphere      ? 
_exptl_crystal_grow.crystal_id      1 
_exptl_crystal_grow.details         ? 
_exptl_crystal_grow.method          'VAPOR DIFFUSION, SITTING DROP' 
_exptl_crystal_grow.method_ref      ? 
_exptl_crystal_grow.pH              ? 
_exptl_crystal_grow.pressure        ? 
_exptl_crystal_grow.pressure_esd    ? 
_exptl_crystal_grow.seeding         ? 
_exptl_crystal_grow.seeding_ref     ? 
_exptl_crystal_grow.temp_details    ? 
_exptl_crystal_grow.temp_esd        ? 
_exptl_crystal_grow.time            ? 
_exptl_crystal_grow.pdbx_details    
'0.125mM duplex oligonucleotide, 0.125mM actinomycin D, 0.125mM doxorubicin, 30mM LiCl, 3mM MnCl2, 25mM MES (pH 6.5), 3% PEG 400' 
_exptl_crystal_grow.pdbx_pH_range   ? 
_exptl_crystal_grow.temp            293 
# 
_diffrn.ambient_environment              ? 
_diffrn.ambient_temp                     100 
_diffrn.ambient_temp_details             ? 
_diffrn.ambient_temp_esd                 ? 
_diffrn.crystal_id                       1 
_diffrn.crystal_support                  ? 
_diffrn.crystal_treatment                ? 
_diffrn.details                          ? 
_diffrn.id                               1 
_diffrn.ambient_pressure                 ? 
_diffrn.ambient_pressure_esd             ? 
_diffrn.ambient_pressure_gt              ? 
_diffrn.ambient_pressure_lt              ? 
_diffrn.ambient_temp_gt                  ? 
_diffrn.ambient_temp_lt                  ? 
_diffrn.pdbx_serial_crystal_experiment   N 
# 
_diffrn_detector.details                      ? 
_diffrn_detector.detector                     CCD 
_diffrn_detector.diffrn_id                    1 
_diffrn_detector.type                         'RAYONIX MX300HE' 
_diffrn_detector.area_resol_mean              ? 
_diffrn_detector.dtime                        ? 
_diffrn_detector.pdbx_frames_total            ? 
_diffrn_detector.pdbx_collection_time_total   ? 
_diffrn_detector.pdbx_collection_date         2021-08-27 
_diffrn_detector.pdbx_frequency               ? 
_diffrn_detector.id                           ? 
_diffrn_detector.number_of_axes               ? 
# 
_diffrn_radiation.collimation                      ? 
_diffrn_radiation.diffrn_id                        1 
_diffrn_radiation.filter_edge                      ? 
_diffrn_radiation.inhomogeneity                    ? 
_diffrn_radiation.monochromator                    ? 
_diffrn_radiation.polarisn_norm                    ? 
_diffrn_radiation.polarisn_ratio                   ? 
_diffrn_radiation.probe                            ? 
_diffrn_radiation.type                             ? 
_diffrn_radiation.xray_symbol                      ? 
_diffrn_radiation.wavelength_id                    1 
_diffrn_radiation.pdbx_monochromatic_or_laue_m_l   M 
_diffrn_radiation.pdbx_wavelength_list             ? 
_diffrn_radiation.pdbx_wavelength                  ? 
_diffrn_radiation.pdbx_diffrn_protocol             'SINGLE WAVELENGTH' 
_diffrn_radiation.pdbx_analyzer                    ? 
_diffrn_radiation.pdbx_scattering_type             x-ray 
# 
_diffrn_radiation_wavelength.id           1 
_diffrn_radiation_wavelength.wavelength   1.0000 
_diffrn_radiation_wavelength.wt           1.0 
# 
_diffrn_source.current                     ? 
_diffrn_source.details                     ? 
_diffrn_source.diffrn_id                   1 
_diffrn_source.power                       ? 
_diffrn_source.size                        ? 
_diffrn_source.source                      SYNCHROTRON 
_diffrn_source.target                      ? 
_diffrn_source.type                        'NSRRC BEAMLINE BL15A1' 
_diffrn_source.voltage                     ? 
_diffrn_source.take-off_angle              ? 
_diffrn_source.pdbx_wavelength_list        1.0000 
_diffrn_source.pdbx_wavelength             ? 
_diffrn_source.pdbx_synchrotron_beamline   BL15A1 
_diffrn_source.pdbx_synchrotron_site       NSRRC 
# 
_reflns.B_iso_Wilson_estimate                          ? 
_reflns.entry_id                                       9JL7 
_reflns.data_reduction_details                         ? 
_reflns.data_reduction_method                          ? 
_reflns.d_resolution_high                              1.52 
_reflns.d_resolution_low                               30.00 
_reflns.details                                        ? 
_reflns.limit_h_max                                    ? 
_reflns.limit_h_min                                    ? 
_reflns.limit_k_max                                    ? 
_reflns.limit_k_min                                    ? 
_reflns.limit_l_max                                    ? 
_reflns.limit_l_min                                    ? 
_reflns.number_all                                     ? 
_reflns.number_obs                                     7813 
_reflns.observed_criterion                             ? 
_reflns.observed_criterion_F_max                       ? 
_reflns.observed_criterion_F_min                       ? 
_reflns.observed_criterion_I_max                       ? 
_reflns.observed_criterion_I_min                       ? 
_reflns.observed_criterion_sigma_F                     ? 
_reflns.observed_criterion_sigma_I                     ? 
_reflns.percent_possible_obs                           99.7 
_reflns.R_free_details                                 ? 
_reflns.Rmerge_F_all                                   ? 
_reflns.Rmerge_F_obs                                   ? 
_reflns.Friedel_coverage                               ? 
_reflns.number_gt                                      ? 
_reflns.threshold_expression                           ? 
_reflns.pdbx_redundancy                                34.5 
_reflns.pdbx_netI_over_av_sigmaI                       ? 
_reflns.pdbx_netI_over_sigmaI                          11.8 
_reflns.pdbx_res_netI_over_av_sigmaI_2                 ? 
_reflns.pdbx_res_netI_over_sigmaI_2                    ? 
_reflns.pdbx_chi_squared                               ? 
_reflns.pdbx_scaling_rejects                           ? 
_reflns.pdbx_d_res_high_opt                            ? 
_reflns.pdbx_d_res_low_opt                             ? 
_reflns.pdbx_d_res_opt_method                          ? 
_reflns.phase_calculation_details                      ? 
_reflns.pdbx_Rrim_I_all                                ? 
_reflns.pdbx_Rpim_I_all                                ? 
_reflns.pdbx_d_opt                                     ? 
_reflns.pdbx_number_measured_all                       ? 
_reflns.pdbx_diffrn_id                                 1 
_reflns.pdbx_ordinal                                   1 
_reflns.pdbx_CC_half                                   ? 
_reflns.pdbx_CC_star                                   ? 
_reflns.pdbx_R_split                                   ? 
_reflns.pdbx_Rmerge_I_obs                              0.070 
_reflns.pdbx_Rmerge_I_all                              ? 
_reflns.pdbx_Rsym_value                                ? 
_reflns.pdbx_CC_split_method                           ? 
_reflns.pdbx_aniso_diffraction_limit_axis_1_ortho[1]   ? 
_reflns.pdbx_aniso_diffraction_limit_axis_1_ortho[2]   ? 
_reflns.pdbx_aniso_diffraction_limit_axis_1_ortho[3]   ? 
_reflns.pdbx_aniso_diffraction_limit_axis_2_ortho[1]   ? 
_reflns.pdbx_aniso_diffraction_limit_axis_2_ortho[2]   ? 
_reflns.pdbx_aniso_diffraction_limit_axis_2_ortho[3]   ? 
_reflns.pdbx_aniso_diffraction_limit_axis_3_ortho[1]   ? 
_reflns.pdbx_aniso_diffraction_limit_axis_3_ortho[2]   ? 
_reflns.pdbx_aniso_diffraction_limit_axis_3_ortho[3]   ? 
_reflns.pdbx_aniso_diffraction_limit_1                 ? 
_reflns.pdbx_aniso_diffraction_limit_2                 ? 
_reflns.pdbx_aniso_diffraction_limit_3                 ? 
_reflns.pdbx_aniso_B_tensor_eigenvector_1_ortho[1]     ? 
_reflns.pdbx_aniso_B_tensor_eigenvector_1_ortho[2]     ? 
_reflns.pdbx_aniso_B_tensor_eigenvector_1_ortho[3]     ? 
_reflns.pdbx_aniso_B_tensor_eigenvector_2_ortho[1]     ? 
_reflns.pdbx_aniso_B_tensor_eigenvector_2_ortho[2]     ? 
_reflns.pdbx_aniso_B_tensor_eigenvector_2_ortho[3]     ? 
_reflns.pdbx_aniso_B_tensor_eigenvector_3_ortho[1]     ? 
_reflns.pdbx_aniso_B_tensor_eigenvector_3_ortho[2]     ? 
_reflns.pdbx_aniso_B_tensor_eigenvector_3_ortho[3]     ? 
_reflns.pdbx_aniso_B_tensor_eigenvalue_1               ? 
_reflns.pdbx_aniso_B_tensor_eigenvalue_2               ? 
_reflns.pdbx_aniso_B_tensor_eigenvalue_3               ? 
_reflns.pdbx_orthogonalization_convention              ? 
_reflns.pdbx_percent_possible_ellipsoidal              ? 
_reflns.pdbx_percent_possible_spherical                ? 
_reflns.pdbx_percent_possible_ellipsoidal_anomalous    ? 
_reflns.pdbx_percent_possible_spherical_anomalous      ? 
_reflns.pdbx_redundancy_anomalous                      ? 
_reflns.pdbx_CC_half_anomalous                         ? 
_reflns.pdbx_absDiff_over_sigma_anomalous              ? 
_reflns.pdbx_percent_possible_anomalous                ? 
_reflns.pdbx_observed_signal_threshold                 ? 
_reflns.pdbx_signal_type                               ? 
_reflns.pdbx_signal_details                            ? 
_reflns.pdbx_signal_software_id                        ? 
# 
_reflns_shell.d_res_high                                    1.52 
_reflns_shell.d_res_low                                     1.57 
_reflns_shell.meanI_over_sigI_all                           ? 
_reflns_shell.meanI_over_sigI_obs                           ? 
_reflns_shell.number_measured_all                           ? 
_reflns_shell.number_measured_obs                           ? 
_reflns_shell.number_possible                               ? 
_reflns_shell.number_unique_all                             ? 
_reflns_shell.number_unique_obs                             729 
_reflns_shell.percent_possible_obs                          ? 
_reflns_shell.Rmerge_F_all                                  ? 
_reflns_shell.Rmerge_F_obs                                  ? 
_reflns_shell.meanI_over_sigI_gt                            ? 
_reflns_shell.meanI_over_uI_all                             ? 
_reflns_shell.meanI_over_uI_gt                              ? 
_reflns_shell.number_measured_gt                            ? 
_reflns_shell.number_unique_gt                              ? 
_reflns_shell.percent_possible_gt                           ? 
_reflns_shell.Rmerge_F_gt                                   ? 
_reflns_shell.Rmerge_I_gt                                   ? 
_reflns_shell.pdbx_redundancy                               38.8 
_reflns_shell.pdbx_chi_squared                              1.096 
_reflns_shell.pdbx_netI_over_sigmaI_all                     ? 
_reflns_shell.pdbx_netI_over_sigmaI_obs                     ? 
_reflns_shell.pdbx_Rrim_I_all                               0.455 
_reflns_shell.pdbx_Rpim_I_all                               0.072 
_reflns_shell.pdbx_rejects                                  ? 
_reflns_shell.pdbx_ordinal                                  1 
_reflns_shell.pdbx_diffrn_id                                1 
_reflns_shell.pdbx_CC_half                                  0.994 
_reflns_shell.pdbx_CC_star                                  0.998 
_reflns_shell.pdbx_R_split                                  ? 
_reflns_shell.percent_possible_all                          100.0 
_reflns_shell.Rmerge_I_all                                  ? 
_reflns_shell.Rmerge_I_obs                                  0.449 
_reflns_shell.pdbx_Rsym_value                               ? 
_reflns_shell.pdbx_percent_possible_ellipsoidal             ? 
_reflns_shell.pdbx_percent_possible_spherical               ? 
_reflns_shell.pdbx_percent_possible_ellipsoidal_anomalous   ? 
_reflns_shell.pdbx_percent_possible_spherical_anomalous     ? 
_reflns_shell.pdbx_redundancy_anomalous                     ? 
_reflns_shell.pdbx_CC_half_anomalous                        ? 
_reflns_shell.pdbx_absDiff_over_sigma_anomalous             ? 
_reflns_shell.pdbx_percent_possible_anomalous               ? 
# 
_refine.aniso_B[1][1]                            ? 
_refine.aniso_B[1][2]                            ? 
_refine.aniso_B[1][3]                            ? 
_refine.aniso_B[2][2]                            ? 
_refine.aniso_B[2][3]                            ? 
_refine.aniso_B[3][3]                            ? 
_refine.B_iso_max                                ? 
_refine.B_iso_mean                               ? 
_refine.B_iso_min                                ? 
_refine.correlation_coeff_Fo_to_Fc               ? 
_refine.correlation_coeff_Fo_to_Fc_free          ? 
_refine.details                                  ? 
_refine.diff_density_max                         ? 
_refine.diff_density_max_esd                     ? 
_refine.diff_density_min                         ? 
_refine.diff_density_min_esd                     ? 
_refine.diff_density_rms                         ? 
_refine.diff_density_rms_esd                     ? 
_refine.entry_id                                 9JL7 
_refine.pdbx_refine_id                           'X-RAY DIFFRACTION' 
_refine.ls_abs_structure_details                 ? 
_refine.ls_abs_structure_Flack                   ? 
_refine.ls_abs_structure_Flack_esd               ? 
_refine.ls_abs_structure_Rogers                  ? 
_refine.ls_abs_structure_Rogers_esd              ? 
_refine.ls_d_res_high                            1.52 
_refine.ls_d_res_low                             22.14 
_refine.ls_extinction_coef                       ? 
_refine.ls_extinction_coef_esd                   ? 
_refine.ls_extinction_expression                 ? 
_refine.ls_extinction_method                     ? 
_refine.ls_goodness_of_fit_all                   ? 
_refine.ls_goodness_of_fit_all_esd               ? 
_refine.ls_goodness_of_fit_obs                   ? 
_refine.ls_goodness_of_fit_obs_esd               ? 
_refine.ls_hydrogen_treatment                    ? 
_refine.ls_matrix_type                           ? 
_refine.ls_number_constraints                    ? 
_refine.ls_number_parameters                     ? 
_refine.ls_number_reflns_all                     ? 
_refine.ls_number_reflns_obs                     7709 
_refine.ls_number_reflns_R_free                  772 
_refine.ls_number_reflns_R_work                  ? 
_refine.ls_number_restraints                     ? 
_refine.ls_percent_reflns_obs                    99.77 
_refine.ls_percent_reflns_R_free                 10.01 
_refine.ls_R_factor_all                          ? 
_refine.ls_R_factor_obs                          0.2038 
_refine.ls_R_factor_R_free                       0.2131 
_refine.ls_R_factor_R_free_error                 ? 
_refine.ls_R_factor_R_free_error_details         ? 
_refine.ls_R_factor_R_work                       0.2025 
_refine.ls_R_Fsqd_factor_obs                     ? 
_refine.ls_R_I_factor_obs                        ? 
_refine.ls_redundancy_reflns_all                 ? 
_refine.ls_redundancy_reflns_obs                 ? 
_refine.ls_restrained_S_all                      ? 
_refine.ls_restrained_S_obs                      ? 
_refine.ls_shift_over_esd_max                    ? 
_refine.ls_shift_over_esd_mean                   ? 
_refine.ls_structure_factor_coef                 ? 
_refine.ls_weighting_details                     ? 
_refine.ls_weighting_scheme                      ? 
_refine.ls_wR_factor_all                         ? 
_refine.ls_wR_factor_obs                         ? 
_refine.ls_wR_factor_R_free                      ? 
_refine.ls_wR_factor_R_work                      ? 
_refine.occupancy_max                            ? 
_refine.occupancy_min                            ? 
_refine.solvent_model_details                    'FLAT BULK SOLVENT MODEL' 
_refine.solvent_model_param_bsol                 ? 
_refine.solvent_model_param_ksol                 ? 
_refine.pdbx_R_complete                          ? 
_refine.ls_R_factor_gt                           ? 
_refine.ls_goodness_of_fit_gt                    ? 
_refine.ls_goodness_of_fit_ref                   ? 
_refine.ls_shift_over_su_max                     ? 
_refine.ls_shift_over_su_max_lt                  ? 
_refine.ls_shift_over_su_mean                    ? 
_refine.ls_shift_over_su_mean_lt                 ? 
_refine.pdbx_ls_sigma_I                          ? 
_refine.pdbx_ls_sigma_F                          1.34 
_refine.pdbx_ls_sigma_Fsqd                       ? 
_refine.pdbx_data_cutoff_high_absF               ? 
_refine.pdbx_data_cutoff_high_rms_absF           ? 
_refine.pdbx_data_cutoff_low_absF                ? 
_refine.pdbx_isotropic_thermal_model             ? 
_refine.pdbx_ls_cross_valid_method               NONE 
_refine.pdbx_method_to_determine_struct          'MOLECULAR REPLACEMENT' 
_refine.pdbx_starting_model                      ? 
_refine.pdbx_stereochemistry_target_values       ML 
_refine.pdbx_R_Free_selection_details            ? 
_refine.pdbx_stereochem_target_val_spec_case     ? 
_refine.pdbx_overall_ESU_R                       ? 
_refine.pdbx_overall_ESU_R_Free                  ? 
_refine.pdbx_solvent_vdw_probe_radii             1.11 
_refine.pdbx_solvent_ion_probe_radii             ? 
_refine.pdbx_solvent_shrinkage_radii             0.90 
_refine.pdbx_real_space_R                        ? 
_refine.pdbx_density_correlation                 ? 
_refine.pdbx_pd_number_of_powder_patterns        ? 
_refine.pdbx_pd_number_of_points                 ? 
_refine.pdbx_pd_meas_number_of_points            ? 
_refine.pdbx_pd_proc_ls_prof_R_factor            ? 
_refine.pdbx_pd_proc_ls_prof_wR_factor           ? 
_refine.pdbx_pd_Marquardt_correlation_coeff      ? 
_refine.pdbx_pd_Fsqrd_R_factor                   ? 
_refine.pdbx_pd_ls_matrix_band_width             ? 
_refine.pdbx_overall_phase_error                 21.54 
_refine.pdbx_overall_SU_R_free_Cruickshank_DPI   ? 
_refine.pdbx_overall_SU_R_free_Blow_DPI          ? 
_refine.pdbx_overall_SU_R_Blow_DPI               ? 
_refine.pdbx_TLS_residual_ADP_flag               ? 
_refine.pdbx_diffrn_id                           1 
_refine.overall_SU_B                             ? 
_refine.overall_SU_ML                            0.11 
_refine.overall_SU_R_Cruickshank_DPI             ? 
_refine.overall_SU_R_free                        ? 
_refine.overall_FOM_free_R_set                   ? 
_refine.overall_FOM_work_R_set                   ? 
_refine.pdbx_average_fsc_overall                 ? 
_refine.pdbx_average_fsc_work                    ? 
_refine.pdbx_average_fsc_free                    ? 
# 
_refine_hist.pdbx_refine_id                   'X-RAY DIFFRACTION' 
_refine_hist.cycle_id                         LAST 
_refine_hist.details                          ? 
_refine_hist.d_res_high                       1.52 
_refine_hist.d_res_low                        22.14 
_refine_hist.number_atoms_solvent             90 
_refine_hist.number_atoms_total               469 
_refine_hist.number_reflns_all                ? 
_refine_hist.number_reflns_obs                ? 
_refine_hist.number_reflns_R_free             ? 
_refine_hist.number_reflns_R_work             ? 
_refine_hist.R_factor_all                     ? 
_refine_hist.R_factor_obs                     ? 
_refine_hist.R_factor_R_free                  ? 
_refine_hist.R_factor_R_work                  ? 
_refine_hist.pdbx_number_residues_total       ? 
_refine_hist.pdbx_B_iso_mean_ligand           ? 
_refine_hist.pdbx_B_iso_mean_solvent          ? 
_refine_hist.pdbx_number_atoms_protein        90 
_refine_hist.pdbx_number_atoms_nucleic_acid   246 
_refine_hist.pdbx_number_atoms_ligand         43 
_refine_hist.pdbx_number_atoms_lipid          ? 
_refine_hist.pdbx_number_atoms_carb           ? 
_refine_hist.pdbx_pseudo_atom_details         ? 
# 
loop_
_refine_ls_restr.pdbx_refine_id 
_refine_ls_restr.criterion 
_refine_ls_restr.dev_ideal 
_refine_ls_restr.dev_ideal_target 
_refine_ls_restr.number 
_refine_ls_restr.rejects 
_refine_ls_restr.type 
_refine_ls_restr.weight 
_refine_ls_restr.pdbx_restraint_function 
'X-RAY DIFFRACTION' ? 0.012  ? 409 ? f_bond_d           ? ? 
'X-RAY DIFFRACTION' ? 2.071  ? 617 ? f_angle_d          ? ? 
'X-RAY DIFFRACTION' ? 32.737 ? 142 ? f_dihedral_angle_d ? ? 
'X-RAY DIFFRACTION' ? 0.987  ? 66  ? f_chiral_restr     ? ? 
'X-RAY DIFFRACTION' ? 0.016  ? 30  ? f_plane_restr      ? ? 
# 
loop_
_refine_ls_shell.pdbx_refine_id 
_refine_ls_shell.d_res_high 
_refine_ls_shell.d_res_low 
_refine_ls_shell.number_reflns_all 
_refine_ls_shell.number_reflns_obs 
_refine_ls_shell.number_reflns_R_free 
_refine_ls_shell.number_reflns_R_work 
_refine_ls_shell.percent_reflns_obs 
_refine_ls_shell.percent_reflns_R_free 
_refine_ls_shell.R_factor_all 
_refine_ls_shell.R_factor_obs 
_refine_ls_shell.R_factor_R_free_error 
_refine_ls_shell.R_factor_R_work 
_refine_ls_shell.redundancy_reflns_all 
_refine_ls_shell.redundancy_reflns_obs 
_refine_ls_shell.wR_factor_all 
_refine_ls_shell.wR_factor_obs 
_refine_ls_shell.wR_factor_R_free 
_refine_ls_shell.wR_factor_R_work 
_refine_ls_shell.pdbx_R_complete 
_refine_ls_shell.pdbx_total_number_of_bins_used 
_refine_ls_shell.pdbx_phase_error 
_refine_ls_shell.pdbx_fsc_work 
_refine_ls_shell.pdbx_fsc_free 
_refine_ls_shell.R_factor_R_free 
'X-RAY DIFFRACTION' 1.52 1.62  . . 121 1091 100.00 . . . . 0.2182 . . . . . . . . . . . 0.2621 
'X-RAY DIFFRACTION' 1.62 1.74  . . 124 1107 100.00 . . . . 0.1905 . . . . . . . . . . . 0.2466 
'X-RAY DIFFRACTION' 1.74 1.91  . . 125 1126 100.00 . . . . 0.1916 . . . . . . . . . . . 0.2332 
'X-RAY DIFFRACTION' 1.92 2.19  . . 126 1131 100.00 . . . . 0.2111 . . . . . . . . . . . 0.2408 
'X-RAY DIFFRACTION' 2.19 2.76  . . 132 1189 100.00 . . . . 0.2255 . . . . . . . . . . . 0.2051 
'X-RAY DIFFRACTION' 2.76 22.14 . . 144 1293 99.00  . . . . 0.1922 . . . . . . . . . . . 0.1909 
# 
_struct.entry_id                     9JL7 
_struct.title                        'Crystal structure of Actinomycin D-Doxorubicin-d(AGCCGT)2 DNA ternary complex' 
_struct.pdbx_model_details           ? 
_struct.pdbx_formula_weight          ? 
_struct.pdbx_formula_weight_method   ? 
_struct.pdbx_model_type_details      ? 
_struct.pdbx_CASP_flag               N 
# 
_struct_keywords.entry_id        9JL7 
_struct_keywords.text            'Drug-DNA complex, Actinomycin D, Doxorubicin, DNA, DNA-ANTIBIOTIC complex' 
_struct_keywords.pdbx_keywords   DNA/ANTIBIOTIC 
# 
loop_
_struct_asym.id 
_struct_asym.pdbx_blank_PDB_chainid_flag 
_struct_asym.pdbx_modified 
_struct_asym.entity_id 
_struct_asym.details 
A N N 1 ? 
B N N 2 ? 
C N N 3 ? 
D N N 4 ? 
E N N 5 ? 
F N N 5 ? 
G N N 5 ? 
H N N 6 ? 
I N N 7 ? 
J N N 7 ? 
K N N 7 ? 
# 
loop_
_struct_ref.id 
_struct_ref.db_name 
_struct_ref.db_code 
_struct_ref.pdbx_db_accession 
_struct_ref.pdbx_db_isoform 
_struct_ref.entity_id 
_struct_ref.pdbx_seq_one_letter_code 
_struct_ref.pdbx_align_begin 
1 PDB 9JL7 9JL7     ? 1 ? 1 
2 PDB 9JL7 9JL7     ? 2 ? 1 
3 NOR 9JL7 NOR00228 ? 3 ? 1 
# 
loop_
_struct_ref_seq.align_id 
_struct_ref_seq.ref_id 
_struct_ref_seq.pdbx_PDB_id_code 
_struct_ref_seq.pdbx_strand_id 
_struct_ref_seq.seq_align_beg 
_struct_ref_seq.pdbx_seq_align_beg_ins_code 
_struct_ref_seq.seq_align_end 
_struct_ref_seq.pdbx_seq_align_end_ins_code 
_struct_ref_seq.pdbx_db_accession 
_struct_ref_seq.db_align_beg 
_struct_ref_seq.pdbx_db_align_beg_ins_code 
_struct_ref_seq.db_align_end 
_struct_ref_seq.pdbx_db_align_end_ins_code 
_struct_ref_seq.pdbx_auth_seq_align_beg 
_struct_ref_seq.pdbx_auth_seq_align_end 
1 1 9JL7 A 1 ? 6  ? 9JL7 1 ? 6  ? 1 6  
2 2 9JL7 B 1 ? 6  ? 9JL7 2 ? 7  ? 2 7  
3 3 9JL7 G 1 ? 11 ? 9JL7 1 ? 11 ? 1 11 
# 
_pdbx_struct_assembly.id                   1 
_pdbx_struct_assembly.details              author_defined_assembly 
_pdbx_struct_assembly.method_details       ? 
_pdbx_struct_assembly.oligomeric_details   trimeric 
_pdbx_struct_assembly.oligomeric_count     3 
# 
_pdbx_struct_assembly_gen.assembly_id       1 
_pdbx_struct_assembly_gen.oper_expression   1 
_pdbx_struct_assembly_gen.asym_id_list      A,B,C,D,E,F,G,H,I,J,K 
# 
_pdbx_struct_assembly_auth_evidence.id                     1 
_pdbx_struct_assembly_auth_evidence.assembly_id            1 
_pdbx_struct_assembly_auth_evidence.experimental_support   none 
_pdbx_struct_assembly_auth_evidence.details                ? 
# 
_pdbx_struct_oper_list.id                   1 
_pdbx_struct_oper_list.type                 'identity operation' 
_pdbx_struct_oper_list.name                 1_555 
_pdbx_struct_oper_list.symmetry_operation   x,y,z 
_pdbx_struct_oper_list.matrix[1][1]         1.0000000000 
_pdbx_struct_oper_list.matrix[1][2]         0.0000000000 
_pdbx_struct_oper_list.matrix[1][3]         0.0000000000 
_pdbx_struct_oper_list.vector[1]            0.0000000000 
_pdbx_struct_oper_list.matrix[2][1]         0.0000000000 
_pdbx_struct_oper_list.matrix[2][2]         1.0000000000 
_pdbx_struct_oper_list.matrix[2][3]         0.0000000000 
_pdbx_struct_oper_list.vector[2]            0.0000000000 
_pdbx_struct_oper_list.matrix[3][1]         0.0000000000 
_pdbx_struct_oper_list.matrix[3][2]         0.0000000000 
_pdbx_struct_oper_list.matrix[3][3]         1.0000000000 
_pdbx_struct_oper_list.vector[3]            0.0000000000 
# 
loop_
_struct_conn.id 
_struct_conn.conn_type_id 
_struct_conn.pdbx_leaving_atom_flag 
_struct_conn.pdbx_PDB_id 
_struct_conn.ptnr1_label_asym_id 
_struct_conn.ptnr1_label_comp_id 
_struct_conn.ptnr1_label_seq_id 
_struct_conn.ptnr1_label_atom_id 
_struct_conn.pdbx_ptnr1_label_alt_id 
_struct_conn.pdbx_ptnr1_PDB_ins_code 
_struct_conn.pdbx_ptnr1_standard_comp_id 
_struct_conn.ptnr1_symmetry 
_struct_conn.ptnr2_label_asym_id 
_struct_conn.ptnr2_label_comp_id 
_struct_conn.ptnr2_label_seq_id 
_struct_conn.ptnr2_label_atom_id 
_struct_conn.pdbx_ptnr2_label_alt_id 
_struct_conn.pdbx_ptnr2_PDB_ins_code 
_struct_conn.ptnr1_auth_asym_id 
_struct_conn.ptnr1_auth_comp_id 
_struct_conn.ptnr1_auth_seq_id 
_struct_conn.ptnr2_auth_asym_id 
_struct_conn.ptnr2_auth_comp_id 
_struct_conn.ptnr2_auth_seq_id 
_struct_conn.ptnr2_symmetry 
_struct_conn.pdbx_ptnr3_label_atom_id 
_struct_conn.pdbx_ptnr3_label_seq_id 
_struct_conn.pdbx_ptnr3_label_comp_id 
_struct_conn.pdbx_ptnr3_label_asym_id 
_struct_conn.pdbx_ptnr3_label_alt_id 
_struct_conn.pdbx_ptnr3_PDB_ins_code 
_struct_conn.details 
_struct_conn.pdbx_dist_value 
_struct_conn.pdbx_value_order 
_struct_conn.pdbx_role 
covale1  covale both ? C THR 1  C     ? ? ? 1_555 C DVA 2  N  ? ? G THR 1   G DVA 2   1_555 ? ? ? ? ? ? ?            1.317 ? ? 
covale2  covale one  ? C THR 1  OG1   ? ? ? 1_555 C MVA 5  C  ? ? G THR 1   G MVA 5   1_555 ? ? ? ? ? ? ?            1.368 ? ? 
covale3  covale both ? C THR 1  N     ? ? ? 1_555 C PXZ 6  C0 ? ? G THR 1   G PXZ 6   1_555 ? ? ? ? ? ? ?            1.425 ? ? 
covale4  covale both ? C DVA 2  C     ? ? ? 1_555 C PRO 3  N  ? ? G DVA 2   G PRO 3   1_555 ? ? ? ? ? ? ?            1.343 ? ? 
covale5  covale both ? C PRO 3  C     ? ? ? 1_555 C SAR 4  N  ? ? G PRO 3   G SAR 4   1_555 ? ? ? ? ? ? ?            1.326 ? ? 
covale6  covale both ? C SAR 4  C     ? ? ? 1_555 C MVA 5  N  ? ? G SAR 4   G MVA 5   1_555 ? ? ? ? ? ? ?            1.335 ? ? 
covale7  covale both ? C PXZ 6  "C0'" ? ? ? 1_555 C THR 7  N  ? ? G PXZ 6   G THR 7   1_555 ? ? ? ? ? ? ?            1.423 ? ? 
covale8  covale both ? C THR 7  C     ? ? ? 1_555 C DVA 8  N  ? ? G THR 7   G DVA 8   1_555 ? ? ? ? ? ? ?            1.317 ? ? 
covale9  covale one  ? C THR 7  OG1   ? ? ? 1_555 C MVA 11 C  ? ? G THR 7   G MVA 11  1_555 ? ? ? ? ? ? ?            1.360 ? ? 
covale10 covale both ? C DVA 8  C     ? ? ? 1_555 C PRO 9  N  ? ? G DVA 8   G PRO 9   1_555 ? ? ? ? ? ? ?            1.352 ? ? 
covale11 covale both ? C PRO 9  C     ? ? ? 1_555 C SAR 10 N  ? ? G PRO 9   G SAR 10  1_555 ? ? ? ? ? ? ?            1.331 ? ? 
covale12 covale both ? C SAR 10 C     ? ? ? 1_555 C MVA 11 N  ? ? G SAR 10  G MVA 11  1_555 ? ? ? ? ? ? ?            1.324 ? ? 
metalc1  metalc ?    ? A DG  5  N7    ? ? ? 1_555 F MN  .  MN ? ? A DG  5   A MN  103 1_555 ? ? ? ? ? ? ?            2.431 ? ? 
metalc2  metalc ?    ? E MN  .  MN    ? ? ? 1_555 I HOH .  O  ? ? A MN  102 A HOH 206 1_555 ? ? ? ? ? ? ?            2.320 ? ? 
metalc3  metalc ?    ? E MN  .  MN    ? ? ? 1_555 I HOH .  O  ? ? A MN  102 A HOH 208 1_555 ? ? ? ? ? ? ?            2.074 ? ? 
metalc4  metalc ?    ? E MN  .  MN    ? ? ? 1_555 I HOH .  O  ? ? A MN  102 A HOH 216 1_555 ? ? ? ? ? ? ?            1.928 ? ? 
metalc5  metalc ?    ? E MN  .  MN    ? ? ? 1_555 I HOH .  O  ? ? A MN  102 A HOH 240 1_555 ? ? ? ? ? ? ?            2.180 ? ? 
metalc6  metalc ?    ? E MN  .  MN    ? ? ? 1_555 I HOH .  O  ? ? A MN  102 A HOH 241 1_555 ? ? ? ? ? ? ?            2.133 ? ? 
metalc7  metalc ?    ? E MN  .  MN    ? ? ? 1_555 I HOH .  O  ? ? A MN  102 A HOH 242 1_555 ? ? ? ? ? ? ?            2.256 ? ? 
metalc8  metalc ?    ? F MN  .  MN    ? ? ? 1_555 I HOH .  O  ? ? A MN  103 A HOH 210 1_555 ? ? ? ? ? ? ?            2.281 ? ? 
metalc9  metalc ?    ? F MN  .  MN    ? ? ? 1_555 I HOH .  O  ? ? A MN  103 A HOH 212 1_555 ? ? ? ? ? ? ?            2.256 ? ? 
metalc10 metalc ?    ? F MN  .  MN    ? ? ? 1_555 I HOH .  O  ? ? A MN  103 A HOH 213 1_555 ? ? ? ? ? ? ?            2.335 ? ? 
metalc11 metalc ?    ? F MN  .  MN    ? ? ? 1_555 I HOH .  O  ? ? A MN  103 A HOH 222 1_555 ? ? ? ? ? ? ?            2.167 ? ? 
metalc12 metalc ?    ? F MN  .  MN    ? ? ? 1_555 I HOH .  O  ? ? A MN  103 A HOH 235 1_555 ? ? ? ? ? ? ?            2.219 ? ? 
metalc13 metalc ?    ? I HOH .  O     ? ? ? 1_555 G MN  .  MN ? ? A HOH 219 B MN  101 1_555 ? ? ? ? ? ? ?            2.141 ? ? 
metalc14 metalc ?    ? B DG  3  N7    ? ? ? 1_555 G MN  .  MN ? ? B DG  4   B MN  101 1_555 ? ? ? ? ? ? ?            2.297 ? ? 
metalc15 metalc ?    ? G MN  .  MN    ? ? ? 1_555 J HOH .  O  ? ? B MN  101 B HOH 202 1_555 ? ? ? ? ? ? ?            2.070 ? ? 
metalc16 metalc ?    ? G MN  .  MN    ? ? ? 1_555 J HOH .  O  ? ? B MN  101 B HOH 217 1_555 ? ? ? ? ? ? ?            2.378 ? ? 
metalc17 metalc ?    ? G MN  .  MN    ? ? ? 1_555 J HOH .  O  ? ? B MN  101 B HOH 220 1_555 ? ? ? ? ? ? ?            2.191 ? ? 
metalc18 metalc ?    ? G MN  .  MN    ? ? ? 1_555 J HOH .  O  ? ? B MN  101 B HOH 228 1_555 ? ? ? ? ? ? ?            2.102 ? ? 
hydrog1  hydrog ?    ? A DA  1  N1    ? ? ? 1_555 B DT  6  N3 ? ? A DA  1   B DT  7   1_555 ? ? ? ? ? ? WATSON-CRICK ?     ? ? 
hydrog2  hydrog ?    ? A DA  1  N6    ? ? ? 1_555 B DT  6  O4 ? ? A DA  1   B DT  7   1_555 ? ? ? ? ? ? WATSON-CRICK ?     ? ? 
hydrog3  hydrog ?    ? A DG  2  N1    ? ? ? 1_555 B DC  5  N3 ? ? A DG  2   B DC  6   1_555 ? ? ? ? ? ? WATSON-CRICK ?     ? ? 
hydrog4  hydrog ?    ? A DG  2  N2    ? ? ? 1_555 B DC  5  O2 ? ? A DG  2   B DC  6   1_555 ? ? ? ? ? ? WATSON-CRICK ?     ? ? 
hydrog5  hydrog ?    ? A DG  2  O6    ? ? ? 1_555 B DC  5  N4 ? ? A DG  2   B DC  6   1_555 ? ? ? ? ? ? WATSON-CRICK ?     ? ? 
hydrog6  hydrog ?    ? A DC  3  N3    ? ? ? 1_555 B DG  4  N1 ? ? A DC  3   B DG  5   1_555 ? ? ? ? ? ? WATSON-CRICK ?     ? ? 
hydrog7  hydrog ?    ? A DC  3  N4    ? ? ? 1_555 B DG  4  O6 ? ? A DC  3   B DG  5   1_555 ? ? ? ? ? ? WATSON-CRICK ?     ? ? 
hydrog8  hydrog ?    ? A DC  3  O2    ? ? ? 1_555 B DG  4  N2 ? ? A DC  3   B DG  5   1_555 ? ? ? ? ? ? WATSON-CRICK ?     ? ? 
hydrog9  hydrog ?    ? A DC  4  N3    ? ? ? 1_555 B DG  3  N1 ? ? A DC  4   B DG  4   1_555 ? ? ? ? ? ? WATSON-CRICK ?     ? ? 
hydrog10 hydrog ?    ? A DC  4  N4    ? ? ? 1_555 B DG  3  O6 ? ? A DC  4   B DG  4   1_555 ? ? ? ? ? ? WATSON-CRICK ?     ? ? 
hydrog11 hydrog ?    ? A DC  4  O2    ? ? ? 1_555 B DG  3  N2 ? ? A DC  4   B DG  4   1_555 ? ? ? ? ? ? WATSON-CRICK ?     ? ? 
hydrog12 hydrog ?    ? A DG  5  N1    ? ? ? 1_555 B DC  2  N3 ? ? A DG  5   B DC  3   1_555 ? ? ? ? ? ? WATSON-CRICK ?     ? ? 
hydrog13 hydrog ?    ? A DG  5  N2    ? ? ? 1_555 B DC  2  O2 ? ? A DG  5   B DC  3   1_555 ? ? ? ? ? ? WATSON-CRICK ?     ? ? 
hydrog14 hydrog ?    ? A DG  5  O6    ? ? ? 1_555 B DC  2  N4 ? ? A DG  5   B DC  3   1_555 ? ? ? ? ? ? WATSON-CRICK ?     ? ? 
hydrog15 hydrog ?    ? A DT  6  N3    ? ? ? 1_555 B DA  1  N1 ? ? A DT  6   B DA  2   1_555 ? ? ? ? ? ? WATSON-CRICK ?     ? ? 
hydrog16 hydrog ?    ? A DT  6  O4    ? ? ? 1_555 B DA  1  N6 ? ? A DT  6   B DA  2   1_555 ? ? ? ? ? ? WATSON-CRICK ?     ? ? 
# 
loop_
_struct_conn_type.id 
_struct_conn_type.criteria 
_struct_conn_type.reference 
covale ? ? 
metalc ? ? 
hydrog ? ? 
# 
loop_
_pdbx_struct_conn_angle.id 
_pdbx_struct_conn_angle.ptnr1_label_atom_id 
_pdbx_struct_conn_angle.ptnr1_label_alt_id 
_pdbx_struct_conn_angle.ptnr1_label_asym_id 
_pdbx_struct_conn_angle.ptnr1_label_comp_id 
_pdbx_struct_conn_angle.ptnr1_label_seq_id 
_pdbx_struct_conn_angle.ptnr1_auth_atom_id 
_pdbx_struct_conn_angle.ptnr1_auth_asym_id 
_pdbx_struct_conn_angle.ptnr1_auth_comp_id 
_pdbx_struct_conn_angle.ptnr1_auth_seq_id 
_pdbx_struct_conn_angle.ptnr1_PDB_ins_code 
_pdbx_struct_conn_angle.ptnr1_symmetry 
_pdbx_struct_conn_angle.ptnr2_label_atom_id 
_pdbx_struct_conn_angle.ptnr2_label_alt_id 
_pdbx_struct_conn_angle.ptnr2_label_asym_id 
_pdbx_struct_conn_angle.ptnr2_label_comp_id 
_pdbx_struct_conn_angle.ptnr2_label_seq_id 
_pdbx_struct_conn_angle.ptnr2_auth_atom_id 
_pdbx_struct_conn_angle.ptnr2_auth_asym_id 
_pdbx_struct_conn_angle.ptnr2_auth_comp_id 
_pdbx_struct_conn_angle.ptnr2_auth_seq_id 
_pdbx_struct_conn_angle.ptnr2_PDB_ins_code 
_pdbx_struct_conn_angle.ptnr2_symmetry 
_pdbx_struct_conn_angle.ptnr3_label_atom_id 
_pdbx_struct_conn_angle.ptnr3_label_alt_id 
_pdbx_struct_conn_angle.ptnr3_label_asym_id 
_pdbx_struct_conn_angle.ptnr3_label_comp_id 
_pdbx_struct_conn_angle.ptnr3_label_seq_id 
_pdbx_struct_conn_angle.ptnr3_auth_atom_id 
_pdbx_struct_conn_angle.ptnr3_auth_asym_id 
_pdbx_struct_conn_angle.ptnr3_auth_comp_id 
_pdbx_struct_conn_angle.ptnr3_auth_seq_id 
_pdbx_struct_conn_angle.ptnr3_PDB_ins_code 
_pdbx_struct_conn_angle.ptnr3_symmetry 
_pdbx_struct_conn_angle.value 
_pdbx_struct_conn_angle.value_esd 
1  N7 ? A DG  5 ? A DG  5   ? 1_555 MN ? F MN . ? A MN 103 ? 1_555 O  ? I HOH . ? A HOH 210 ? 1_555 101.2 ? 
2  N7 ? A DG  5 ? A DG  5   ? 1_555 MN ? F MN . ? A MN 103 ? 1_555 O  ? I HOH . ? A HOH 212 ? 1_555 71.8  ? 
3  O  ? I HOH . ? A HOH 210 ? 1_555 MN ? F MN . ? A MN 103 ? 1_555 O  ? I HOH . ? A HOH 212 ? 1_555 169.7 ? 
4  N7 ? A DG  5 ? A DG  5   ? 1_555 MN ? F MN . ? A MN 103 ? 1_555 O  ? I HOH . ? A HOH 213 ? 1_555 94.2  ? 
5  O  ? I HOH . ? A HOH 210 ? 1_555 MN ? F MN . ? A MN 103 ? 1_555 O  ? I HOH . ? A HOH 213 ? 1_555 87.2  ? 
6  O  ? I HOH . ? A HOH 212 ? 1_555 MN ? F MN . ? A MN 103 ? 1_555 O  ? I HOH . ? A HOH 213 ? 1_555 85.7  ? 
7  N7 ? A DG  5 ? A DG  5   ? 1_555 MN ? F MN . ? A MN 103 ? 1_555 O  ? I HOH . ? A HOH 222 ? 1_555 83.0  ? 
8  O  ? I HOH . ? A HOH 210 ? 1_555 MN ? F MN . ? A MN 103 ? 1_555 O  ? I HOH . ? A HOH 222 ? 1_555 99.7  ? 
9  O  ? I HOH . ? A HOH 212 ? 1_555 MN ? F MN . ? A MN 103 ? 1_555 O  ? I HOH . ? A HOH 222 ? 1_555 87.2  ? 
10 O  ? I HOH . ? A HOH 213 ? 1_555 MN ? F MN . ? A MN 103 ? 1_555 O  ? I HOH . ? A HOH 222 ? 1_555 172.9 ? 
11 N7 ? A DG  5 ? A DG  5   ? 1_555 MN ? F MN . ? A MN 103 ? 1_555 O  ? I HOH . ? A HOH 235 ? 1_555 175.0 ? 
12 O  ? I HOH . ? A HOH 210 ? 1_555 MN ? F MN . ? A MN 103 ? 1_555 O  ? I HOH . ? A HOH 235 ? 1_555 83.5  ? 
13 O  ? I HOH . ? A HOH 212 ? 1_555 MN ? F MN . ? A MN 103 ? 1_555 O  ? I HOH . ? A HOH 235 ? 1_555 103.3 ? 
14 O  ? I HOH . ? A HOH 213 ? 1_555 MN ? F MN . ? A MN 103 ? 1_555 O  ? I HOH . ? A HOH 235 ? 1_555 84.5  ? 
15 O  ? I HOH . ? A HOH 222 ? 1_555 MN ? F MN . ? A MN 103 ? 1_555 O  ? I HOH . ? A HOH 235 ? 1_555 97.7  ? 
16 O  ? I HOH . ? A HOH 206 ? 1_555 MN ? E MN . ? A MN 102 ? 1_555 O  ? I HOH . ? A HOH 208 ? 1_555 89.2  ? 
17 O  ? I HOH . ? A HOH 206 ? 1_555 MN ? E MN . ? A MN 102 ? 1_555 O  ? I HOH . ? A HOH 216 ? 1_555 85.6  ? 
18 O  ? I HOH . ? A HOH 208 ? 1_555 MN ? E MN . ? A MN 102 ? 1_555 O  ? I HOH . ? A HOH 216 ? 1_555 94.2  ? 
19 O  ? I HOH . ? A HOH 206 ? 1_555 MN ? E MN . ? A MN 102 ? 1_555 O  ? I HOH . ? A HOH 240 ? 1_555 81.7  ? 
20 O  ? I HOH . ? A HOH 208 ? 1_555 MN ? E MN . ? A MN 102 ? 1_555 O  ? I HOH . ? A HOH 240 ? 1_555 167.7 ? 
21 O  ? I HOH . ? A HOH 216 ? 1_555 MN ? E MN . ? A MN 102 ? 1_555 O  ? I HOH . ? A HOH 240 ? 1_555 93.4  ? 
22 O  ? I HOH . ? A HOH 206 ? 1_555 MN ? E MN . ? A MN 102 ? 1_555 O  ? I HOH . ? A HOH 241 ? 1_555 103.2 ? 
23 O  ? I HOH . ? A HOH 208 ? 1_555 MN ? E MN . ? A MN 102 ? 1_555 O  ? I HOH . ? A HOH 241 ? 1_555 81.4  ? 
24 O  ? I HOH . ? A HOH 216 ? 1_555 MN ? E MN . ? A MN 102 ? 1_555 O  ? I HOH . ? A HOH 241 ? 1_555 170.0 ? 
25 O  ? I HOH . ? A HOH 240 ? 1_555 MN ? E MN . ? A MN 102 ? 1_555 O  ? I HOH . ? A HOH 241 ? 1_555 92.5  ? 
26 O  ? I HOH . ? A HOH 206 ? 1_555 MN ? E MN . ? A MN 102 ? 1_555 O  ? I HOH . ? A HOH 242 ? 1_555 171.8 ? 
27 O  ? I HOH . ? A HOH 208 ? 1_555 MN ? E MN . ? A MN 102 ? 1_555 O  ? I HOH . ? A HOH 242 ? 1_555 98.9  ? 
28 O  ? I HOH . ? A HOH 216 ? 1_555 MN ? E MN . ? A MN 102 ? 1_555 O  ? I HOH . ? A HOH 242 ? 1_555 92.6  ? 
29 O  ? I HOH . ? A HOH 240 ? 1_555 MN ? E MN . ? A MN 102 ? 1_555 O  ? I HOH . ? A HOH 242 ? 1_555 90.5  ? 
30 O  ? I HOH . ? A HOH 241 ? 1_555 MN ? E MN . ? A MN 102 ? 1_555 O  ? I HOH . ? A HOH 242 ? 1_555 79.4  ? 
31 O  ? I HOH . ? A HOH 219 ? 1_555 MN ? G MN . ? B MN 101 ? 1_555 N7 ? B DG  3 ? B DG  4   ? 1_555 83.0  ? 
32 O  ? I HOH . ? A HOH 219 ? 1_555 MN ? G MN . ? B MN 101 ? 1_555 O  ? J HOH . ? B HOH 202 ? 1_555 88.9  ? 
33 N7 ? B DG  3 ? B DG  4   ? 1_555 MN ? G MN . ? B MN 101 ? 1_555 O  ? J HOH . ? B HOH 202 ? 1_555 90.3  ? 
34 O  ? I HOH . ? A HOH 219 ? 1_555 MN ? G MN . ? B MN 101 ? 1_555 O  ? J HOH . ? B HOH 217 ? 1_555 167.5 ? 
35 N7 ? B DG  3 ? B DG  4   ? 1_555 MN ? G MN . ? B MN 101 ? 1_555 O  ? J HOH . ? B HOH 217 ? 1_555 89.6  ? 
36 O  ? J HOH . ? B HOH 202 ? 1_555 MN ? G MN . ? B MN 101 ? 1_555 O  ? J HOH . ? B HOH 217 ? 1_555 81.0  ? 
37 O  ? I HOH . ? A HOH 219 ? 1_555 MN ? G MN . ? B MN 101 ? 1_555 O  ? J HOH . ? B HOH 220 ? 1_555 106.5 ? 
38 N7 ? B DG  3 ? B DG  4   ? 1_555 MN ? G MN . ? B MN 101 ? 1_555 O  ? J HOH . ? B HOH 220 ? 1_555 87.5  ? 
39 O  ? J HOH . ? B HOH 202 ? 1_555 MN ? G MN . ? B MN 101 ? 1_555 O  ? J HOH . ? B HOH 220 ? 1_555 164.0 ? 
40 O  ? J HOH . ? B HOH 217 ? 1_555 MN ? G MN . ? B MN 101 ? 1_555 O  ? J HOH . ? B HOH 220 ? 1_555 83.2  ? 
41 O  ? I HOH . ? A HOH 219 ? 1_555 MN ? G MN . ? B MN 101 ? 1_555 O  ? J HOH . ? B HOH 228 ? 1_555 97.8  ? 
42 N7 ? B DG  3 ? B DG  4   ? 1_555 MN ? G MN . ? B MN 101 ? 1_555 O  ? J HOH . ? B HOH 228 ? 1_555 178.4 ? 
43 O  ? J HOH . ? B HOH 202 ? 1_555 MN ? G MN . ? B MN 101 ? 1_555 O  ? J HOH . ? B HOH 228 ? 1_555 91.1  ? 
44 O  ? J HOH . ? B HOH 217 ? 1_555 MN ? G MN . ? B MN 101 ? 1_555 O  ? J HOH . ? B HOH 228 ? 1_555 89.8  ? 
45 O  ? J HOH . ? B HOH 220 ? 1_555 MN ? G MN . ? B MN 101 ? 1_555 O  ? J HOH . ? B HOH 228 ? 1_555 90.9  ? 
# 
loop_
_pdbx_modification_feature.ordinal 
_pdbx_modification_feature.label_comp_id 
_pdbx_modification_feature.label_asym_id 
_pdbx_modification_feature.label_seq_id 
_pdbx_modification_feature.label_alt_id 
_pdbx_modification_feature.modified_residue_label_comp_id 
_pdbx_modification_feature.modified_residue_label_asym_id 
_pdbx_modification_feature.modified_residue_label_seq_id 
_pdbx_modification_feature.modified_residue_label_alt_id 
_pdbx_modification_feature.auth_comp_id 
_pdbx_modification_feature.auth_asym_id 
_pdbx_modification_feature.auth_seq_id 
_pdbx_modification_feature.PDB_ins_code 
_pdbx_modification_feature.symmetry 
_pdbx_modification_feature.modified_residue_auth_comp_id 
_pdbx_modification_feature.modified_residue_auth_asym_id 
_pdbx_modification_feature.modified_residue_auth_seq_id 
_pdbx_modification_feature.modified_residue_PDB_ins_code 
_pdbx_modification_feature.modified_residue_symmetry 
_pdbx_modification_feature.comp_id_linking_atom 
_pdbx_modification_feature.modified_residue_id_linking_atom 
_pdbx_modification_feature.modified_residue_id 
_pdbx_modification_feature.ref_pcm_id 
_pdbx_modification_feature.ref_comp_id 
_pdbx_modification_feature.type 
_pdbx_modification_feature.category 
1 SAR C 4  ? .   . .  . SAR G 4  ? 1_555 .   . .  . .     .   .  GLY 1 SAR Methylation 'Named protein modification' 
2 MVA C 5  ? .   . .  . MVA G 5  ? 1_555 .   . .  . .     .   .  VAL 1 MVA Methylation 'Named protein modification' 
3 SAR C 10 ? .   . .  . SAR G 10 ? 1_555 .   . .  . .     .   .  GLY 1 SAR Methylation 'Named protein modification' 
4 MVA C 11 ? .   . .  . MVA G 11 ? 1_555 .   . .  . .     .   .  VAL 1 MVA Methylation 'Named protein modification' 
5 PXZ C 6  ? .   . .  . PXZ G 6  ? 1_555 .   . .  . .     .   .  ?   1 PXZ None        'Non-standard residue'       
6 THR C 1  ? MVA C 5  ? THR G 1  ? 1_555 MVA G 5  ? 1_555 OG1 C  .   . .   None        'Non-standard linkage'       
7 THR C 1  ? PXZ C 6  ? THR G 1  ? 1_555 PXZ G 6  ? 1_555 N   C0 .   . .   None        'Non-standard linkage'       
8 THR C 7  ? MVA C 11 ? THR G 7  ? 1_555 MVA G 11 ? 1_555 OG1 C  .   . .   None        'Non-standard linkage'       
# 
loop_
_struct_mon_prot_cis.pdbx_id 
_struct_mon_prot_cis.label_comp_id 
_struct_mon_prot_cis.label_seq_id 
_struct_mon_prot_cis.label_asym_id 
_struct_mon_prot_cis.label_alt_id 
_struct_mon_prot_cis.pdbx_PDB_ins_code 
_struct_mon_prot_cis.auth_comp_id 
_struct_mon_prot_cis.auth_seq_id 
_struct_mon_prot_cis.auth_asym_id 
_struct_mon_prot_cis.pdbx_label_comp_id_2 
_struct_mon_prot_cis.pdbx_label_seq_id_2 
_struct_mon_prot_cis.pdbx_label_asym_id_2 
_struct_mon_prot_cis.pdbx_PDB_ins_code_2 
_struct_mon_prot_cis.pdbx_auth_comp_id_2 
_struct_mon_prot_cis.pdbx_auth_seq_id_2 
_struct_mon_prot_cis.pdbx_auth_asym_id_2 
_struct_mon_prot_cis.pdbx_PDB_model_num 
_struct_mon_prot_cis.pdbx_omega_angle 
1 DVA 2 C . ? DVA 2 G PRO 3  C ? PRO 3  G 1 13.35 
2 PRO 3 C . ? PRO 3 G SAR 4  C ? SAR 4  G 1 -4.44 
3 DVA 8 C . ? DVA 8 G PRO 9  C ? PRO 9  G 1 14.84 
4 PRO 9 C . ? PRO 9 G SAR 10 C ? SAR 10 G 1 -8.89 
# 
_pdbx_entry_details.entry_id                   9JL7 
_pdbx_entry_details.has_ligand_of_interest     Y 
_pdbx_entry_details.compound_details           
;ACTINOMYCIN D IS A BICYCLIC PEPTIDE, A MEMBER OF THE
ACTINOMYCIN FAMILY.
HERE, ACTINOMYCIN D IS REPRESENTED BY THE SEQUENCE (SEQRES)
;
_pdbx_entry_details.source_details             ? 
_pdbx_entry_details.nonpolymer_details         ? 
_pdbx_entry_details.sequence_details           ? 
_pdbx_entry_details.has_protein_modification   Y 
# 
_pdbx_validate_close_contact.id               1 
_pdbx_validate_close_contact.PDB_model_num    1 
_pdbx_validate_close_contact.auth_atom_id_1   OG1 
_pdbx_validate_close_contact.auth_asym_id_1   G 
_pdbx_validate_close_contact.auth_comp_id_1   THR 
_pdbx_validate_close_contact.auth_seq_id_1    1 
_pdbx_validate_close_contact.PDB_ins_code_1   ? 
_pdbx_validate_close_contact.label_alt_id_1   ? 
_pdbx_validate_close_contact.auth_atom_id_2   O 
_pdbx_validate_close_contact.auth_asym_id_2   G 
_pdbx_validate_close_contact.auth_comp_id_2   MVA 
_pdbx_validate_close_contact.auth_seq_id_2    5 
_pdbx_validate_close_contact.PDB_ins_code_2   ? 
_pdbx_validate_close_contact.label_alt_id_2   ? 
_pdbx_validate_close_contact.dist             2.18 
# 
_pdbx_validate_rmsd_angle.id                         1 
_pdbx_validate_rmsd_angle.PDB_model_num              1 
_pdbx_validate_rmsd_angle.auth_atom_id_1             "O4'" 
_pdbx_validate_rmsd_angle.auth_asym_id_1             A 
_pdbx_validate_rmsd_angle.auth_comp_id_1             DG 
_pdbx_validate_rmsd_angle.auth_seq_id_1              5 
_pdbx_validate_rmsd_angle.PDB_ins_code_1             ? 
_pdbx_validate_rmsd_angle.label_alt_id_1             ? 
_pdbx_validate_rmsd_angle.auth_atom_id_2             "C1'" 
_pdbx_validate_rmsd_angle.auth_asym_id_2             A 
_pdbx_validate_rmsd_angle.auth_comp_id_2             DG 
_pdbx_validate_rmsd_angle.auth_seq_id_2              5 
_pdbx_validate_rmsd_angle.PDB_ins_code_2             ? 
_pdbx_validate_rmsd_angle.label_alt_id_2             ? 
_pdbx_validate_rmsd_angle.auth_atom_id_3             N9 
_pdbx_validate_rmsd_angle.auth_asym_id_3             A 
_pdbx_validate_rmsd_angle.auth_comp_id_3             DG 
_pdbx_validate_rmsd_angle.auth_seq_id_3              5 
_pdbx_validate_rmsd_angle.PDB_ins_code_3             ? 
_pdbx_validate_rmsd_angle.label_alt_id_3             ? 
_pdbx_validate_rmsd_angle.angle_value                110.64 
_pdbx_validate_rmsd_angle.angle_target_value         108.30 
_pdbx_validate_rmsd_angle.angle_deviation            2.34 
_pdbx_validate_rmsd_angle.angle_standard_deviation   0.30 
_pdbx_validate_rmsd_angle.linker_flag                N 
# 
_pdbx_molecule_features.prd_id    PRD_000001 
_pdbx_molecule_features.name      'Actinomycin D' 
_pdbx_molecule_features.type      Polypeptide 
_pdbx_molecule_features.class     Antibiotic 
_pdbx_molecule_features.details   
;ACTINOMYCIN D CONSISTS OF TWO PENTAMER
RINGS LINKED BY THE CHROMOPHORE (PXZ)
;
# 
_pdbx_molecule.instance_id   1 
_pdbx_molecule.prd_id        PRD_000001 
_pdbx_molecule.asym_id       C 
# 
loop_
_pdbx_struct_special_symmetry.id 
_pdbx_struct_special_symmetry.PDB_model_num 
_pdbx_struct_special_symmetry.auth_asym_id 
_pdbx_struct_special_symmetry.auth_comp_id 
_pdbx_struct_special_symmetry.auth_seq_id 
_pdbx_struct_special_symmetry.PDB_ins_code 
_pdbx_struct_special_symmetry.label_asym_id 
_pdbx_struct_special_symmetry.label_comp_id 
_pdbx_struct_special_symmetry.label_seq_id 
1 1 B CL  102 ? H CL  . 
2 1 B HOH 210 ? J HOH . 
3 1 B HOH 219 ? J HOH . 
4 1 G HOH 113 ? K HOH . 
# 
loop_
_pdbx_distant_solvent_atoms.id 
_pdbx_distant_solvent_atoms.PDB_model_num 
_pdbx_distant_solvent_atoms.auth_atom_id 
_pdbx_distant_solvent_atoms.label_alt_id 
_pdbx_distant_solvent_atoms.auth_asym_id 
_pdbx_distant_solvent_atoms.auth_comp_id 
_pdbx_distant_solvent_atoms.auth_seq_id 
_pdbx_distant_solvent_atoms.PDB_ins_code 
_pdbx_distant_solvent_atoms.neighbor_macromolecule_distance 
_pdbx_distant_solvent_atoms.neighbor_ligand_distance 
1 1 O ? A HOH 244 ? 6.34 . 
2 1 O ? B HOH 233 ? 6.14 . 
# 
loop_
_chem_comp_atom.comp_id 
_chem_comp_atom.atom_id 
_chem_comp_atom.type_symbol 
_chem_comp_atom.pdbx_aromatic_flag 
_chem_comp_atom.pdbx_stereo_config 
_chem_comp_atom.pdbx_ordinal 
CL  CL     CL N N 1   
DA  OP3    O  N N 2   
DA  P      P  N N 3   
DA  OP1    O  N N 4   
DA  OP2    O  N N 5   
DA  "O5'"  O  N N 6   
DA  "C5'"  C  N N 7   
DA  "C4'"  C  N R 8   
DA  "O4'"  O  N N 9   
DA  "C3'"  C  N S 10  
DA  "O3'"  O  N N 11  
DA  "C2'"  C  N N 12  
DA  "C1'"  C  N R 13  
DA  N9     N  Y N 14  
DA  C8     C  Y N 15  
DA  N7     N  Y N 16  
DA  C5     C  Y N 17  
DA  C6     C  Y N 18  
DA  N6     N  N N 19  
DA  N1     N  Y N 20  
DA  C2     C  Y N 21  
DA  N3     N  Y N 22  
DA  C4     C  Y N 23  
DA  HOP3   H  N N 24  
DA  HOP2   H  N N 25  
DA  "H5'"  H  N N 26  
DA  "H5''" H  N N 27  
DA  "H4'"  H  N N 28  
DA  "H3'"  H  N N 29  
DA  "HO3'" H  N N 30  
DA  "H2'"  H  N N 31  
DA  "H2''" H  N N 32  
DA  "H1'"  H  N N 33  
DA  H8     H  N N 34  
DA  H61    H  N N 35  
DA  H62    H  N N 36  
DA  H2     H  N N 37  
DC  OP3    O  N N 38  
DC  P      P  N N 39  
DC  OP1    O  N N 40  
DC  OP2    O  N N 41  
DC  "O5'"  O  N N 42  
DC  "C5'"  C  N N 43  
DC  "C4'"  C  N R 44  
DC  "O4'"  O  N N 45  
DC  "C3'"  C  N S 46  
DC  "O3'"  O  N N 47  
DC  "C2'"  C  N N 48  
DC  "C1'"  C  N R 49  
DC  N1     N  N N 50  
DC  C2     C  N N 51  
DC  O2     O  N N 52  
DC  N3     N  N N 53  
DC  C4     C  N N 54  
DC  N4     N  N N 55  
DC  C5     C  N N 56  
DC  C6     C  N N 57  
DC  HOP3   H  N N 58  
DC  HOP2   H  N N 59  
DC  "H5'"  H  N N 60  
DC  "H5''" H  N N 61  
DC  "H4'"  H  N N 62  
DC  "H3'"  H  N N 63  
DC  "HO3'" H  N N 64  
DC  "H2'"  H  N N 65  
DC  "H2''" H  N N 66  
DC  "H1'"  H  N N 67  
DC  H41    H  N N 68  
DC  H42    H  N N 69  
DC  H5     H  N N 70  
DC  H6     H  N N 71  
DG  OP3    O  N N 72  
DG  P      P  N N 73  
DG  OP1    O  N N 74  
DG  OP2    O  N N 75  
DG  "O5'"  O  N N 76  
DG  "C5'"  C  N N 77  
DG  "C4'"  C  N R 78  
DG  "O4'"  O  N N 79  
DG  "C3'"  C  N S 80  
DG  "O3'"  O  N N 81  
DG  "C2'"  C  N N 82  
DG  "C1'"  C  N R 83  
DG  N9     N  Y N 84  
DG  C8     C  Y N 85  
DG  N7     N  Y N 86  
DG  C5     C  Y N 87  
DG  C6     C  N N 88  
DG  O6     O  N N 89  
DG  N1     N  N N 90  
DG  C2     C  N N 91  
DG  N2     N  N N 92  
DG  N3     N  N N 93  
DG  C4     C  Y N 94  
DG  HOP3   H  N N 95  
DG  HOP2   H  N N 96  
DG  "H5'"  H  N N 97  
DG  "H5''" H  N N 98  
DG  "H4'"  H  N N 99  
DG  "H3'"  H  N N 100 
DG  "HO3'" H  N N 101 
DG  "H2'"  H  N N 102 
DG  "H2''" H  N N 103 
DG  "H1'"  H  N N 104 
DG  H8     H  N N 105 
DG  H1     H  N N 106 
DG  H21    H  N N 107 
DG  H22    H  N N 108 
DM2 C1     C  Y N 109 
DM2 C2     C  Y N 110 
DM2 C3     C  Y N 111 
DM2 C4     C  Y N 112 
DM2 O4     O  N N 113 
DM2 C5     C  Y N 114 
DM2 C6     C  N N 115 
DM2 O6     O  N N 116 
DM2 C7     C  Y N 117 
DM2 C8     C  Y N 118 
DM2 O8     O  N N 119 
DM2 C9     C  Y N 120 
DM2 C10    C  N S 121 
DM2 O10    O  N N 122 
DM2 C11    C  N N 123 
DM2 C12    C  N S 124 
DM2 O12    O  N N 125 
DM2 C13    C  N N 126 
DM2 O13    O  N N 127 
DM2 C14    C  N N 128 
DM2 O14    O  N N 129 
DM2 C15    C  N N 130 
DM2 C16    C  Y N 131 
DM2 C17    C  Y N 132 
DM2 O17    O  N N 133 
DM2 C18    C  Y N 134 
DM2 C19    C  N N 135 
DM2 O19    O  N N 136 
DM2 C20    C  Y N 137 
DM2 C21    C  N N 138 
DM2 "C1'"  C  N R 139 
DM2 "C2'"  C  N N 140 
DM2 "C3'"  C  N S 141 
DM2 "N3'"  N  N N 142 
DM2 "C4'"  C  N S 143 
DM2 "O4'"  O  N N 144 
DM2 "C5'"  C  N S 145 
DM2 "O5'"  O  N N 146 
DM2 "C6'"  C  N N 147 
DM2 H1     H  N N 148 
DM2 H2     H  N N 149 
DM2 H3     H  N N 150 
DM2 HO8    H  N N 151 
DM2 H10    H  N N 152 
DM2 H111   H  N N 153 
DM2 H112   H  N N 154 
DM2 HO12   H  N N 155 
DM2 H141   H  N N 156 
DM2 H142   H  N N 157 
DM2 HO14   H  N N 158 
DM2 H151   H  N N 159 
DM2 H152   H  N N 160 
DM2 HO17   H  N N 161 
DM2 H211   H  N N 162 
DM2 H212   H  N N 163 
DM2 H213   H  N N 164 
DM2 "H1'"  H  N N 165 
DM2 "H2'1" H  N N 166 
DM2 "H2'2" H  N N 167 
DM2 "H3'"  H  N N 168 
DM2 "HN'1" H  N N 169 
DM2 "HN'2" H  N N 170 
DM2 "H4'"  H  N N 171 
DM2 "HO4'" H  N N 172 
DM2 "H5'"  H  N N 173 
DM2 "H6'1" H  N N 174 
DM2 "H6'2" H  N N 175 
DM2 "H6'3" H  N N 176 
DT  OP3    O  N N 177 
DT  P      P  N N 178 
DT  OP1    O  N N 179 
DT  OP2    O  N N 180 
DT  "O5'"  O  N N 181 
DT  "C5'"  C  N N 182 
DT  "C4'"  C  N R 183 
DT  "O4'"  O  N N 184 
DT  "C3'"  C  N S 185 
DT  "O3'"  O  N N 186 
DT  "C2'"  C  N N 187 
DT  "C1'"  C  N R 188 
DT  N1     N  N N 189 
DT  C2     C  N N 190 
DT  O2     O  N N 191 
DT  N3     N  N N 192 
DT  C4     C  N N 193 
DT  O4     O  N N 194 
DT  C5     C  N N 195 
DT  C7     C  N N 196 
DT  C6     C  N N 197 
DT  HOP3   H  N N 198 
DT  HOP2   H  N N 199 
DT  "H5'"  H  N N 200 
DT  "H5''" H  N N 201 
DT  "H4'"  H  N N 202 
DT  "H3'"  H  N N 203 
DT  "HO3'" H  N N 204 
DT  "H2'"  H  N N 205 
DT  "H2''" H  N N 206 
DT  "H1'"  H  N N 207 
DT  H3     H  N N 208 
DT  H71    H  N N 209 
DT  H72    H  N N 210 
DT  H73    H  N N 211 
DT  H6     H  N N 212 
DVA N      N  N N 213 
DVA CA     C  N R 214 
DVA CB     C  N N 215 
DVA CG1    C  N N 216 
DVA CG2    C  N N 217 
DVA C      C  N N 218 
DVA O      O  N N 219 
DVA OXT    O  N N 220 
DVA H      H  N N 221 
DVA H2     H  N N 222 
DVA HA     H  N N 223 
DVA HB     H  N N 224 
DVA HG11   H  N N 225 
DVA HG12   H  N N 226 
DVA HG13   H  N N 227 
DVA HG21   H  N N 228 
DVA HG22   H  N N 229 
DVA HG23   H  N N 230 
DVA HXT    H  N N 231 
HOH O      O  N N 232 
HOH H1     H  N N 233 
HOH H2     H  N N 234 
MN  MN     MN N N 235 
MVA N      N  N N 236 
MVA CN     C  N N 237 
MVA CA     C  N S 238 
MVA CB     C  N N 239 
MVA CG1    C  N N 240 
MVA CG2    C  N N 241 
MVA C      C  N N 242 
MVA O      O  N N 243 
MVA OXT    O  N N 244 
MVA H      H  N N 245 
MVA HN1    H  N N 246 
MVA HN2    H  N N 247 
MVA HN3    H  N N 248 
MVA HA     H  N N 249 
MVA HB     H  N N 250 
MVA HG11   H  N N 251 
MVA HG12   H  N N 252 
MVA HG13   H  N N 253 
MVA HG21   H  N N 254 
MVA HG22   H  N N 255 
MVA HG23   H  N N 256 
MVA HXT    H  N N 257 
PRO N      N  N N 258 
PRO CA     C  N S 259 
PRO C      C  N N 260 
PRO O      O  N N 261 
PRO CB     C  N N 262 
PRO CG     C  N N 263 
PRO CD     C  N N 264 
PRO OXT    O  N N 265 
PRO H      H  N N 266 
PRO HA     H  N N 267 
PRO HB2    H  N N 268 
PRO HB3    H  N N 269 
PRO HG2    H  N N 270 
PRO HG3    H  N N 271 
PRO HD2    H  N N 272 
PRO HD3    H  N N 273 
PRO HXT    H  N N 274 
PXZ C1     C  N N 275 
PXZ C0     C  N N 276 
PXZ O1     O  N N 277 
PXZ C2     C  N N 278 
PXZ N2     N  N N 279 
PXZ C3     C  N N 280 
PXZ O3     O  N N 281 
PXZ C4     C  N N 282 
PXZ O5     O  N N 283 
PXZ C6     C  Y N 284 
PXZ C7     C  Y N 285 
PXZ C8     C  Y N 286 
PXZ C9     C  Y N 287 
PXZ "C0'"  C  N N 288 
PXZ "O1'"  O  N N 289 
PXZ N10    N  N N 290 
PXZ C11    C  N N 291 
PXZ C12    C  N N 292 
PXZ C13    C  Y N 293 
PXZ C14    C  Y N 294 
PXZ C15    C  N N 295 
PXZ C16    C  N N 296 
PXZ HN21   H  N N 297 
PXZ HN22   H  N N 298 
PXZ H7     H  N N 299 
PXZ H8     H  N N 300 
PXZ H151   H  N N 301 
PXZ H152   H  N N 302 
PXZ H153   H  N N 303 
PXZ H161   H  N N 304 
PXZ H162   H  N N 305 
PXZ H163   H  N N 306 
PXZ "OXT'" O  N N 307 
PXZ OXT    O  N N 308 
PXZ "HXT'" H  N N 309 
PXZ HXT    H  N N 310 
SAR N      N  N N 311 
SAR CA     C  N N 312 
SAR C      C  N N 313 
SAR O      O  N N 314 
SAR CN     C  N N 315 
SAR OXT    O  N N 316 
SAR H      H  N N 317 
SAR HA2    H  N N 318 
SAR HA3    H  N N 319 
SAR HN1    H  N N 320 
SAR HN2    H  N N 321 
SAR HN3    H  N N 322 
SAR HXT    H  N N 323 
THR N      N  N N 324 
THR CA     C  N S 325 
THR C      C  N N 326 
THR O      O  N N 327 
THR CB     C  N R 328 
THR OG1    O  N N 329 
THR CG2    C  N N 330 
THR OXT    O  N N 331 
THR H      H  N N 332 
THR H2     H  N N 333 
THR HA     H  N N 334 
THR HB     H  N N 335 
THR HG1    H  N N 336 
THR HG21   H  N N 337 
THR HG22   H  N N 338 
THR HG23   H  N N 339 
THR HXT    H  N N 340 
# 
loop_
_chem_comp_bond.comp_id 
_chem_comp_bond.atom_id_1 
_chem_comp_bond.atom_id_2 
_chem_comp_bond.value_order 
_chem_comp_bond.pdbx_aromatic_flag 
_chem_comp_bond.pdbx_stereo_config 
_chem_comp_bond.pdbx_ordinal 
DA  OP3    P      sing N N 1   
DA  OP3    HOP3   sing N N 2   
DA  P      OP1    doub N N 3   
DA  P      OP2    sing N N 4   
DA  P      "O5'"  sing N N 5   
DA  OP2    HOP2   sing N N 6   
DA  "O5'"  "C5'"  sing N N 7   
DA  "C5'"  "C4'"  sing N N 8   
DA  "C5'"  "H5'"  sing N N 9   
DA  "C5'"  "H5''" sing N N 10  
DA  "C4'"  "O4'"  sing N N 11  
DA  "C4'"  "C3'"  sing N N 12  
DA  "C4'"  "H4'"  sing N N 13  
DA  "O4'"  "C1'"  sing N N 14  
DA  "C3'"  "O3'"  sing N N 15  
DA  "C3'"  "C2'"  sing N N 16  
DA  "C3'"  "H3'"  sing N N 17  
DA  "O3'"  "HO3'" sing N N 18  
DA  "C2'"  "C1'"  sing N N 19  
DA  "C2'"  "H2'"  sing N N 20  
DA  "C2'"  "H2''" sing N N 21  
DA  "C1'"  N9     sing N N 22  
DA  "C1'"  "H1'"  sing N N 23  
DA  N9     C8     sing Y N 24  
DA  N9     C4     sing Y N 25  
DA  C8     N7     doub Y N 26  
DA  C8     H8     sing N N 27  
DA  N7     C5     sing Y N 28  
DA  C5     C6     sing Y N 29  
DA  C5     C4     doub Y N 30  
DA  C6     N6     sing N N 31  
DA  C6     N1     doub Y N 32  
DA  N6     H61    sing N N 33  
DA  N6     H62    sing N N 34  
DA  N1     C2     sing Y N 35  
DA  C2     N3     doub Y N 36  
DA  C2     H2     sing N N 37  
DA  N3     C4     sing Y N 38  
DC  OP3    P      sing N N 39  
DC  OP3    HOP3   sing N N 40  
DC  P      OP1    doub N N 41  
DC  P      OP2    sing N N 42  
DC  P      "O5'"  sing N N 43  
DC  OP2    HOP2   sing N N 44  
DC  "O5'"  "C5'"  sing N N 45  
DC  "C5'"  "C4'"  sing N N 46  
DC  "C5'"  "H5'"  sing N N 47  
DC  "C5'"  "H5''" sing N N 48  
DC  "C4'"  "O4'"  sing N N 49  
DC  "C4'"  "C3'"  sing N N 50  
DC  "C4'"  "H4'"  sing N N 51  
DC  "O4'"  "C1'"  sing N N 52  
DC  "C3'"  "O3'"  sing N N 53  
DC  "C3'"  "C2'"  sing N N 54  
DC  "C3'"  "H3'"  sing N N 55  
DC  "O3'"  "HO3'" sing N N 56  
DC  "C2'"  "C1'"  sing N N 57  
DC  "C2'"  "H2'"  sing N N 58  
DC  "C2'"  "H2''" sing N N 59  
DC  "C1'"  N1     sing N N 60  
DC  "C1'"  "H1'"  sing N N 61  
DC  N1     C2     sing N N 62  
DC  N1     C6     sing N N 63  
DC  C2     O2     doub N N 64  
DC  C2     N3     sing N N 65  
DC  N3     C4     doub N N 66  
DC  C4     N4     sing N N 67  
DC  C4     C5     sing N N 68  
DC  N4     H41    sing N N 69  
DC  N4     H42    sing N N 70  
DC  C5     C6     doub N N 71  
DC  C5     H5     sing N N 72  
DC  C6     H6     sing N N 73  
DG  OP3    P      sing N N 74  
DG  OP3    HOP3   sing N N 75  
DG  P      OP1    doub N N 76  
DG  P      OP2    sing N N 77  
DG  P      "O5'"  sing N N 78  
DG  OP2    HOP2   sing N N 79  
DG  "O5'"  "C5'"  sing N N 80  
DG  "C5'"  "C4'"  sing N N 81  
DG  "C5'"  "H5'"  sing N N 82  
DG  "C5'"  "H5''" sing N N 83  
DG  "C4'"  "O4'"  sing N N 84  
DG  "C4'"  "C3'"  sing N N 85  
DG  "C4'"  "H4'"  sing N N 86  
DG  "O4'"  "C1'"  sing N N 87  
DG  "C3'"  "O3'"  sing N N 88  
DG  "C3'"  "C2'"  sing N N 89  
DG  "C3'"  "H3'"  sing N N 90  
DG  "O3'"  "HO3'" sing N N 91  
DG  "C2'"  "C1'"  sing N N 92  
DG  "C2'"  "H2'"  sing N N 93  
DG  "C2'"  "H2''" sing N N 94  
DG  "C1'"  N9     sing N N 95  
DG  "C1'"  "H1'"  sing N N 96  
DG  N9     C8     sing Y N 97  
DG  N9     C4     sing Y N 98  
DG  C8     N7     doub Y N 99  
DG  C8     H8     sing N N 100 
DG  N7     C5     sing Y N 101 
DG  C5     C6     sing N N 102 
DG  C5     C4     doub Y N 103 
DG  C6     O6     doub N N 104 
DG  C6     N1     sing N N 105 
DG  N1     C2     sing N N 106 
DG  N1     H1     sing N N 107 
DG  C2     N2     sing N N 108 
DG  C2     N3     doub N N 109 
DG  N2     H21    sing N N 110 
DG  N2     H22    sing N N 111 
DG  N3     C4     sing N N 112 
DM2 C1     C2     doub Y N 113 
DM2 C1     C20    sing Y N 114 
DM2 C1     H1     sing N N 115 
DM2 C2     C3     sing Y N 116 
DM2 C2     H2     sing N N 117 
DM2 C3     C4     doub Y N 118 
DM2 C3     H3     sing N N 119 
DM2 C4     O4     sing N N 120 
DM2 C4     C5     sing Y N 121 
DM2 O4     C21    sing N N 122 
DM2 C5     C6     sing N N 123 
DM2 C5     C20    doub Y N 124 
DM2 C6     O6     doub N N 125 
DM2 C6     C7     sing N N 126 
DM2 C7     C8     doub Y N 127 
DM2 C7     C18    sing Y N 128 
DM2 C8     O8     sing N N 129 
DM2 C8     C9     sing Y N 130 
DM2 O8     HO8    sing N N 131 
DM2 C9     C10    sing N N 132 
DM2 C9     C16    doub Y N 133 
DM2 C10    O10    sing N N 134 
DM2 C10    C11    sing N N 135 
DM2 C10    H10    sing N N 136 
DM2 O10    "C1'"  sing N N 137 
DM2 C11    C12    sing N N 138 
DM2 C11    H111   sing N N 139 
DM2 C11    H112   sing N N 140 
DM2 C12    O12    sing N N 141 
DM2 C12    C13    sing N N 142 
DM2 C12    C15    sing N N 143 
DM2 O12    HO12   sing N N 144 
DM2 C13    O13    doub N N 145 
DM2 C13    C14    sing N N 146 
DM2 C14    O14    sing N N 147 
DM2 C14    H141   sing N N 148 
DM2 C14    H142   sing N N 149 
DM2 O14    HO14   sing N N 150 
DM2 C15    C16    sing N N 151 
DM2 C15    H151   sing N N 152 
DM2 C15    H152   sing N N 153 
DM2 C16    C17    sing Y N 154 
DM2 C17    O17    sing N N 155 
DM2 C17    C18    doub Y N 156 
DM2 O17    HO17   sing N N 157 
DM2 C18    C19    sing N N 158 
DM2 C19    O19    doub N N 159 
DM2 C19    C20    sing N N 160 
DM2 C21    H211   sing N N 161 
DM2 C21    H212   sing N N 162 
DM2 C21    H213   sing N N 163 
DM2 "C1'"  "C2'"  sing N N 164 
DM2 "C1'"  "O5'"  sing N N 165 
DM2 "C1'"  "H1'"  sing N N 166 
DM2 "C2'"  "C3'"  sing N N 167 
DM2 "C2'"  "H2'1" sing N N 168 
DM2 "C2'"  "H2'2" sing N N 169 
DM2 "C3'"  "N3'"  sing N N 170 
DM2 "C3'"  "C4'"  sing N N 171 
DM2 "C3'"  "H3'"  sing N N 172 
DM2 "N3'"  "HN'1" sing N N 173 
DM2 "N3'"  "HN'2" sing N N 174 
DM2 "C4'"  "O4'"  sing N N 175 
DM2 "C4'"  "C5'"  sing N N 176 
DM2 "C4'"  "H4'"  sing N N 177 
DM2 "O4'"  "HO4'" sing N N 178 
DM2 "C5'"  "O5'"  sing N N 179 
DM2 "C5'"  "C6'"  sing N N 180 
DM2 "C5'"  "H5'"  sing N N 181 
DM2 "C6'"  "H6'1" sing N N 182 
DM2 "C6'"  "H6'2" sing N N 183 
DM2 "C6'"  "H6'3" sing N N 184 
DT  OP3    P      sing N N 185 
DT  OP3    HOP3   sing N N 186 
DT  P      OP1    doub N N 187 
DT  P      OP2    sing N N 188 
DT  P      "O5'"  sing N N 189 
DT  OP2    HOP2   sing N N 190 
DT  "O5'"  "C5'"  sing N N 191 
DT  "C5'"  "C4'"  sing N N 192 
DT  "C5'"  "H5'"  sing N N 193 
DT  "C5'"  "H5''" sing N N 194 
DT  "C4'"  "O4'"  sing N N 195 
DT  "C4'"  "C3'"  sing N N 196 
DT  "C4'"  "H4'"  sing N N 197 
DT  "O4'"  "C1'"  sing N N 198 
DT  "C3'"  "O3'"  sing N N 199 
DT  "C3'"  "C2'"  sing N N 200 
DT  "C3'"  "H3'"  sing N N 201 
DT  "O3'"  "HO3'" sing N N 202 
DT  "C2'"  "C1'"  sing N N 203 
DT  "C2'"  "H2'"  sing N N 204 
DT  "C2'"  "H2''" sing N N 205 
DT  "C1'"  N1     sing N N 206 
DT  "C1'"  "H1'"  sing N N 207 
DT  N1     C2     sing N N 208 
DT  N1     C6     sing N N 209 
DT  C2     O2     doub N N 210 
DT  C2     N3     sing N N 211 
DT  N3     C4     sing N N 212 
DT  N3     H3     sing N N 213 
DT  C4     O4     doub N N 214 
DT  C4     C5     sing N N 215 
DT  C5     C7     sing N N 216 
DT  C5     C6     doub N N 217 
DT  C7     H71    sing N N 218 
DT  C7     H72    sing N N 219 
DT  C7     H73    sing N N 220 
DT  C6     H6     sing N N 221 
DVA N      CA     sing N N 222 
DVA N      H      sing N N 223 
DVA N      H2     sing N N 224 
DVA CA     CB     sing N N 225 
DVA CA     C      sing N N 226 
DVA CA     HA     sing N N 227 
DVA CB     CG1    sing N N 228 
DVA CB     CG2    sing N N 229 
DVA CB     HB     sing N N 230 
DVA CG1    HG11   sing N N 231 
DVA CG1    HG12   sing N N 232 
DVA CG1    HG13   sing N N 233 
DVA CG2    HG21   sing N N 234 
DVA CG2    HG22   sing N N 235 
DVA CG2    HG23   sing N N 236 
DVA C      O      doub N N 237 
DVA C      OXT    sing N N 238 
DVA OXT    HXT    sing N N 239 
HOH O      H1     sing N N 240 
HOH O      H2     sing N N 241 
MVA N      CN     sing N N 242 
MVA N      CA     sing N N 243 
MVA N      H      sing N N 244 
MVA CN     HN1    sing N N 245 
MVA CN     HN2    sing N N 246 
MVA CN     HN3    sing N N 247 
MVA CA     CB     sing N N 248 
MVA CA     C      sing N N 249 
MVA CA     HA     sing N N 250 
MVA CB     CG1    sing N N 251 
MVA CB     CG2    sing N N 252 
MVA CB     HB     sing N N 253 
MVA CG1    HG11   sing N N 254 
MVA CG1    HG12   sing N N 255 
MVA CG1    HG13   sing N N 256 
MVA CG2    HG21   sing N N 257 
MVA CG2    HG22   sing N N 258 
MVA CG2    HG23   sing N N 259 
MVA C      O      doub N N 260 
MVA C      OXT    sing N N 261 
MVA OXT    HXT    sing N N 262 
PRO N      CA     sing N N 263 
PRO N      CD     sing N N 264 
PRO N      H      sing N N 265 
PRO CA     C      sing N N 266 
PRO CA     CB     sing N N 267 
PRO CA     HA     sing N N 268 
PRO C      O      doub N N 269 
PRO C      OXT    sing N N 270 
PRO CB     CG     sing N N 271 
PRO CB     HB2    sing N N 272 
PRO CB     HB3    sing N N 273 
PRO CG     CD     sing N N 274 
PRO CG     HG2    sing N N 275 
PRO CG     HG3    sing N N 276 
PRO CD     HD2    sing N N 277 
PRO CD     HD3    sing N N 278 
PRO OXT    HXT    sing N N 279 
PXZ C1     C0     sing N N 280 
PXZ C1     C2     doub N N 281 
PXZ C1     C11    sing N N 282 
PXZ C0     O1     doub N N 283 
PXZ C2     N2     sing N N 284 
PXZ C2     C3     sing N N 285 
PXZ N2     HN21   sing N N 286 
PXZ N2     HN22   sing N N 287 
PXZ C3     O3     doub N N 288 
PXZ C3     C4     sing N N 289 
PXZ C4     C12    doub N N 290 
PXZ C4     C15    sing N N 291 
PXZ O5     C12    sing N N 292 
PXZ O5     C13    sing N N 293 
PXZ C6     C7     doub Y N 294 
PXZ C6     C13    sing Y N 295 
PXZ C6     C16    sing N N 296 
PXZ C7     C8     sing Y N 297 
PXZ C7     H7     sing N N 298 
PXZ C8     C9     doub Y N 299 
PXZ C8     H8     sing N N 300 
PXZ C9     "C0'"  sing N N 301 
PXZ C9     C14    sing Y N 302 
PXZ "C0'"  "O1'"  doub N N 303 
PXZ N10    C11    doub N N 304 
PXZ N10    C14    sing N N 305 
PXZ C11    C12    sing N N 306 
PXZ C13    C14    doub Y N 307 
PXZ C15    H151   sing N N 308 
PXZ C15    H152   sing N N 309 
PXZ C15    H153   sing N N 310 
PXZ C16    H161   sing N N 311 
PXZ C16    H162   sing N N 312 
PXZ C16    H163   sing N N 313 
PXZ "C0'"  "OXT'" sing N N 314 
PXZ C0     OXT    sing N N 315 
PXZ "OXT'" "HXT'" sing N N 316 
PXZ OXT    HXT    sing N N 317 
SAR N      CA     sing N N 318 
SAR N      CN     sing N N 319 
SAR N      H      sing N N 320 
SAR CA     C      sing N N 321 
SAR CA     HA2    sing N N 322 
SAR CA     HA3    sing N N 323 
SAR C      O      doub N N 324 
SAR C      OXT    sing N N 325 
SAR CN     HN1    sing N N 326 
SAR CN     HN2    sing N N 327 
SAR CN     HN3    sing N N 328 
SAR OXT    HXT    sing N N 329 
THR N      CA     sing N N 330 
THR N      H      sing N N 331 
THR N      H2     sing N N 332 
THR CA     C      sing N N 333 
THR CA     CB     sing N N 334 
THR CA     HA     sing N N 335 
THR C      O      doub N N 336 
THR C      OXT    sing N N 337 
THR CB     OG1    sing N N 338 
THR CB     CG2    sing N N 339 
THR CB     HB     sing N N 340 
THR OG1    HG1    sing N N 341 
THR CG2    HG21   sing N N 342 
THR CG2    HG22   sing N N 343 
THR CG2    HG23   sing N N 344 
THR OXT    HXT    sing N N 345 
# 
_ndb_struct_conf_na.entry_id   9JL7 
_ndb_struct_conf_na.feature    'b-form double helix' 
# 
loop_
_ndb_struct_na_base_pair.model_number 
_ndb_struct_na_base_pair.i_label_asym_id 
_ndb_struct_na_base_pair.i_label_comp_id 
_ndb_struct_na_base_pair.i_label_seq_id 
_ndb_struct_na_base_pair.i_symmetry 
_ndb_struct_na_base_pair.j_label_asym_id 
_ndb_struct_na_base_pair.j_label_comp_id 
_ndb_struct_na_base_pair.j_label_seq_id 
_ndb_struct_na_base_pair.j_symmetry 
_ndb_struct_na_base_pair.shear 
_ndb_struct_na_base_pair.stretch 
_ndb_struct_na_base_pair.stagger 
_ndb_struct_na_base_pair.buckle 
_ndb_struct_na_base_pair.propeller 
_ndb_struct_na_base_pair.opening 
_ndb_struct_na_base_pair.pair_number 
_ndb_struct_na_base_pair.pair_name 
_ndb_struct_na_base_pair.i_auth_asym_id 
_ndb_struct_na_base_pair.i_auth_seq_id 
_ndb_struct_na_base_pair.i_PDB_ins_code 
_ndb_struct_na_base_pair.j_auth_asym_id 
_ndb_struct_na_base_pair.j_auth_seq_id 
_ndb_struct_na_base_pair.j_PDB_ins_code 
_ndb_struct_na_base_pair.hbond_type_28 
_ndb_struct_na_base_pair.hbond_type_12 
1 A DA 1 1_555 B DT 6 1_555 0.110  -0.124 -0.030 -2.861  -7.507 4.148  1 A_DA1:DT7_B A 1 ? B 7 ? 20 1 
1 A DG 2 1_555 B DC 5 1_555 -0.376 -0.106 0.644  13.704  8.279  2.461  2 A_DG2:DC6_B A 2 ? B 6 ? 19 1 
1 A DC 3 1_555 B DG 4 1_555 0.355  -0.180 0.314  -2.058  6.289  -0.261 3 A_DC3:DG5_B A 3 ? B 5 ? 19 1 
1 A DC 4 1_555 B DG 3 1_555 0.117  -0.099 -0.101 13.576  -2.751 1.775  4 A_DC4:DG4_B A 4 ? B 4 ? 19 1 
1 A DG 5 1_555 B DC 2 1_555 -0.187 -0.063 -0.271 -12.281 5.257  2.108  5 A_DG5:DC3_B A 5 ? B 3 ? 19 1 
1 A DT 6 1_555 B DA 1 1_555 -0.171 -0.122 0.144  3.729   -4.166 1.549  6 A_DT6:DA2_B A 6 ? B 2 ? 20 1 
# 
loop_
_ndb_struct_na_base_pair_step.model_number 
_ndb_struct_na_base_pair_step.i_label_asym_id_1 
_ndb_struct_na_base_pair_step.i_label_comp_id_1 
_ndb_struct_na_base_pair_step.i_label_seq_id_1 
_ndb_struct_na_base_pair_step.i_symmetry_1 
_ndb_struct_na_base_pair_step.j_label_asym_id_1 
_ndb_struct_na_base_pair_step.j_label_comp_id_1 
_ndb_struct_na_base_pair_step.j_label_seq_id_1 
_ndb_struct_na_base_pair_step.j_symmetry_1 
_ndb_struct_na_base_pair_step.i_label_asym_id_2 
_ndb_struct_na_base_pair_step.i_label_comp_id_2 
_ndb_struct_na_base_pair_step.i_label_seq_id_2 
_ndb_struct_na_base_pair_step.i_symmetry_2 
_ndb_struct_na_base_pair_step.j_label_asym_id_2 
_ndb_struct_na_base_pair_step.j_label_comp_id_2 
_ndb_struct_na_base_pair_step.j_label_seq_id_2 
_ndb_struct_na_base_pair_step.j_symmetry_2 
_ndb_struct_na_base_pair_step.shift 
_ndb_struct_na_base_pair_step.slide 
_ndb_struct_na_base_pair_step.rise 
_ndb_struct_na_base_pair_step.tilt 
_ndb_struct_na_base_pair_step.roll 
_ndb_struct_na_base_pair_step.twist 
_ndb_struct_na_base_pair_step.x_displacement 
_ndb_struct_na_base_pair_step.y_displacement 
_ndb_struct_na_base_pair_step.helical_rise 
_ndb_struct_na_base_pair_step.inclination 
_ndb_struct_na_base_pair_step.tip 
_ndb_struct_na_base_pair_step.helical_twist 
_ndb_struct_na_base_pair_step.step_number 
_ndb_struct_na_base_pair_step.step_name 
_ndb_struct_na_base_pair_step.i_auth_asym_id_1 
_ndb_struct_na_base_pair_step.i_auth_seq_id_1 
_ndb_struct_na_base_pair_step.i_PDB_ins_code_1 
_ndb_struct_na_base_pair_step.j_auth_asym_id_1 
_ndb_struct_na_base_pair_step.j_auth_seq_id_1 
_ndb_struct_na_base_pair_step.j_PDB_ins_code_1 
_ndb_struct_na_base_pair_step.i_auth_asym_id_2 
_ndb_struct_na_base_pair_step.i_auth_seq_id_2 
_ndb_struct_na_base_pair_step.i_PDB_ins_code_2 
_ndb_struct_na_base_pair_step.j_auth_asym_id_2 
_ndb_struct_na_base_pair_step.j_auth_seq_id_2 
_ndb_struct_na_base_pair_step.j_PDB_ins_code_2 
1 A DA 1 1_555 B DT 6 1_555 A DG 2 1_555 B DC 5 1_555 0.594  0.592  2.904 -5.391 9.345  20.457 -1.477 -3.189 2.675 24.256  13.992 
23.100 1 AA_DA1DG2:DC6DT7_BB A 1 ? B 7 ? A 2 ? B 6 ? 
1 A DC 3 1_555 B DG 4 1_555 A DC 4 1_555 B DG 3 1_555 0.823  0.408  2.921 4.762  4.073  29.890 0.030  -0.691 3.041 7.789   -9.106 
30.525 2 AA_DC3DC4:DG4DG5_BB A 3 ? B 5 ? A 4 ? B 4 ? 
1 A DC 4 1_555 B DG 3 1_555 A DG 5 1_555 B DC 2 1_555 1.338  0.936  6.972 0.496  -3.982 31.425 3.269  -2.257 6.824 -7.315  -0.910 
31.674 3 AA_DC4DG5:DC3DG4_BB A 4 ? B 4 ? A 5 ? B 3 ? 
1 A DG 5 1_555 B DC 2 1_555 A DT 6 1_555 B DA 1 1_555 -0.968 -0.141 3.079 -4.709 -6.038 28.086 1.004  0.925  3.157 -12.158 9.482  
29.091 4 AA_DG5DT6:DA2DC3_BB A 5 ? B 3 ? A 6 ? B 2 ? 
# 
_pdbx_audit_support.funding_organization   'Ministry of Science and Technology (MoST, Taiwan)' 
_pdbx_audit_support.country                Taiwan 
_pdbx_audit_support.grant_number           109-2628-M-005-001-MY4 
_pdbx_audit_support.ordinal                1 
# 
_pdbx_initial_refinement_model.id               1 
_pdbx_initial_refinement_model.entity_id_list   ? 
_pdbx_initial_refinement_model.type             'experimental model' 
_pdbx_initial_refinement_model.source_name      PDB 
_pdbx_initial_refinement_model.accession_code   1D12 
_pdbx_initial_refinement_model.details          ? 
# 
_atom_sites.entry_id                    9JL7 
_atom_sites.Cartn_transf_matrix[1][1]   ? 
_atom_sites.Cartn_transf_matrix[1][2]   ? 
_atom_sites.Cartn_transf_matrix[1][3]   ? 
_atom_sites.Cartn_transf_matrix[2][1]   ? 
_atom_sites.Cartn_transf_matrix[2][2]   ? 
_atom_sites.Cartn_transf_matrix[2][3]   ? 
_atom_sites.Cartn_transf_matrix[3][1]   ? 
_atom_sites.Cartn_transf_matrix[3][2]   ? 
_atom_sites.Cartn_transf_matrix[3][3]   ? 
_atom_sites.Cartn_transf_vector[1]      ? 
_atom_sites.Cartn_transf_vector[2]      ? 
_atom_sites.Cartn_transf_vector[3]      ? 
_atom_sites.Cartn_transform_axes        ? 
_atom_sites.fract_transf_matrix[1][1]   -0.00702354 
_atom_sites.fract_transf_matrix[1][2]   0.01029011 
_atom_sites.fract_transf_matrix[1][3]   0.04090832 
_atom_sites.fract_transf_matrix[2][1]   0.03286071 
_atom_sites.fract_transf_matrix[2][2]   0.00997010 
_atom_sites.fract_transf_matrix[2][3]   0.02548589 
_atom_sites.fract_transf_matrix[3][1]   -0.00044637 
_atom_sites.fract_transf_matrix[3][2]   0.00466970 
_atom_sites.fract_transf_matrix[3][3]   -0.00125126 
_atom_sites.fract_transf_vector[1]      0.157424 
_atom_sites.fract_transf_vector[2]      -0.304694 
_atom_sites.fract_transf_vector[3]      -0.034337 
_atom_sites.solution_primary            ? 
_atom_sites.solution_secondary          ? 
_atom_sites.solution_hydrogens          ? 
_atom_sites.special_details             ? 
# 
loop_
_atom_type.symbol 
C  
CL 
MN 
N  
O  
P  
# 
loop_
_atom_site.group_PDB 
_atom_site.id 
_atom_site.type_symbol 
_atom_site.label_atom_id 
_atom_site.label_alt_id 
_atom_site.label_comp_id 
_atom_site.label_asym_id 
_atom_site.label_entity_id 
_atom_site.label_seq_id 
_atom_site.pdbx_PDB_ins_code 
_atom_site.Cartn_x 
_atom_site.Cartn_y 
_atom_site.Cartn_z 
_atom_site.occupancy 
_atom_site.B_iso_or_equiv 
_atom_site.pdbx_formal_charge 
_atom_site.auth_seq_id 
_atom_site.auth_comp_id 
_atom_site.auth_asym_id 
_atom_site.auth_atom_id 
_atom_site.pdbx_PDB_model_num 
ATOM   1   P  P     . DA  A 1 1  ? -2.964  15.497  2.486  0.00 25.51 ?  1   DA  A P     1 
ATOM   2   O  OP1   . DA  A 1 1  ? -4.070  16.088  1.699  1.00 43.32 ?  1   DA  A OP1   1 
ATOM   3   O  OP2   . DA  A 1 1  ? -3.226  15.084  3.881  0.67 29.26 -1 1   DA  A OP2   1 
ATOM   4   O  "O5'" . DA  A 1 1  ? -2.338  14.253  1.687  1.00 20.82 ?  1   DA  A "O5'" 1 
ATOM   5   C  "C5'" . DA  A 1 1  ? -3.190  13.395  0.952  1.00 18.76 ?  1   DA  A "C5'" 1 
ATOM   6   C  "C4'" . DA  A 1 1  ? -2.431  12.578  -0.084 1.00 16.82 ?  1   DA  A "C4'" 1 
ATOM   7   O  "O4'" . DA  A 1 1  ? -1.628  11.552  0.565  1.00 13.34 ?  1   DA  A "O4'" 1 
ATOM   8   C  "C3'" . DA  A 1 1  ? -3.331  11.799  -0.996 1.00 14.25 ?  1   DA  A "C3'" 1 
ATOM   9   O  "O3'" . DA  A 1 1  ? -2.619  11.430  -2.153 1.00 15.45 ?  1   DA  A "O3'" 1 
ATOM   10  C  "C2'" . DA  A 1 1  ? -3.658  10.570  -0.119 1.00 13.00 ?  1   DA  A "C2'" 1 
ATOM   11  C  "C1'" . DA  A 1 1  ? -2.309  10.305  0.545  1.00 13.11 ?  1   DA  A "C1'" 1 
ATOM   12  N  N9    . DA  A 1 1  ? -2.360  9.873   1.942  1.00 10.33 ?  1   DA  A N9    1 
ATOM   13  C  C8    . DA  A 1 1  ? -3.349  10.106  2.862  1.00 13.26 ?  1   DA  A C8    1 
ATOM   14  N  N7    . DA  A 1 1  ? -3.048  9.671   4.078  1.00 12.39 ?  1   DA  A N7    1 
ATOM   15  C  C5    . DA  A 1 1  ? -1.772  9.125   3.932  1.00 8.88  ?  1   DA  A C5    1 
ATOM   16  C  C6    . DA  A 1 1  ? -0.861  8.547   4.849  1.00 10.36 ?  1   DA  A C6    1 
ATOM   17  N  N6    . DA  A 1 1  ? -1.144  8.327   6.150  1.00 12.12 ?  1   DA  A N6    1 
ATOM   18  N  N1    . DA  A 1 1  ? 0.333   8.147   4.374  1.00 10.72 ?  1   DA  A N1    1 
ATOM   19  C  C2    . DA  A 1 1  ? 0.613   8.343   3.083  1.00 9.72  ?  1   DA  A C2    1 
ATOM   20  N  N3    . DA  A 1 1  ? -0.152  8.882   2.136  1.00 10.28 ?  1   DA  A N3    1 
ATOM   21  C  C4    . DA  A 1 1  ? -1.329  9.274   2.634  1.00 9.29  ?  1   DA  A C4    1 
ATOM   22  P  P     . DG  A 1 2  ? -3.409  10.864  -3.426 1.00 16.54 ?  2   DG  A P     1 
ATOM   23  O  OP1   . DG  A 1 2  ? -2.535  11.059  -4.605 1.00 18.24 ?  2   DG  A OP1   1 
ATOM   24  O  OP2   . DG  A 1 2  ? -4.763  11.418  -3.384 1.00 15.62 -1 2   DG  A OP2   1 
ATOM   25  O  "O5'" . DG  A 1 2  ? -3.571  9.303   -3.122 1.00 14.51 ?  2   DG  A "O5'" 1 
ATOM   26  C  "C5'" . DG  A 1 2  ? -2.462  8.469   -3.298 1.00 13.83 ?  2   DG  A "C5'" 1 
ATOM   27  C  "C4'" . DG  A 1 2  ? -2.775  7.124   -2.737 1.00 14.68 ?  2   DG  A "C4'" 1 
ATOM   28  O  "O4'" . DG  A 1 2  ? -2.722  7.188   -1.315 1.00 13.54 ?  2   DG  A "O4'" 1 
ATOM   29  C  "C3'" . DG  A 1 2  ? -4.170  6.615   -3.077 1.00 14.73 ?  2   DG  A "C3'" 1 
ATOM   30  O  "O3'" . DG  A 1 2  ? -4.032  5.593   -4.017 1.00 18.86 ?  2   DG  A "O3'" 1 
ATOM   31  C  "C2'" . DG  A 1 2  ? -4.729  6.101   -1.724 1.00 15.37 ?  2   DG  A "C2'" 1 
ATOM   32  C  "C1'" . DG  A 1 2  ? -3.485  6.097   -0.845 1.00 12.82 ?  2   DG  A "C1'" 1 
ATOM   33  N  N9    . DG  A 1 2  ? -3.727  6.314   0.575  1.00 10.84 ?  2   DG  A N9    1 
ATOM   34  C  C8    . DG  A 1 2  ? -4.762  7.017   1.153  1.00 10.08 ?  2   DG  A C8    1 
ATOM   35  N  N7    . DG  A 1 2  ? -4.690  7.064   2.460  1.00 11.20 ?  2   DG  A N7    1 
ATOM   36  C  C5    . DG  A 1 2  ? -3.535  6.349   2.764  1.00 9.68  ?  2   DG  A C5    1 
ATOM   37  C  C6    . DG  A 1 2  ? -2.927  6.067   4.016  1.00 8.78  ?  2   DG  A C6    1 
ATOM   38  O  O6    . DG  A 1 2  ? -3.311  6.382   5.156  1.00 11.24 ?  2   DG  A O6    1 
ATOM   39  N  N1    . DG  A 1 2  ? -1.747  5.337   3.865  1.00 8.45  ?  2   DG  A N1    1 
ATOM   40  C  C2    . DG  A 1 2  ? -1.230  4.929   2.670  1.00 8.41  ?  2   DG  A C2    1 
ATOM   41  N  N2    . DG  A 1 2  ? -0.092  4.226   2.729  1.00 9.39  ?  2   DG  A N2    1 
ATOM   42  N  N3    . DG  A 1 2  ? -1.791  5.165   1.502  1.00 9.09  ?  2   DG  A N3    1 
ATOM   43  C  C4    . DG  A 1 2  ? -2.933  5.887   1.617  1.00 10.00 ?  2   DG  A C4    1 
ATOM   44  P  P     . DC  A 1 3  ? -5.249  5.147   -4.949 1.00 19.31 ?  3   DC  A P     1 
ATOM   45  O  OP1   . DC  A 1 3  ? -4.638  4.419   -6.075 1.00 22.48 ?  3   DC  A OP1   1 
ATOM   46  O  OP2   . DC  A 1 3  ? -6.166  6.288   -5.155 1.00 24.07 -1 3   DC  A OP2   1 
ATOM   47  O  "O5'" . DC  A 1 3  ? -6.048  4.101   -4.049 1.00 20.63 ?  3   DC  A "O5'" 1 
ATOM   48  C  "C5'" . DC  A 1 3  ? -7.109  3.358   -4.613 1.00 20.69 ?  3   DC  A "C5'" 1 
ATOM   49  C  "C4'" . DC  A 1 3  ? -7.131  1.953   -4.058 1.00 18.82 ?  3   DC  A "C4'" 1 
ATOM   50  O  "O4'" . DC  A 1 3  ? -7.152  2.000   -2.630 1.00 18.23 ?  3   DC  A "O4'" 1 
ATOM   51  C  "C3'" . DC  A 1 3  ? -8.339  1.117   -4.465 1.00 16.70 ?  3   DC  A "C3'" 1 
ATOM   52  O  "O3'" . DC  A 1 3  ? -7.898  0.123   -5.340 1.00 23.74 ?  3   DC  A "O3'" 1 
ATOM   53  C  "C2'" . DC  A 1 3  ? -8.891  0.532   -3.143 1.00 19.12 ?  3   DC  A "C2'" 1 
ATOM   54  C  "C1'" . DC  A 1 3  ? -7.763  0.815   -2.165 1.00 13.63 ?  3   DC  A "C1'" 1 
ATOM   55  N  N1    . DC  A 1 3  ? -8.184  1.096   -0.780 1.00 15.66 ?  3   DC  A N1    1 
ATOM   56  C  C2    . DC  A 1 3  ? -7.441  0.562   0.272  1.00 11.73 ?  3   DC  A C2    1 
ATOM   57  O  O2    . DC  A 1 3  ? -6.479  -0.190  0.003  1.00 13.24 ?  3   DC  A O2    1 
ATOM   58  N  N3    . DC  A 1 3  ? -7.788  0.879   1.548  1.00 10.96 ?  3   DC  A N3    1 
ATOM   59  C  C4    . DC  A 1 3  ? -8.823  1.677   1.780  1.00 11.50 ?  3   DC  A C4    1 
ATOM   60  N  N4    . DC  A 1 3  ? -9.130  1.955   3.047  1.00 13.01 ?  3   DC  A N4    1 
ATOM   61  C  C5    . DC  A 1 3  ? -9.583  2.237   0.720  1.00 14.75 ?  3   DC  A C5    1 
ATOM   62  C  C6    . DC  A 1 3  ? -9.225  1.926   -0.534 1.00 12.36 ?  3   DC  A C6    1 
ATOM   63  P  P     . DC  A 1 4  ? -8.945  -0.831  -6.089 1.00 23.06 ?  4   DC  A P     1 
ATOM   64  O  OP1   . DC  A 1 4  ? -8.347  -1.050  -7.428 1.00 29.25 ?  4   DC  A OP1   1 
ATOM   65  O  OP2   . DC  A 1 4  ? -10.334 -0.344  -5.919 1.00 25.65 ?  4   DC  A OP2   1 
ATOM   66  O  "O5'" . DC  A 1 4  ? -8.799  -2.201  -5.279 1.00 21.17 ?  4   DC  A "O5'" 1 
ATOM   67  C  "C5'" . DC  A 1 4  ? -7.530  -2.793  -5.190 1.00 18.96 ?  4   DC  A "C5'" 1 
ATOM   68  C  "C4'" . DC  A 1 4  ? -7.410  -3.623  -3.936 1.00 15.09 ?  4   DC  A "C4'" 1 
ATOM   69  O  "O4'" . DC  A 1 4  ? -7.753  -2.831  -2.781 1.00 15.91 ?  4   DC  A "O4'" 1 
ATOM   70  C  "C3'" . DC  A 1 4  ? -8.298  -4.865  -3.882 1.00 15.61 ?  4   DC  A "C3'" 1 
ATOM   71  O  "O3'" . DC  A 1 4  ? -7.455  -5.982  -3.991 1.00 17.45 ?  4   DC  A "O3'" 1 
ATOM   72  C  "C2'" . DC  A 1 4  ? -8.991  -4.769  -2.497 1.00 18.30 ?  4   DC  A "C2'" 1 
ATOM   73  C  "C1'" . DC  A 1 4  ? -8.192  -3.678  -1.775 1.00 13.68 ?  4   DC  A "C1'" 1 
ATOM   74  N  N1    . DC  A 1 4  ? -8.998  -2.846  -0.826 1.00 13.86 ?  4   DC  A N1    1 
ATOM   75  C  C2    . DC  A 1 4  ? -8.609  -2.729  0.511  1.00 12.76 ?  4   DC  A C2    1 
ATOM   76  O  O2    . DC  A 1 4  ? -7.602  -3.328  0.902  1.00 13.69 ?  4   DC  A O2    1 
ATOM   77  N  N3    . DC  A 1 4  ? -9.359  -1.963  1.348  1.00 13.04 ?  4   DC  A N3    1 
ATOM   78  C  C4    . DC  A 1 4  ? -10.438 -1.334  0.889  1.00 11.73 ?  4   DC  A C4    1 
ATOM   79  N  N4    . DC  A 1 4  ? -11.143 -0.588  1.750  1.00 13.05 ?  4   DC  A N4    1 
ATOM   80  C  C5    . DC  A 1 4  ? -10.843 -1.436  -0.475 1.00 11.94 ?  4   DC  A C5    1 
ATOM   81  C  C6    . DC  A 1 4  ? -10.101 -2.188  -1.287 1.00 13.42 ?  4   DC  A C6    1 
ATOM   82  P  P     . DG  A 1 5  ? -7.985  -7.426  -4.474 1.00 20.14 ?  5   DG  A P     1 
ATOM   83  O  OP1   . DG  A 1 5  ? -6.772  -8.088  -5.037 1.00 22.12 ?  5   DG  A OP1   1 
ATOM   84  O  OP2   . DG  A 1 5  ? -9.238  -7.316  -5.238 1.00 22.04 -1 5   DG  A OP2   1 
ATOM   85  O  "O5'" . DG  A 1 5  ? -8.393  -8.162  -3.116 1.00 18.50 ?  5   DG  A "O5'" 1 
ATOM   86  C  "C5'" . DG  A 1 5  ? -7.439  -8.283  -2.105 1.00 17.54 ?  5   DG  A "C5'" 1 
ATOM   87  C  "C4'" . DG  A 1 5  ? -7.978  -9.126  -0.992 1.00 13.43 ?  5   DG  A "C4'" 1 
ATOM   88  O  "O4'" . DG  A 1 5  ? -8.992  -8.369  -0.266 1.00 16.30 ?  5   DG  A "O4'" 1 
ATOM   89  C  "C3'" . DG  A 1 5  ? -8.666  -10.414 -1.441 1.00 15.64 ?  5   DG  A "C3'" 1 
ATOM   90  O  "O3'" . DG  A 1 5  ? -8.429  -11.414 -0.462 1.00 19.39 ?  5   DG  A "O3'" 1 
ATOM   91  C  "C2'" . DG  A 1 5  ? -10.122 -9.994  -1.445 1.00 15.18 ?  5   DG  A "C2'" 1 
ATOM   92  C  "C1'" . DG  A 1 5  ? -10.142 -9.171  -0.180 1.00 14.47 ?  5   DG  A "C1'" 1 
ATOM   93  N  N9    . DG  A 1 5  ? -11.326 -8.352  -0.032 1.00 15.70 ?  5   DG  A N9    1 
ATOM   94  C  C8    . DG  A 1 5  ? -12.141 -7.866  -1.035 1.00 15.90 ?  5   DG  A C8    1 
ATOM   95  N  N7    . DG  A 1 5  ? -13.166 -7.185  -0.587 1.00 15.26 ?  5   DG  A N7    1 
ATOM   96  C  C5    . DG  A 1 5  ? -13.032 -7.254  0.810  1.00 12.12 ?  5   DG  A C5    1 
ATOM   97  C  C6    . DG  A 1 5  ? -13.844 -6.706  1.846  1.00 13.78 ?  5   DG  A C6    1 
ATOM   98  O  O6    . DG  A 1 5  ? -14.881 -6.018  1.742  1.00 14.90 ?  5   DG  A O6    1 
ATOM   99  N  N1    . DG  A 1 5  ? -13.336 -6.999  3.108  1.00 12.14 ?  5   DG  A N1    1 
ATOM   100 C  C2    . DG  A 1 5  ? -12.184 -7.722  3.338  1.00 10.16 ?  5   DG  A C2    1 
ATOM   101 N  N2    . DG  A 1 5  ? -11.824 -7.892  4.614  1.00 11.18 ?  5   DG  A N2    1 
ATOM   102 N  N3    . DG  A 1 5  ? -11.432 -8.242  2.387  1.00 10.72 ?  5   DG  A N3    1 
ATOM   103 C  C4    . DG  A 1 5  ? -11.909 -7.971  1.155  1.00 11.60 ?  5   DG  A C4    1 
ATOM   104 P  P     . DT  A 1 6  ? -8.416  -12.980 -0.830 1.00 20.26 ?  6   DT  A P     1 
ATOM   105 O  OP1   . DT  A 1 6  ? -7.579  -13.269 -2.011 1.00 24.89 ?  6   DT  A OP1   1 
ATOM   106 O  OP2   . DT  A 1 6  ? -9.822  -13.378 -0.799 1.00 21.71 -1 6   DT  A OP2   1 
ATOM   107 O  "O5'" . DT  A 1 6  ? -7.552  -13.601 0.363  1.00 23.06 ?  6   DT  A "O5'" 1 
ATOM   108 C  "C5'" . DT  A 1 6  ? -8.194  -14.112 1.498  1.00 18.67 ?  6   DT  A "C5'" 1 
ATOM   109 C  "C4'" . DT  A 1 6  ? -8.073  -13.171 2.667  1.00 16.73 ?  6   DT  A "C4'" 1 
ATOM   110 O  "O4'" . DT  A 1 6  ? -9.039  -12.094 2.520  1.00 15.24 ?  6   DT  A "O4'" 1 
ATOM   111 C  "C3'" . DT  A 1 6  ? -8.397  -13.795 4.007  1.00 18.58 ?  6   DT  A "C3'" 1 
ATOM   112 O  "O3'" . DT  A 1 6  ? -7.724  -13.084 5.033  1.00 18.19 ?  6   DT  A "O3'" 1 
ATOM   113 C  "C2'" . DT  A 1 6  ? -9.900  -13.588 4.096  1.00 13.95 ?  6   DT  A "C2'" 1 
ATOM   114 C  "C1'" . DT  A 1 6  ? -9.967  -12.164 3.592  1.00 11.87 ?  6   DT  A "C1'" 1 
ATOM   115 N  N1    . DT  A 1 6  ? -11.294 -11.693 3.113  1.00 11.95 ?  6   DT  A N1    1 
ATOM   116 C  C2    . DT  A 1 6  ? -12.139 -11.097 3.999  1.00 10.74 ?  6   DT  A C2    1 
ATOM   117 O  O2    . DT  A 1 6  ? -11.873 -10.959 5.181  1.00 15.74 ?  6   DT  A O2    1 
ATOM   118 N  N3    . DT  A 1 6  ? -13.303 -10.642 3.464  1.00 12.45 ?  6   DT  A N3    1 
ATOM   119 C  C4    . DT  A 1 6  ? -13.705 -10.726 2.156  1.00 12.29 ?  6   DT  A C4    1 
ATOM   120 O  O4    . DT  A 1 6  ? -14.767 -10.258 1.775  1.00 15.11 ?  6   DT  A O4    1 
ATOM   121 C  C5    . DT  A 1 6  ? -12.771 -11.391 1.267  1.00 11.65 ?  6   DT  A C5    1 
ATOM   122 C  C7    . DT  A 1 6  ? -13.082 -11.542 -0.188 1.00 17.23 ?  6   DT  A C7    1 
ATOM   123 C  C6    . DT  A 1 6  ? -11.611 -11.817 1.788  1.00 13.49 ?  6   DT  A C6    1 
ATOM   124 P  P     . DA  B 2 1  ? -22.734 -8.763  11.748 0.00 30.48 ?  2   DA  B P     1 
ATOM   125 O  OP1   . DA  B 2 1  ? -23.672 -9.807  11.271 0.30 29.88 ?  2   DA  B OP1   1 
ATOM   126 O  OP2   . DA  B 2 1  ? -22.269 -8.771  13.153 0.41 37.21 -1 2   DA  B OP2   1 
ATOM   127 O  "O5'" . DA  B 2 1  ? -21.450 -8.724  10.787 1.00 27.95 ?  2   DA  B "O5'" 1 
ATOM   128 C  "C5'" . DA  B 2 1  ? -20.699 -7.529  10.653 1.00 27.34 ?  2   DA  B "C5'" 1 
ATOM   129 C  "C4'" . DA  B 2 1  ? -19.253 -7.756  11.050 1.00 24.86 ?  2   DA  B "C4'" 1 
ATOM   130 O  "O4'" . DA  B 2 1  ? -18.569 -8.508  10.006 1.00 24.04 ?  2   DA  B "O4'" 1 
ATOM   131 C  "C3'" . DA  B 2 1  ? -18.445 -6.478  11.250 1.00 22.27 ?  2   DA  B "C3'" 1 
ATOM   132 O  "O3'" . DA  B 2 1  ? -17.512 -6.665  12.285 1.00 23.95 ?  2   DA  B "O3'" 1 
ATOM   133 C  "C2'" . DA  B 2 1  ? -17.773 -6.278  9.897  1.00 22.34 ?  2   DA  B "C2'" 1 
ATOM   134 C  "C1'" . DA  B 2 1  ? -17.537 -7.717  9.437  1.00 19.49 ?  2   DA  B "C1'" 1 
ATOM   135 N  N9    . DA  B 2 1  ? -17.590 -7.858  7.981  1.00 17.51 ?  2   DA  B N9    1 
ATOM   136 C  C8    . DA  B 2 1  ? -18.600 -7.472  7.152  1.00 18.29 ?  2   DA  B C8    1 
ATOM   137 N  N7    . DA  B 2 1  ? -18.366 -7.711  5.885  1.00 15.60 ?  2   DA  B N7    1 
ATOM   138 C  C5    . DA  B 2 1  ? -17.120 -8.297  5.879  1.00 14.11 ?  2   DA  B C5    1 
ATOM   139 C  C6    . DA  B 2 1  ? -16.314 -8.785  4.841  1.00 12.34 ?  2   DA  B C6    1 
ATOM   140 N  N6    . DA  B 2 1  ? -16.668 -8.741  3.546  1.00 15.55 ?  2   DA  B N6    1 
ATOM   141 N  N1    . DA  B 2 1  ? -15.131 -9.318  5.175  1.00 11.16 ?  2   DA  B N1    1 
ATOM   142 C  C2    . DA  B 2 1  ? -14.757 -9.345  6.465  1.00 12.40 ?  2   DA  B C2    1 
ATOM   143 N  N3    . DA  B 2 1  ? -15.426 -8.914  7.526  1.00 14.96 ?  2   DA  B N3    1 
ATOM   144 C  C4    . DA  B 2 1  ? -16.622 -8.406  7.161  1.00 16.29 ?  2   DA  B C4    1 
ATOM   145 P  P     . DC  B 2 2  ? -16.800 -5.431  13.027 1.00 23.70 ?  3   DC  B P     1 
ATOM   146 O  OP1   . DC  B 2 2  ? -16.396 -5.877  14.307 1.00 27.96 ?  3   DC  B OP1   1 
ATOM   147 O  OP2   . DC  B 2 2  ? -17.622 -4.272  12.809 1.00 25.78 -1 3   DC  B OP2   1 
ATOM   148 O  "O5'" . DC  B 2 2  ? -15.505 -5.209  12.123 1.00 20.18 ?  3   DC  B "O5'" 1 
ATOM   149 C  "C5'" . DC  B 2 2  ? -14.461 -6.156  12.174 1.00 22.35 ?  3   DC  B "C5'" 1 
ATOM   150 C  "C4'" . DC  B 2 2  ? -13.494 -5.864  11.053 1.00 16.53 ?  3   DC  B "C4'" 1 
ATOM   151 O  "O4'" . DC  B 2 2  ? -14.112 -6.165  9.783  1.00 12.91 ?  3   DC  B "O4'" 1 
ATOM   152 C  "C3'" . DC  B 2 2  ? -13.065 -4.395  10.992 1.00 17.09 ?  3   DC  B "C3'" 1 
ATOM   153 O  "O3'" . DC  B 2 2  ? -11.660 -4.232  10.814 1.00 19.06 ?  3   DC  B "O3'" 1 
ATOM   154 C  "C2'" . DC  B 2 2  ? -13.700 -3.914  9.701  1.00 18.47 ?  3   DC  B "C2'" 1 
ATOM   155 C  "C1'" . DC  B 2 2  ? -13.678 -5.189  8.895  1.00 13.33 ?  3   DC  B "C1'" 1 
ATOM   156 N  N1    . DC  B 2 2  ? -14.509 -5.203  7.690  1.00 14.35 ?  3   DC  B N1    1 
ATOM   157 C  C2    . DC  B 2 2  ? -14.010 -5.869  6.589  1.00 11.90 ?  3   DC  B C2    1 
ATOM   158 O  O2    . DC  B 2 2  ? -12.996 -6.553  6.724  1.00 12.56 ?  3   DC  B O2    1 
ATOM   159 N  N3    . DC  B 2 2  ? -14.663 -5.791  5.412  1.00 10.71 ?  3   DC  B N3    1 
ATOM   160 C  C4    . DC  B 2 2  ? -15.778 -5.073  5.320  1.00 12.69 ?  3   DC  B C4    1 
ATOM   161 N  N4    . DC  B 2 2  ? -16.392 -5.024  4.147  1.00 14.55 ?  3   DC  B N4    1 
ATOM   162 C  C5    . DC  B 2 2  ? -16.319 -4.385  6.437  1.00 15.93 ?  3   DC  B C5    1 
ATOM   163 C  C6    . DC  B 2 2  ? -15.642 -4.447  7.585  1.00 16.03 ?  3   DC  B C6    1 
ATOM   164 P  P     . DG  B 2 3  ? -10.773 -3.553  11.907 1.00 23.86 ?  4   DG  B P     1 
ATOM   165 O  OP1   . DG  B 2 3  ? -10.868 -4.344  13.143 1.00 27.19 ?  4   DG  B OP1   1 
ATOM   166 O  OP2   . DG  B 2 3  ? -11.113 -2.121  11.927 1.00 28.83 -1 4   DG  B OP2   1 
ATOM   167 O  "O5'" . DG  B 2 3  ? -9.304  -3.746  11.337 1.00 19.53 ?  4   DG  B "O5'" 1 
ATOM   168 C  "C5'" . DG  B 2 3  ? -8.810  -5.054  11.132 1.00 16.53 ?  4   DG  B "C5'" 1 
ATOM   169 C  "C4'" . DG  B 2 3  ? -7.513  -5.034  10.345 1.00 15.48 ?  4   DG  B "C4'" 1 
ATOM   170 O  "O4'" . DG  B 2 3  ? -7.748  -4.587  8.980  1.00 16.00 ?  4   DG  B "O4'" 1 
ATOM   171 C  "C3'" . DG  B 2 3  ? -6.433  -4.116  10.870 1.00 14.97 ?  4   DG  B "C3'" 1 
ATOM   172 O  "O3'" . DG  B 2 3  ? -5.206  -4.661  10.440 1.00 15.07 ?  4   DG  B "O3'" 1 
ATOM   173 C  "C2'" . DG  B 2 3  ? -6.745  -2.810  10.137 1.00 16.45 ?  4   DG  B "C2'" 1 
ATOM   174 C  "C1'" . DG  B 2 3  ? -7.099  -3.343  8.759  1.00 12.14 ?  4   DG  B "C1'" 1 
ATOM   175 N  N9    . DG  B 2 3  ? -8.033  -2.516  8.007  1.00 13.21 ?  4   DG  B N9    1 
ATOM   176 C  C8    . DG  B 2 3  ? -9.043  -1.734  8.506  1.00 14.75 ?  4   DG  B C8    1 
ATOM   177 N  N7    . DG  B 2 3  ? -9.759  -1.144  7.566  1.00 14.56 ?  4   DG  B N7    1 
ATOM   178 C  C5    . DG  B 2 3  ? -9.187  -1.585  6.381  1.00 11.23 ?  4   DG  B C5    1 
ATOM   179 C  C6    . DG  B 2 3  ? -9.536  -1.310  5.032  1.00 12.48 ?  4   DG  B C6    1 
ATOM   180 O  O6    . DG  B 2 3  ? -10.452 -0.578  4.594  1.00 13.56 ?  4   DG  B O6    1 
ATOM   181 N  N1    . DG  B 2 3  ? -8.691  -1.976  4.141  1.00 10.87 ?  4   DG  B N1    1 
ATOM   182 C  C2    . DG  B 2 3  ? -7.651  -2.817  4.511  1.00 9.39  ?  4   DG  B C2    1 
ATOM   183 N  N2    . DG  B 2 3  ? -6.951  -3.380  3.518  1.00 11.39 ?  4   DG  B N2    1 
ATOM   184 N  N3    . DG  B 2 3  ? -7.329  -3.086  5.766  1.00 12.49 ?  4   DG  B N3    1 
ATOM   185 C  C4    . DG  B 2 3  ? -8.133  -2.448  6.642  1.00 10.90 ?  4   DG  B C4    1 
ATOM   186 P  P     . DG  B 2 4  ? -3.809  -4.143  11.009 1.00 18.25 ?  5   DG  B P     1 
ATOM   187 O  OP1   . DG  B 2 4  ? -3.190  -5.292  11.710 1.00 21.27 -1 5   DG  B OP1   1 
ATOM   188 O  OP2   . DG  B 2 4  ? -3.965  -2.869  11.723 1.00 20.29 ?  5   DG  B OP2   1 
ATOM   189 O  "O5'" . DG  B 2 4  ? -2.998  -3.832  9.680  1.00 17.14 ?  5   DG  B "O5'" 1 
ATOM   190 C  "C5'" . DG  B 2 4  ? -2.733  -4.838  8.746  1.00 10.94 ?  5   DG  B "C5'" 1 
ATOM   191 C  "C4'" . DG  B 2 4  ? -1.959  -4.243  7.587  1.00 10.98 ?  5   DG  B "C4'" 1 
ATOM   192 O  "O4'" . DG  B 2 4  ? -2.861  -3.520  6.716  1.00 10.70 ?  5   DG  B "O4'" 1 
ATOM   193 C  "C3'" . DG  B 2 4  ? -0.878  -3.255  7.994  1.00 9.17  ?  5   DG  B "C3'" 1 
ATOM   194 O  "O3'" . DG  B 2 4  ? 0.290   -3.506  7.236  1.00 9.93  ?  5   DG  B "O3'" 1 
ATOM   195 C  "C2'" . DG  B 2 4  ? -1.497  -1.870  7.691  1.00 10.90 ?  5   DG  B "C2'" 1 
ATOM   196 C  "C1'" . DG  B 2 4  ? -2.428  -2.182  6.540  1.00 10.26 ?  5   DG  B "C1'" 1 
ATOM   197 N  N9    . DG  B 2 4  ? -3.635  -1.376  6.497  1.00 10.20 ?  5   DG  B N9    1 
ATOM   198 C  C8    . DG  B 2 4  ? -4.378  -0.932  7.555  1.00 10.70 ?  5   DG  B C8    1 
ATOM   199 N  N7    . DG  B 2 4  ? -5.449  -0.286  7.191  1.00 12.01 ?  5   DG  B N7    1 
ATOM   200 C  C5    . DG  B 2 4  ? -5.404  -0.317  5.800  1.00 10.31 ?  5   DG  B C5    1 
ATOM   201 C  C6    . DG  B 2 4  ? -6.279  0.256   4.834  1.00 11.55 ?  5   DG  B C6    1 
ATOM   202 O  O6    . DG  B 2 4  ? -7.316  0.891   5.034  1.00 13.42 ?  5   DG  B O6    1 
ATOM   203 N  N1    . DG  B 2 4  ? -5.864  -0.016  3.524  1.00 9.86  ?  5   DG  B N1    1 
ATOM   204 C  C2    . DG  B 2 4  ? -4.717  -0.711  3.201  1.00 11.88 ?  5   DG  B C2    1 
ATOM   205 N  N2    . DG  B 2 4  ? -4.463  -0.896  1.899  1.00 11.89 ?  5   DG  B N2    1 
ATOM   206 N  N3    . DG  B 2 4  ? -3.887  -1.221  4.098  1.00 12.10 ?  5   DG  B N3    1 
ATOM   207 C  C4    . DG  B 2 4  ? -4.293  -0.979  5.369  1.00 10.73 ?  5   DG  B C4    1 
ATOM   208 P  P     . DC  B 2 5  ? 1.727   -3.164  7.847  1.00 11.25 ?  6   DC  B P     1 
ATOM   209 O  OP1   . DC  B 2 5  ? 2.745   -3.669  6.947  1.00 11.30 ?  6   DC  B OP1   1 
ATOM   210 O  OP2   . DC  B 2 5  ? 1.733   -3.533  9.289  1.00 11.81 -1 6   DC  B OP2   1 
ATOM   211 O  "O5'" . DC  B 2 5  ? 1.713   -1.569  7.822  1.00 10.50 ?  6   DC  B "O5'" 1 
ATOM   212 C  "C5'" . DC  B 2 5  ? 2.691   -0.843  8.503  1.00 12.14 ?  6   DC  B "C5'" 1 
ATOM   213 C  "C4'" . DC  B 2 5  ? 3.101   0.332   7.659  1.00 12.69 ?  6   DC  B "C4'" 1 
ATOM   214 O  "O4'" . DC  B 2 5  ? 1.993   1.201   7.458  1.00 11.69 ?  6   DC  B "O4'" 1 
ATOM   215 C  "C3'" . DC  B 2 5  ? 4.204   1.187   8.239  1.00 11.03 ?  6   DC  B "C3'" 1 
ATOM   216 O  "O3'" . DC  B 2 5  ? 5.386   0.864   7.522  1.00 10.78 ?  6   DC  B "O3'" 1 
ATOM   217 C  "C2'" . DC  B 2 5  ? 3.717   2.661   7.988  1.00 10.24 ?  6   DC  B "C2'" 1 
ATOM   218 C  "C1'" . DC  B 2 5  ? 2.492   2.460   7.103  1.00 11.55 ?  6   DC  B "C1'" 1 
ATOM   219 N  N1    . DC  B 2 5  ? 1.349   3.390   7.306  1.00 10.79 ?  6   DC  B N1    1 
ATOM   220 C  C2    . DC  B 2 5  ? 0.781   4.041   6.206  1.00 10.07 ?  6   DC  B C2    1 
ATOM   221 O  O2    . DC  B 2 5  ? 1.341   3.962   5.091  1.00 10.15 ?  6   DC  B O2    1 
ATOM   222 N  N3    . DC  B 2 5  ? -0.339  4.794   6.397  1.00 9.81  ?  6   DC  B N3    1 
ATOM   223 C  C4    . DC  B 2 5  ? -0.886  4.881   7.604  1.00 10.49 ?  6   DC  B C4    1 
ATOM   224 N  N4    . DC  B 2 5  ? -1.984  5.631   7.738  1.00 12.03 ?  6   DC  B N4    1 
ATOM   225 C  C5    . DC  B 2 5  ? -0.338  4.202   8.730  1.00 10.56 ?  6   DC  B C5    1 
ATOM   226 C  C6    . DC  B 2 5  ? 0.744   3.448   8.531  1.00 12.20 ?  6   DC  B C6    1 
ATOM   227 P  P     . DT  B 2 6  ? 6.839   1.227   8.096  1.00 11.52 ?  7   DT  B P     1 
ATOM   228 O  OP1   . DT  B 2 6  ? 7.693   0.080   7.723  1.00 12.23 ?  7   DT  B OP1   1 
ATOM   229 O  OP2   . DT  B 2 6  ? 6.673   1.651   9.484  1.00 12.04 -1 7   DT  B OP2   1 
ATOM   230 O  "O5'" . DT  B 2 6  ? 7.240   2.500   7.223  1.00 11.37 ?  7   DT  B "O5'" 1 
ATOM   231 C  "C5'" . DT  B 2 6  ? 7.353   2.380   5.813  1.00 11.26 ?  7   DT  B "C5'" 1 
ATOM   232 C  "C4'" . DT  B 2 6  ? 7.149   3.726   5.165  1.00 10.12 ?  7   DT  B "C4'" 1 
ATOM   233 O  "O4'" . DT  B 2 6  ? 5.782   4.116   5.322  1.00 10.51 ?  7   DT  B "O4'" 1 
ATOM   234 C  "C3'" . DT  B 2 6  ? 7.927   4.860   5.809  1.00 10.15 ?  7   DT  B "C3'" 1 
ATOM   235 O  "O3'" . DT  B 2 6  ? 9.213   4.971   5.202  1.00 12.57 ?  7   DT  B "O3'" 1 
ATOM   236 C  "C2'" . DT  B 2 6  ? 7.042   6.098   5.552  1.00 10.47 ?  7   DT  B "C2'" 1 
ATOM   237 C  "C1'" . DT  B 2 6  ? 5.708   5.496   5.069  1.00 10.53 ?  7   DT  B "C1'" 1 
ATOM   238 N  N1    . DT  B 2 6  ? 4.514   6.009   5.780  1.00 7.91  ?  7   DT  B N1    1 
ATOM   239 C  C2    . DT  B 2 6  ? 3.467   6.530   5.050  1.00 8.32  ?  7   DT  B C2    1 
ATOM   240 O  O2    . DT  B 2 6  ? 3.471   6.635   3.828  1.00 11.93 ?  7   DT  B O2    1 
ATOM   241 N  N3    . DT  B 2 6  ? 2.411   6.940   5.793  1.00 9.81  ?  7   DT  B N3    1 
ATOM   242 C  C4    . DT  B 2 6  ? 2.267   6.899   7.158  1.00 10.35 ?  7   DT  B C4    1 
ATOM   243 O  O4    . DT  B 2 6  ? 1.248   7.307   7.706  1.00 11.89 ?  7   DT  B O4    1 
ATOM   244 C  C5    . DT  B 2 6  ? 3.385   6.329   7.885  1.00 9.84  ?  7   DT  B C5    1 
ATOM   245 C  C7    . DT  B 2 6  ? 3.335   6.209   9.389  1.00 11.30 ?  7   DT  B C7    1 
ATOM   246 C  C6    . DT  B 2 6  ? 4.446   5.912   7.169  1.00 8.29  ?  7   DT  B C6    1 
ATOM   247 N  N     . THR C 3 1  ? -1.968  2.553   -0.233 1.00 11.08 ?  1   THR G N     1 
ATOM   248 C  CA    . THR C 3 1  ? -1.004  1.968   -1.159 1.00 10.79 ?  1   THR G CA    1 
ATOM   249 C  C     . THR C 3 1  ? 0.386   1.945   -0.562 1.00 12.00 ?  1   THR G C     1 
ATOM   250 O  O     . THR C 3 1  ? 0.682   2.747   0.340  1.00 11.69 ?  1   THR G O     1 
ATOM   251 C  CB    . THR C 3 1  ? -0.878  2.756   -2.442 1.00 13.74 ?  1   THR G CB    1 
ATOM   252 O  OG1   . THR C 3 1  ? -0.368  4.045   -2.098 1.00 13.67 ?  1   THR G OG1   1 
ATOM   253 C  CG2   . THR C 3 1  ? -2.226  2.885   -3.170 1.00 14.46 ?  1   THR G CG2   1 
HETATM 254 N  N     . DVA C 3 2  ? 1.224   1.091   -1.110 1.00 13.55 ?  2   DVA G N     1 
HETATM 255 C  CA    . DVA C 3 2  ? 2.680   1.105   -0.805 1.00 15.08 ?  2   DVA G CA    1 
HETATM 256 C  CB    . DVA C 3 2  ? 3.408   0.514   -2.016 1.00 22.92 ?  2   DVA G CB    1 
HETATM 257 C  CG1   . DVA C 3 2  ? 4.912   0.539   -1.848 1.00 14.09 ?  2   DVA G CG1   1 
HETATM 258 C  CG2   . DVA C 3 2  ? 2.992   1.190   -3.308 1.00 19.12 ?  2   DVA G CG2   1 
HETATM 259 C  C     . DVA C 3 2  ? 3.047   0.322   0.442  1.00 12.15 ?  2   DVA G C     1 
HETATM 260 O  O     . DVA C 3 2  ? 2.890   -0.877  0.445  1.00 13.33 ?  2   DVA G O     1 
ATOM   261 N  N     . PRO C 3 3  ? 3.566   0.999   1.479  1.00 12.24 ?  3   PRO G N     1 
ATOM   262 C  CA    . PRO C 3 3  ? 3.544   2.465   1.600  1.00 14.40 ?  3   PRO G CA    1 
ATOM   263 C  C     . PRO C 3 3  ? 4.712   3.187   0.937  1.00 14.22 ?  3   PRO G C     1 
ATOM   264 O  O     . PRO C 3 3  ? 5.789   2.617   0.832  1.00 16.27 ?  3   PRO G O     1 
ATOM   265 C  CB    . PRO C 3 3  ? 3.598   2.663   3.112  1.00 13.42 ?  3   PRO G CB    1 
ATOM   266 C  CG    . PRO C 3 3  ? 4.453   1.516   3.584  1.00 13.31 ?  3   PRO G CG    1 
ATOM   267 C  CD    . PRO C 3 3  ? 3.997   0.351   2.733  1.00 10.77 ?  3   PRO G CD    1 
HETATM 268 N  N     . SAR C 3 4  ? 4.525   4.430   0.514  1.00 14.16 ?  4   SAR G N     1 
HETATM 269 C  CA    . SAR C 3 4  ? 3.245   5.145   0.549  1.00 13.40 ?  4   SAR G CA    1 
HETATM 270 C  C     . SAR C 3 4  ? 2.586   5.109   -0.841 1.00 14.19 ?  4   SAR G C     1 
HETATM 271 O  O     . SAR C 3 4  ? 2.999   4.350   -1.665 1.00 14.94 ?  4   SAR G O     1 
HETATM 272 C  CN    . SAR C 3 4  ? 5.558   5.187   -0.182 1.00 14.88 ?  4   SAR G CN    1 
HETATM 273 N  N     . MVA C 3 5  ? 1.549   5.921   -1.058 1.00 13.51 ?  5   MVA G N     1 
HETATM 274 C  CN    . MVA C 3 5  ? 0.864   6.704   -0.045 1.00 14.43 ?  5   MVA G CN    1 
HETATM 275 C  CA    . MVA C 3 5  ? 0.920   6.105   -2.380 1.00 14.82 ?  5   MVA G CA    1 
HETATM 276 C  CB    . MVA C 3 5  ? 1.882   6.767   -3.376 1.00 18.25 ?  5   MVA G CB    1 
HETATM 277 C  CG1   . MVA C 3 5  ? 2.403   8.096   -2.829 1.00 17.11 ?  5   MVA G CG1   1 
HETATM 278 C  CG2   . MVA C 3 5  ? 1.138   7.077   -4.680 1.00 18.47 ?  5   MVA G CG2   1 
HETATM 279 C  C     . MVA C 3 5  ? 0.412   4.771   -2.957 1.00 16.95 ?  5   MVA G C     1 
HETATM 280 O  O     . MVA C 3 5  ? 0.878   4.203   -3.885 1.00 15.76 ?  5   MVA G O     1 
HETATM 281 C  C1    . PXZ C 3 6  ? -4.199  2.590   0.931  1.00 11.34 ?  6   PXZ G C1    1 
HETATM 282 C  C0    . PXZ C 3 6  ? -3.248  1.951   -0.056 1.00 13.63 ?  6   PXZ G C0    1 
HETATM 283 O  O1    . PXZ C 3 6  ? -3.578  1.115   -0.884 1.00 15.82 ?  6   PXZ G O1    1 
HETATM 284 C  C2    . PXZ C 3 6  ? -5.356  3.196   0.469  1.00 12.14 ?  6   PXZ G C2    1 
HETATM 285 N  N2    . PXZ C 3 6  ? -5.581  3.132   -1.001 1.00 16.79 ?  6   PXZ G N2    1 
HETATM 286 C  C3    . PXZ C 3 6  ? -6.230  3.798   1.365  1.00 13.87 ?  6   PXZ G C3    1 
HETATM 287 O  O3    . PXZ C 3 6  ? -7.220  4.339   0.972  1.00 22.57 ?  6   PXZ G O3    1 
HETATM 288 C  C4    . PXZ C 3 6  ? -5.974  3.804   2.733  1.00 12.53 ?  6   PXZ G C4    1 
HETATM 289 O  O5    . PXZ C 3 6  ? -4.554  3.145   4.535  1.00 13.44 ?  6   PXZ G O5    1 
HETATM 290 C  C6    . PXZ C 3 6  ? -3.256  2.411   6.390  1.00 12.73 ?  6   PXZ G C6    1 
HETATM 291 C  C7    . PXZ C 3 6  ? -2.121  1.788   6.930  1.00 11.96 ?  6   PXZ G C7    1 
HETATM 292 C  C8    . PXZ C 3 6  ? -1.183  1.212   6.065  1.00 10.80 ?  6   PXZ G C8    1 
HETATM 293 C  C9    . PXZ C 3 6  ? -1.409  1.294   4.680  1.00 8.74  ?  6   PXZ G C9    1 
HETATM 294 C  "C0'" . PXZ C 3 6  ? -0.406  0.665   3.656  1.00 11.65 ?  6   PXZ G "C0'" 1 
HETATM 295 O  "O1'" . PXZ C 3 6  ? 0.766   0.920   3.597  1.00 13.30 ?  6   PXZ G "O1'" 1 
HETATM 296 N  N10   . PXZ C 3 6  ? -2.755  1.991   2.763  1.00 10.39 ?  6   PXZ G N10   1 
HETATM 297 C  C11   . PXZ C 3 6  ? -3.924  2.565   2.316  1.00 10.46 ?  6   PXZ G C11   1 
HETATM 298 C  C12   . PXZ C 3 6  ? -4.798  3.176   3.202  1.00 11.58 ?  6   PXZ G C12   1 
HETATM 299 C  C13   . PXZ C 3 6  ? -3.452  2.501   5.002  1.00 11.02 ?  6   PXZ G C13   1 
HETATM 300 C  C14   . PXZ C 3 6  ? -2.541  1.935   4.132  1.00 10.60 ?  6   PXZ G C14   1 
HETATM 301 C  C15   . PXZ C 3 6  ? -6.956  4.475   3.695  1.00 15.06 ?  6   PXZ G C15   1 
HETATM 302 C  C16   . PXZ C 3 6  ? -4.299  3.054   7.282  1.00 14.49 ?  6   PXZ G C16   1 
ATOM   303 N  N     . THR C 3 7  ? -0.909  -0.516  3.042  1.00 10.58 ?  7   THR G N     1 
ATOM   304 C  CA    . THR C 3 7  ? 0.026   -1.285  2.222  1.00 11.02 ?  7   THR G CA    1 
ATOM   305 C  C     . THR C 3 7  ? -0.638  -1.690  0.921  1.00 14.16 ?  7   THR G C     1 
ATOM   306 O  O     . THR C 3 7  ? -1.868  -1.742  0.847  1.00 14.09 ?  7   THR G O     1 
ATOM   307 C  CB    . THR C 3 7  ? 0.485   -2.598  2.894  1.00 10.60 ?  7   THR G CB    1 
ATOM   308 O  OG1   . THR C 3 7  ? -0.658  -3.447  3.062  1.00 12.29 ?  7   THR G OG1   1 
ATOM   309 C  CG2   . THR C 3 7  ? 1.150   -2.368  4.236  1.00 10.81 ?  7   THR G CG2   1 
HETATM 310 N  N     . DVA C 3 8  ? 0.171   -2.011  -0.067 1.00 13.01 ?  8   DVA G N     1 
HETATM 311 C  CA    . DVA C 3 8  ? -0.339  -2.698  -1.281 1.00 15.66 ?  8   DVA G CA    1 
HETATM 312 C  CB    . DVA C 3 8  ? 0.847   -3.422  -1.925 1.00 23.38 ?  8   DVA G CB    1 
HETATM 313 C  CG1   . DVA C 3 8  ? 0.422   -4.250  -3.128 1.00 22.04 ?  8   DVA G CG1   1 
HETATM 314 C  CG2   . DVA C 3 8  ? 1.596   -4.274  -0.913 1.00 19.49 ?  8   DVA G CG2   1 
HETATM 315 C  C     . DVA C 3 8  ? -0.967  -1.733  -2.259 1.00 17.36 ?  8   DVA G C     1 
HETATM 316 O  O     . DVA C 3 8  ? -0.227  -0.923  -2.809 1.00 17.89 ?  8   DVA G O     1 
ATOM   317 N  N     . PRO C 3 9  ? -2.282  -1.847  -2.551 1.00 15.41 ?  9   PRO G N     1 
ATOM   318 C  CA    . PRO C 3 9  ? -3.281  -2.628  -1.801 1.00 13.59 ?  9   PRO G CA    1 
ATOM   319 C  C     . PRO C 3 9  ? -3.426  -4.081  -2.252 1.00 14.58 ?  9   PRO G C     1 
ATOM   320 O  O     . PRO C 3 9  ? -3.078  -4.393  -3.387 1.00 19.60 ?  9   PRO G O     1 
ATOM   321 C  CB    . PRO C 3 9  ? -4.587  -1.868  -2.071 1.00 15.34 ?  9   PRO G CB    1 
ATOM   322 C  CG    . PRO C 3 9  ? -4.389  -1.302  -3.425 1.00 16.13 ?  9   PRO G CG    1 
ATOM   323 C  CD    . PRO C 3 9  ? -2.916  -0.973  -3.556 1.00 16.79 ?  9   PRO G CD    1 
HETATM 324 N  N     . SAR C 3 10 ? -3.862  -4.965  -1.357 1.00 17.49 ?  10  SAR G N     1 
HETATM 325 C  CA    . SAR C 3 10 ? -4.031  -4.683  0.052  1.00 17.14 ?  10  SAR G CA    1 
HETATM 326 C  C     . SAR C 3 10 ? -2.748  -5.046  0.799  1.00 13.74 ?  10  SAR G C     1 
HETATM 327 O  O     . SAR C 3 10 ? -1.774  -5.331  0.206  1.00 15.96 ?  10  SAR G O     1 
HETATM 328 C  CN    . SAR C 3 10 ? -4.388  -6.270  -1.714 1.00 20.82 ?  10  SAR G CN    1 
HETATM 329 N  N     . MVA C 3 11 ? -2.826  -5.020  2.121  1.00 14.97 ?  11  MVA G N     1 
HETATM 330 C  CN    . MVA C 3 11 ? -3.970  -4.499  2.855  1.00 14.39 ?  11  MVA G CN    1 
HETATM 331 C  CA    . MVA C 3 11 ? -1.761  -5.492  3.003  1.00 12.08 ?  11  MVA G CA    1 
HETATM 332 C  CB    . MVA C 3 11 ? -1.550  -7.005  2.847  1.00 14.27 ?  11  MVA G CB    1 
HETATM 333 C  CG1   . MVA C 3 11 ? -0.731  -7.485  4.028  1.00 13.70 ?  11  MVA G CG1   1 
HETATM 334 C  CG2   . MVA C 3 11 ? -2.854  -7.807  2.787  1.00 17.15 ?  11  MVA G CG2   1 
HETATM 335 C  C     . MVA C 3 11 ? -0.432  -4.757  2.774  1.00 14.48 ?  11  MVA G C     1 
HETATM 336 O  O     . MVA C 3 11 ? 0.557   -5.215  2.308  1.00 15.01 ?  11  MVA G O     1 
HETATM 337 C  C1    . DM2 D 4 .  ? -14.723 -1.819  2.728  1.00 16.40 ?  101 DM2 A C1    1 
HETATM 338 C  C2    . DM2 D 4 .  ? -15.608 -1.055  3.464  1.00 16.83 ?  101 DM2 A C2    1 
HETATM 339 C  C3    . DM2 D 4 .  ? -15.509 -0.975  4.850  1.00 17.41 ?  101 DM2 A C3    1 
HETATM 340 C  C4    . DM2 D 4 .  ? -14.510 -1.661  5.531  1.00 14.76 ?  101 DM2 A C4    1 
HETATM 341 O  O4    . DM2 D 4 .  ? -14.354 -1.645  6.919  1.00 17.37 ?  101 DM2 A O4    1 
HETATM 342 C  C5    . DM2 D 4 .  ? -13.613 -2.438  4.793  1.00 14.81 ?  101 DM2 A C5    1 
HETATM 343 C  C6    . DM2 D 4 .  ? -12.482 -3.189  5.525  1.00 12.90 ?  101 DM2 A C6    1 
HETATM 344 O  O6    . DM2 D 4 .  ? -12.339 -3.135  6.722  1.00 14.81 ?  101 DM2 A O6    1 
HETATM 345 C  C7    . DM2 D 4 .  ? -11.509 -4.016  4.688  1.00 13.26 ?  101 DM2 A C7    1 
HETATM 346 C  C8    . DM2 D 4 .  ? -10.455 -4.754  5.311  1.00 9.26  ?  101 DM2 A C8    1 
HETATM 347 O  O8    . DM2 D 4 .  ? -10.429 -4.601  6.684  1.00 12.88 ?  101 DM2 A O8    1 
HETATM 348 C  C9    . DM2 D 4 .  ? -9.575  -5.486  4.586  1.00 11.09 ?  101 DM2 A C9    1 
HETATM 349 C  C10   . DM2 D 4 .  ? -8.495  -6.290  5.387  1.00 10.65 ?  101 DM2 A C10   1 
HETATM 350 O  O10   . DM2 D 4 .  ? -9.290  -7.328  6.049  1.00 12.23 ?  101 DM2 A O10   1 
HETATM 351 C  C11   . DM2 D 4 .  ? -7.498  -7.052  4.595  1.00 11.54 ?  101 DM2 A C11   1 
HETATM 352 C  C12   . DM2 D 4 .  ? -7.790  -7.262  3.148  1.00 10.47 ?  101 DM2 A C12   1 
HETATM 353 O  O12   . DM2 D 4 .  ? -8.745  -8.332  3.390  1.00 14.90 ?  101 DM2 A O12   1 
HETATM 354 C  C13   . DM2 D 4 .  ? -6.818  -8.108  2.334  1.00 12.86 ?  101 DM2 A C13   1 
HETATM 355 O  O13   . DM2 D 4 .  ? -6.054  -7.473  1.696  1.00 14.78 ?  101 DM2 A O13   1 
HETATM 356 C  C14   . DM2 D 4 .  ? -6.740  -9.626  2.345  1.00 15.78 ?  101 DM2 A C14   1 
HETATM 357 O  O14   . DM2 D 4 .  ? -5.515  -9.925  1.743  1.00 15.45 ?  101 DM2 A O14   1 
HETATM 358 C  C15   . DM2 D 4 .  ? -8.725  -6.434  2.357  1.00 13.06 ?  101 DM2 A C15   1 
HETATM 359 C  C16   . DM2 D 4 .  ? -9.694  -5.556  3.198  1.00 12.19 ?  101 DM2 A C16   1 
HETATM 360 C  C17   . DM2 D 4 .  ? -10.709 -4.862  2.576  1.00 11.36 ?  101 DM2 A C17   1 
HETATM 361 O  O17   . DM2 D 4 .  ? -10.848 -4.898  1.193  1.00 12.59 ?  101 DM2 A O17   1 
HETATM 362 C  C18   . DM2 D 4 .  ? -11.633 -4.077  3.283  1.00 11.32 ?  101 DM2 A C18   1 
HETATM 363 C  C19   . DM2 D 4 .  ? -12.752 -3.344  2.550  1.00 11.70 ?  101 DM2 A C19   1 
HETATM 364 O  O19   . DM2 D 4 .  ? -12.851 -3.406  1.358  1.00 14.55 ?  101 DM2 A O19   1 
HETATM 365 C  C20   . DM2 D 4 .  ? -13.722 -2.509  3.406  1.00 14.65 ?  101 DM2 A C20   1 
HETATM 366 C  C21   . DM2 D 4 .  ? -15.302 -0.865  7.625  1.00 20.68 ?  101 DM2 A C21   1 
HETATM 367 C  "C1'" . DM2 D 4 .  ? -8.986  -7.438  7.381  1.00 14.14 ?  101 DM2 A "C1'" 1 
HETATM 368 C  "C2'" . DM2 D 4 .  ? -10.114 -8.154  8.094  1.00 14.19 ?  101 DM2 A "C2'" 1 
HETATM 369 C  "C3'" . DM2 D 4 .  ? -10.230 -9.568  7.658  1.00 12.59 ?  101 DM2 A "C3'" 1 
HETATM 370 N  "N3'" . DM2 D 4 .  ? -11.287 -10.235 8.499  1.00 16.34 ?  101 DM2 A "N3'" 1 
HETATM 371 C  "C4'" . DM2 D 4 .  ? -8.952  -10.345 7.784  1.00 10.65 ?  101 DM2 A "C4'" 1 
HETATM 372 O  "O4'" . DM2 D 4 .  ? -8.563  -10.417 9.162  1.00 14.38 ?  101 DM2 A "O4'" 1 
HETATM 373 C  "C5'" . DM2 D 4 .  ? -7.864  -9.595  7.004  1.00 13.43 ?  101 DM2 A "C5'" 1 
HETATM 374 O  "O5'" . DM2 D 4 .  ? -7.723  -8.226  7.510  1.00 12.37 ?  101 DM2 A "O5'" 1 
HETATM 375 C  "C6'" . DM2 D 4 .  ? -6.532  -10.295 7.146  1.00 13.24 ?  101 DM2 A "C6'" 1 
HETATM 376 MN MN    . MN  E 5 .  ? -6.787  9.017   5.841  1.00 27.63 ?  102 MN  A MN    1 
HETATM 377 MN MN    . MN  F 5 .  ? -14.617 -5.749  -1.908 1.00 28.08 ?  103 MN  A MN    1 
HETATM 378 MN MN    . MN  G 5 .  ? -10.944 0.767   8.032  1.00 16.93 ?  101 MN  B MN    1 
HETATM 379 CL CL    . CL  H 6 .  ? -3.825  -7.684  11.849 0.50 16.55 ?  102 CL  B CL    1 
HETATM 380 O  O     . HOH I 7 .  ? -5.685  15.951  0.035  1.00 44.39 ?  201 HOH A O     1 
HETATM 381 O  O     . HOH I 7 .  ? -4.825  -12.095 0.859  1.00 35.29 ?  202 HOH A O     1 
HETATM 382 O  O     . HOH I 7 .  ? -3.392  17.464  -0.275 1.00 28.69 ?  203 HOH A O     1 
HETATM 383 O  O     . HOH I 7 .  ? -6.636  11.231  -1.730 1.00 33.60 ?  204 HOH A O     1 
HETATM 384 O  O     . HOH I 7 .  ? -2.016  16.994  5.225  1.00 31.82 ?  205 HOH A O     1 
HETATM 385 O  O     . HOH I 7 .  ? -5.553  7.113   6.326  1.00 25.21 ?  206 HOH A O     1 
HETATM 386 O  O     . HOH I 7 .  ? -8.730  -14.387 -4.105 1.00 37.31 ?  207 HOH A O     1 
HETATM 387 O  O     . HOH I 7 .  ? -5.027  10.114  5.811  1.00 16.53 ?  208 HOH A O     1 
HETATM 388 O  O     . HOH I 7 .  ? -7.679  -8.581  10.907 1.00 22.23 ?  209 HOH A O     1 
HETATM 389 O  O     . HOH I 7 .  ? -14.323 -3.742  -0.865 1.00 31.23 ?  210 HOH A O     1 
HETATM 390 O  O     . HOH I 7 .  ? -5.339  -6.988  7.393  1.00 15.16 ?  211 HOH A O     1 
HETATM 391 O  O     . HOH I 7 .  ? -14.951 -7.882  -2.563 1.00 38.20 ?  212 HOH A O     1 
HETATM 392 O  O     . HOH I 7 .  ? -16.472 -6.066  -0.527 1.00 25.44 ?  213 HOH A O     1 
HETATM 393 O  O     . HOH I 7 .  ? -11.031 -13.015 -3.306 1.00 40.07 ?  214 HOH A O     1 
HETATM 394 O  O     . HOH I 7 .  ? -3.490  1.869   -6.329 1.00 35.11 ?  215 HOH A O     1 
HETATM 395 O  O     . HOH I 7 .  ? -6.640  8.464   4.000  1.00 22.65 ?  216 HOH A O     1 
HETATM 396 O  O     . HOH I 7 .  ? -11.418 -12.947 7.602  1.00 16.84 ?  217 HOH A O     1 
HETATM 397 O  O     . HOH I 7 .  ? -15.982 -9.410  -0.696 1.00 23.61 ?  218 HOH A O     1 
HETATM 398 O  O     . HOH I 7 .  ? -12.390 -0.624  8.779  1.00 24.86 ?  219 HOH A O     1 
HETATM 399 O  O     . HOH I 7 .  ? -13.419 0.974   0.564  1.00 19.66 ?  220 HOH A O     1 
HETATM 400 O  O     . HOH I 7 .  ? -3.267  9.353   8.067  1.00 20.65 ?  221 HOH A O     1 
HETATM 401 O  O     . HOH I 7 .  ? -12.918 -5.714  -3.251 1.00 39.65 ?  222 HOH A O     1 
HETATM 402 O  O     . HOH I 7 .  ? -11.483 3.727   3.977  1.00 29.35 ?  223 HOH A O     1 
HETATM 403 O  O     . HOH I 7 .  ? -8.126  7.347   -2.947 1.00 29.46 ?  224 HOH A O     1 
HETATM 404 O  O     . HOH I 7 .  ? -5.274  13.099  5.219  1.00 36.28 ?  225 HOH A O     1 
HETATM 405 O  O     . HOH I 7 .  ? -7.838  5.831   -7.790 1.00 38.44 ?  226 HOH A O     1 
HETATM 406 O  O     . HOH I 7 .  ? -9.651  5.938   -6.063 1.00 37.45 ?  227 HOH A O     1 
HETATM 407 O  O     . HOH I 7 .  ? -14.676 -1.135  -0.965 1.00 33.94 ?  228 HOH A O     1 
HETATM 408 O  O     . HOH I 7 .  ? -7.152  9.951   1.904  1.00 39.34 ?  229 HOH A O     1 
HETATM 409 O  O     . HOH I 7 .  ? -7.018  8.739   -0.118 1.00 29.36 ?  230 HOH A O     1 
HETATM 410 O  O     . HOH I 7 .  ? -5.454  17.284  -1.819 1.00 31.38 ?  231 HOH A O     1 
HETATM 411 O  O     . HOH I 7 .  ? -7.246  13.712  0.324  1.00 41.07 ?  232 HOH A O     1 
HETATM 412 O  O     . HOH I 7 .  ? -8.851  10.468  -3.583 1.00 51.04 ?  233 HOH A O     1 
HETATM 413 O  O     . HOH I 7 .  ? -6.085  11.886  2.175  1.00 31.60 ?  234 HOH A O     1 
HETATM 414 O  O     . HOH I 7 .  ? -16.026 -4.598  -3.178 1.00 26.35 ?  235 HOH A O     1 
HETATM 415 O  O     . HOH I 7 .  ? -14.780 -11.105 -2.966 1.00 32.51 ?  236 HOH A O     1 
HETATM 416 O  O     . HOH I 7 .  ? -12.650 2.688   -1.645 1.00 25.67 ?  237 HOH A O     1 
HETATM 417 O  O     . HOH I 7 .  ? -11.382 4.337   -2.601 1.00 43.37 ?  238 HOH A O     1 
HETATM 418 O  O     . HOH I 7 .  ? -17.409 -7.095  -3.257 1.00 42.63 ?  239 HOH A O     1 
HETATM 419 O  O     . HOH I 7 .  ? -8.446  7.663   6.251  1.00 31.39 ?  240 HOH A O     1 
HETATM 420 O  O     . HOH I 7 .  ? -6.974  9.972   7.740  1.00 32.48 ?  241 HOH A O     1 
HETATM 421 O  O     . HOH I 7 .  ? -8.238  10.670  5.336  1.00 33.31 ?  242 HOH A O     1 
HETATM 422 O  O     . HOH I 7 .  ? -5.919  12.326  7.936  1.00 36.32 ?  243 HOH A O     1 
HETATM 423 O  O     . HOH I 7 .  ? -15.060 2.648   -2.934 1.00 31.24 ?  244 HOH A O     1 
HETATM 424 O  O     . HOH J 7 .  ? -3.497  -0.907  10.790 1.00 28.30 ?  201 HOH B O     1 
HETATM 425 O  O     . HOH J 7 .  ? -11.862 0.664   6.180  1.00 16.06 ?  202 HOH B O     1 
HETATM 426 O  O     . HOH J 7 .  ? -23.713 -8.691  8.901  1.00 34.48 ?  203 HOH B O     1 
HETATM 427 O  O     . HOH J 7 .  ? 0.327   7.698   10.127 1.00 16.11 ?  204 HOH B O     1 
HETATM 428 O  O     . HOH J 7 .  ? 9.158   5.079   2.578  1.00 27.68 ?  205 HOH B O     1 
HETATM 429 O  O     . HOH J 7 .  ? 1.015   -2.585  11.633 1.00 35.25 ?  206 HOH B O     1 
HETATM 430 O  O     . HOH J 7 .  ? -20.140 -3.554  12.409 1.00 38.20 ?  207 HOH B O     1 
HETATM 431 O  O     . HOH J 7 .  ? -18.992 -7.684  2.817  1.00 22.25 ?  208 HOH B O     1 
HETATM 432 O  O     . HOH J 7 .  ? -5.056  -4.867  5.864  1.00 15.93 ?  209 HOH B O     1 
HETATM 433 O  O     . HOH J 7 .  ? 4.885   8.450   2.351  0.50 14.19 ?  210 HOH B O     1 
HETATM 434 O  O     . HOH J 7 .  ? 11.570  5.726   6.366  1.00 14.95 ?  211 HOH B O     1 
HETATM 435 O  O     . HOH J 7 .  ? -13.462 -8.859  9.430  1.00 18.45 ?  212 HOH B O     1 
HETATM 436 O  O     . HOH J 7 .  ? 6.873   -1.445  5.573  1.00 15.65 ?  213 HOH B O     1 
HETATM 437 O  O     . HOH J 7 .  ? -6.847  1.065   9.219  1.00 18.87 ?  214 HOH B O     1 
HETATM 438 O  O     . HOH J 7 .  ? 4.278   -2.176  5.119  1.00 12.40 ?  215 HOH B O     1 
HETATM 439 O  O     . HOH J 7 .  ? -20.155 -5.621  5.249  1.00 21.30 ?  216 HOH B O     1 
HETATM 440 O  O     . HOH J 7 .  ? -9.375  2.030   6.768  1.00 21.46 ?  217 HOH B O     1 
HETATM 441 O  O     . HOH J 7 .  ? -3.689  5.629   10.155 1.00 27.73 ?  218 HOH B O     1 
HETATM 442 O  O     . HOH J 7 .  ? -18.060 -8.016  15.691 0.50 38.49 ?  219 HOH B O     1 
HETATM 443 O  O     . HOH J 7 .  ? -9.530  1.132   9.664  1.00 19.35 ?  220 HOH B O     1 
HETATM 444 O  O     . HOH J 7 .  ? -5.500  -7.077  13.203 1.00 28.94 ?  221 HOH B O     1 
HETATM 445 O  O     . HOH J 7 .  ? -4.729  -7.913  9.854  1.00 23.89 ?  222 HOH B O     1 
HETATM 446 O  O     . HOH J 7 .  ? -2.497  8.041   10.305 1.00 27.31 ?  223 HOH B O     1 
HETATM 447 O  O     . HOH J 7 .  ? -6.388  -4.797  14.281 1.00 35.19 ?  224 HOH B O     1 
HETATM 448 O  O     . HOH J 7 .  ? -18.263 -8.199  -0.146 1.00 22.43 ?  225 HOH B O     1 
HETATM 449 O  O     . HOH J 7 .  ? 9.804   1.337   3.100  1.00 38.50 ?  226 HOH B O     1 
HETATM 450 O  O     . HOH J 7 .  ? 8.283   -0.506  3.408  1.00 26.50 ?  227 HOH B O     1 
HETATM 451 O  O     . HOH J 7 .  ? -11.983 2.535   8.494  1.00 16.43 ?  228 HOH B O     1 
HETATM 452 O  O     . HOH J 7 .  ? -1.209  0.476   10.419 1.00 38.23 ?  229 HOH B O     1 
HETATM 453 O  O     . HOH J 7 .  ? -2.647  3.378   11.716 1.00 29.39 ?  230 HOH B O     1 
HETATM 454 O  O     . HOH J 7 .  ? 0.672   6.084   12.445 1.00 34.83 ?  231 HOH B O     1 
HETATM 455 O  O     . HOH J 7 .  ? -7.015  3.968   9.695  1.00 32.34 ?  232 HOH B O     1 
HETATM 456 O  O     . HOH J 7 .  ? -10.884 4.862   8.175  1.00 31.66 ?  233 HOH B O     1 
HETATM 457 O  O     . HOH K 7 .  ? 4.303   -2.788  1.357  1.00 25.00 ?  101 HOH G O     1 
HETATM 458 O  O     . HOH K 7 .  ? 0.207   -0.181  -5.244 1.00 36.98 ?  102 HOH G O     1 
HETATM 459 O  O     . HOH K 7 .  ? -2.590  -3.576  -5.851 1.00 38.59 ?  103 HOH G O     1 
HETATM 460 O  O     . HOH K 7 .  ? -0.615  -7.626  -0.733 1.00 19.88 ?  104 HOH G O     1 
HETATM 461 O  O     . HOH K 7 .  ? 4.904   4.507   -3.657 1.00 25.31 ?  105 HOH G O     1 
HETATM 462 O  O     . HOH K 7 .  ? 1.214   2.790   -6.295 1.00 37.11 ?  106 HOH G O     1 
HETATM 463 O  O     . HOH K 7 .  ? 8.590   2.682   1.156  1.00 38.95 ?  107 HOH G O     1 
HETATM 464 O  O     . HOH K 7 .  ? 6.983   0.051   1.267  1.00 31.07 ?  108 HOH G O     1 
HETATM 465 O  O     . HOH K 7 .  ? -8.400  5.281   -1.604 1.00 33.48 ?  109 HOH G O     1 
HETATM 466 O  O     . HOH K 7 .  ? -10.839 5.176   -0.629 1.00 39.59 ?  110 HOH G O     1 
HETATM 467 O  O     . HOH K 7 .  ? 5.025   8.558   -0.584 1.00 22.60 ?  111 HOH G O     1 
HETATM 468 O  O     . HOH K 7 .  ? -1.811  0.500   -6.982 1.00 41.49 ?  112 HOH G O     1 
HETATM 469 O  O     . HOH K 7 .  ? 7.931   7.761   -1.307 0.50 26.14 ?  113 HOH G O     1 
# 
loop_
_atom_site_anisotrop.id 
_atom_site_anisotrop.type_symbol 
_atom_site_anisotrop.pdbx_label_atom_id 
_atom_site_anisotrop.pdbx_label_alt_id 
_atom_site_anisotrop.pdbx_label_comp_id 
_atom_site_anisotrop.pdbx_label_asym_id 
_atom_site_anisotrop.pdbx_label_seq_id 
_atom_site_anisotrop.pdbx_PDB_ins_code 
_atom_site_anisotrop.U[1][1] 
_atom_site_anisotrop.U[2][2] 
_atom_site_anisotrop.U[3][3] 
_atom_site_anisotrop.U[1][2] 
_atom_site_anisotrop.U[1][3] 
_atom_site_anisotrop.U[2][3] 
_atom_site_anisotrop.pdbx_auth_seq_id 
_atom_site_anisotrop.pdbx_auth_comp_id 
_atom_site_anisotrop.pdbx_auth_asym_id 
_atom_site_anisotrop.pdbx_auth_atom_id 
1   P  P     . DA  A 1  ? 0.2857 0.2877 0.3960 -0.0153 -0.0643 0.0087  1   DA  A P     
2   O  OP1   . DA  A 1  ? 0.5108 0.5112 0.6239 -0.0165 -0.0682 0.0127  1   DA  A OP1   
3   O  OP2   . DA  A 1  ? 0.3290 0.3370 0.4460 -0.0107 -0.0609 0.0061  1   DA  A OP2   
4   O  "O5'" . DA  A 1  ? 0.2308 0.2299 0.3304 -0.0199 -0.0630 0.0087  1   DA  A "O5'" 
5   C  "C5'" . DA  A 1  ? 0.2055 0.2045 0.3027 -0.0228 -0.0641 0.0118  1   DA  A "C5'" 
6   C  "C4'" . DA  A 1  ? 0.1864 0.1811 0.2716 -0.0273 -0.0632 0.0122  1   DA  A "C4'" 
7   O  "O4'" . DA  A 1  ? 0.1431 0.1393 0.2245 -0.0270 -0.0592 0.0089  1   DA  A "O4'" 
8   C  "C3'" . DA  A 1  ? 0.1549 0.1490 0.2374 -0.0302 -0.0647 0.0156  1   DA  A "C3'" 
9   O  "O3'" . DA  A 1  ? 0.1753 0.1647 0.2469 -0.0339 -0.0645 0.0163  1   DA  A "O3'" 
10  C  "C2'" . DA  A 1  ? 0.1367 0.1356 0.2216 -0.0292 -0.0618 0.0141  1   DA  A "C2'" 
11  C  "C1'" . DA  A 1  ? 0.1396 0.1381 0.2204 -0.0283 -0.0582 0.0100  1   DA  A "C1'" 
12  N  N9    . DA  A 1  ? 0.1004 0.1043 0.1879 -0.0247 -0.0555 0.0071  1   DA  A N9    
13  C  C8    . DA  A 1  ? 0.1321 0.1415 0.2303 -0.0208 -0.0557 0.0073  1   DA  A C8    
14  N  N7    . DA  A 1  ? 0.1191 0.1322 0.2194 -0.0169 -0.0512 0.0040  1   DA  A N7    
15  C  C5    . DA  A 1  ? 0.0790 0.0889 0.1696 -0.0185 -0.0483 0.0016  1   DA  A C5    
16  C  C6    . DA  A 1  ? 0.0987 0.1098 0.1853 -0.0157 -0.0429 -0.0023 1   DA  A C6    
17  N  N6    . DA  A 1  ? 0.1175 0.1336 0.2096 -0.0106 -0.0392 -0.0045 1   DA  A N6    
18  N  N1    . DA  A 1  ? 0.1079 0.1150 0.1844 -0.0183 -0.0413 -0.0040 1   DA  A N1    
19  C  C2    . DA  A 1  ? 0.0988 0.1009 0.1697 -0.0234 -0.0449 -0.0018 1   DA  A C2    
20  N  N3    . DA  A 1  ? 0.1054 0.1060 0.1792 -0.0263 -0.0500 0.0018  1   DA  A N3    
21  C  C4    . DA  A 1  ? 0.0882 0.0928 0.1719 -0.0236 -0.0515 0.0034  1   DA  A C4    
22  P  P     . DG  A 2  ? 0.1912 0.1787 0.2584 -0.0372 -0.0666 0.0201  2   DG  A P     
23  O  OP1   . DG  A 2  ? 0.2177 0.2000 0.2752 -0.0399 -0.0669 0.0207  2   DG  A OP1   
24  O  OP2   . DG  A 2  ? 0.1759 0.1656 0.2520 -0.0361 -0.0700 0.0228  2   DG  A OP2   
25  O  "O5'" . DG  A 2  ? 0.1656 0.1558 0.2301 -0.0382 -0.0637 0.0192  2   DG  A "O5'" 
26  C  "C5'" . DG  A 2  ? 0.1606 0.1488 0.2160 -0.0398 -0.0603 0.0171  2   DG  A "C5'" 
27  C  "C4'" . DG  A 2  ? 0.1703 0.1617 0.2258 -0.0400 -0.0577 0.0161  2   DG  A "C4'" 
28  O  "O4'" . DG  A 2  ? 0.1521 0.1476 0.2148 -0.0368 -0.0560 0.0134  2   DG  A "O4'" 
29  C  "C3'" . DG  A 2  ? 0.1689 0.1624 0.2281 -0.0410 -0.0597 0.0191  2   DG  A "C3'" 
30  O  "O3'" . DG  A 2  ? 0.2250 0.2161 0.2756 -0.0441 -0.0588 0.0200  2   DG  A "O3'" 
31  C  "C2'" . DG  A 2  ? 0.1725 0.1716 0.2399 -0.0385 -0.0579 0.0176  2   DG  A "C2'" 
32  C  "C1'" . DG  A 2  ? 0.1408 0.1399 0.2063 -0.0368 -0.0547 0.0136  2   DG  A "C1'" 
33  N  N9    . DG  A 2  ? 0.1107 0.1150 0.1860 -0.0328 -0.0536 0.0116  2   DG  A N9    
34  C  C8    . DG  A 2  ? 0.0962 0.1045 0.1824 -0.0297 -0.0554 0.0127  2   DG  A C8    
35  N  N7    . DG  A 2  ? 0.1064 0.1193 0.1997 -0.0257 -0.0532 0.0100  2   DG  A N7    
36  C  C5    . DG  A 2  ? 0.0899 0.1015 0.1763 -0.0261 -0.0495 0.0069  2   DG  A C5    
37  C  C6    . DG  A 2  ? 0.0777 0.0919 0.1641 -0.0215 -0.0442 0.0032  2   DG  A C6    
38  O  O6    . DG  A 2  ? 0.1050 0.1235 0.1986 -0.0165 -0.0422 0.0017  2   DG  A O6    
39  N  N1    . DG  A 2  ? 0.0779 0.0890 0.1541 -0.0232 -0.0410 0.0009  2   DG  A N1    
40  C  C2    . DG  A 2  ? 0.0820 0.0882 0.1493 -0.0285 -0.0427 0.0021  2   DG  A C2    
41  N  N2    . DG  A 2  ? 0.0982 0.1022 0.1565 -0.0291 -0.0392 -0.0005 2   DG  A N2    
42  N  N3    . DG  A 2  ? 0.0918 0.0954 0.1583 -0.0325 -0.0472 0.0056  2   DG  A N3    
43  C  C4    . DG  A 2  ? 0.0992 0.1057 0.1750 -0.0308 -0.0501 0.0079  2   DG  A C4    
44  P  P     . DC  A 3  ? 0.2306 0.2217 0.2814 -0.0462 -0.0614 0.0237  3   DC  A P     
45  O  OP1   . DC  A 3  ? 0.2756 0.2628 0.3158 -0.0491 -0.0604 0.0241  3   DC  A OP1   
46  O  OP2   . DC  A 3  ? 0.2882 0.2798 0.3464 -0.0453 -0.0654 0.0261  3   DC  A OP2   
47  O  "O5'" . DC  A 3  ? 0.2440 0.2399 0.2999 -0.0455 -0.0596 0.0230  3   DC  A "O5'" 
48  C  "C5'" . DC  A 3  ? 0.2442 0.2412 0.3005 -0.0474 -0.0608 0.0254  3   DC  A "C5'" 
49  C  "C4'" . DC  A 3  ? 0.2204 0.2197 0.2750 -0.0480 -0.0573 0.0239  3   DC  A "C4'" 
50  O  "O4'" . DC  A 3  ? 0.2091 0.2126 0.2708 -0.0449 -0.0555 0.0217  3   DC  A "O4'" 
51  C  "C3'" . DC  A 3  ? 0.1925 0.1936 0.2486 -0.0496 -0.0583 0.0261  3   DC  A "C3'" 
52  O  "O3'" . DC  A 3  ? 0.2859 0.2838 0.3322 -0.0523 -0.0570 0.0263  3   DC  A "O3'" 
53  C  "C2'" . DC  A 3  ? 0.2189 0.2253 0.2823 -0.0476 -0.0562 0.0247  3   DC  A "C2'" 
54  C  "C1'" . DC  A 3  ? 0.1492 0.1559 0.2126 -0.0455 -0.0536 0.0215  3   DC  A "C1'" 
55  N  N1    . DC  A 3  ? 0.1698 0.1817 0.2436 -0.0419 -0.0526 0.0201  3   DC  A N1    
56  C  C2    . DC  A 3  ? 0.1193 0.1331 0.1932 -0.0404 -0.0490 0.0170  3   DC  A C2    
57  O  O2    . DC  A 3  ? 0.1425 0.1533 0.2074 -0.0424 -0.0465 0.0155  3   DC  A O2    
58  N  N3    . DC  A 3  ? 0.1044 0.1236 0.1885 -0.0365 -0.0480 0.0157  3   DC  A N3    
59  C  C4    . DC  A 3  ? 0.1072 0.1294 0.2003 -0.0342 -0.0504 0.0173  3   DC  A C4    
60  N  N4    . DC  A 3  ? 0.1215 0.1489 0.2239 -0.0297 -0.0488 0.0158  3   DC  A N4    
61  C  C5    . DC  A 3  ? 0.1492 0.1692 0.2420 -0.0359 -0.0542 0.0205  3   DC  A C5    
62  C  C6    . DC  A 3  ? 0.1239 0.1389 0.2070 -0.0398 -0.0553 0.0218  3   DC  A C6    
63  P  P     . DC  A 4  ? 0.2774 0.2759 0.3226 -0.0547 -0.0579 0.0286  4   DC  A P     
64  O  OP1   . DC  A 4  ? 0.3607 0.3544 0.3962 -0.0570 -0.0585 0.0296  4   DC  A OP1   
65  O  OP2   . DC  A 4  ? 0.3060 0.3079 0.3606 -0.0539 -0.0610 0.0308  4   DC  A OP2   
66  O  "O5'" . DC  A 4  ? 0.2533 0.2541 0.2970 -0.0547 -0.0538 0.0264  4   DC  A "O5'" 
67  C  "C5'" . DC  A 4  ? 0.2287 0.2270 0.2646 -0.0551 -0.0504 0.0239  4   DC  A "C5'" 
68  C  "C4'" . DC  A 4  ? 0.1780 0.1793 0.2161 -0.0539 -0.0467 0.0215  4   DC  A "C4'" 
69  O  "O4'" . DC  A 4  ? 0.1837 0.1891 0.2317 -0.0511 -0.0472 0.0207  4   DC  A "O4'" 
70  C  "C3'" . DC  A 4  ? 0.1835 0.1871 0.2224 -0.0554 -0.0456 0.0222  4   DC  A "C3'" 
71  O  "O3'" . DC  A 4  ? 0.2106 0.2118 0.2408 -0.0565 -0.0422 0.0205  4   DC  A "O3'" 
72  C  "C2'" . DC  A 4  ? 0.2123 0.2214 0.2616 -0.0531 -0.0448 0.0214  4   DC  A "C2'" 
73  C  "C1'" . DC  A 4  ? 0.1526 0.1621 0.2050 -0.0504 -0.0447 0.0197  4   DC  A "C1'" 
74  N  N1    . DC  A 4  ? 0.1492 0.1636 0.2137 -0.0473 -0.0462 0.0200  4   DC  A N1    
75  C  C2    . DC  A 4  ? 0.1323 0.1501 0.2025 -0.0443 -0.0438 0.0176  4   DC  A C2    
76  O  O2    . DC  A 4  ? 0.1463 0.1628 0.2110 -0.0446 -0.0405 0.0152  4   DC  A O2    
77  N  N3    . DC  A 4  ? 0.1305 0.1531 0.2119 -0.0409 -0.0449 0.0178  4   DC  A N3    
78  C  C4    . DC  A 4  ? 0.1119 0.1354 0.1983 -0.0407 -0.0484 0.0204  4   DC  A C4    
79  N  N4    . DC  A 4  ? 0.1235 0.1517 0.2207 -0.0370 -0.0490 0.0205  4   DC  A N4    
80  C  C5    . DC  A 4  ? 0.1177 0.1376 0.1985 -0.0441 -0.0510 0.0230  4   DC  A C5    
81  C  C6    . DC  A 4  ? 0.1414 0.1570 0.2114 -0.0472 -0.0498 0.0227  4   DC  A C6    
82  P  P     . DG  A 5  ? 0.2461 0.2470 0.2720 -0.0588 -0.0408 0.0213  5   DG  A P     
83  O  OP1   . DG  A 5  ? 0.2762 0.2729 0.2912 -0.0596 -0.0385 0.0201  5   DG  A OP1   
84  O  OP2   . DG  A 5  ? 0.2687 0.2706 0.2980 -0.0601 -0.0442 0.0242  5   DG  A OP2   
85  O  "O5'" . DG  A 5  ? 0.2222 0.2273 0.2535 -0.0577 -0.0378 0.0198  5   DG  A "O5'" 
86  C  "C5'" . DG  A 5  ? 0.2102 0.2156 0.2405 -0.0563 -0.0344 0.0170  5   DG  A "C5'" 
87  C  "C4'" . DG  A 5  ? 0.1551 0.1646 0.1904 -0.0557 -0.0315 0.0161  5   DG  A "C4'" 
88  O  "O4'" . DG  A 5  ? 0.1858 0.2005 0.2331 -0.0538 -0.0335 0.0171  5   DG  A "O4'" 
89  C  "C3'" . DG  A 5  ? 0.1843 0.1936 0.2164 -0.0579 -0.0305 0.0172  5   DG  A "C3'" 
90  O  "O3'" . DG  A 5  ? 0.2316 0.2424 0.2629 -0.0576 -0.0261 0.0153  5   DG  A "O3'" 
91  C  "C2'" . DG  A 5  ? 0.1741 0.1873 0.2156 -0.0578 -0.0336 0.0195  5   DG  A "C2'" 
92  C  "C1'" . DG  A 5  ? 0.1604 0.1780 0.2114 -0.0547 -0.0332 0.0184  5   DG  A "C1'" 
93  N  N9    . DG  A 5  ? 0.1713 0.1928 0.2326 -0.0533 -0.0364 0.0204  5   DG  A N9    
94  C  C8    . DG  A 5  ? 0.1738 0.1944 0.2360 -0.0545 -0.0404 0.0229  5   DG  A C8    
95  N  N7    . DG  A 5  ? 0.1608 0.1859 0.2333 -0.0526 -0.0425 0.0242  5   DG  A N7    
96  C  C5    . DG  A 5  ? 0.1175 0.1467 0.1964 -0.0497 -0.0396 0.0223  5   DG  A C5    
97  C  C6    . DG  A 5  ? 0.1325 0.1676 0.2234 -0.0462 -0.0398 0.0224  5   DG  A C6    
98  O  O6    . DG  A 5  ? 0.1436 0.1812 0.2415 -0.0450 -0.0427 0.0242  5   DG  A O6    
99  N  N1    . DG  A 5  ? 0.1095 0.1478 0.2041 -0.0434 -0.0360 0.0201  5   DG  A N1    
100 C  C2    . DG  A 5  ? 0.0884 0.1235 0.1741 -0.0436 -0.0319 0.0176  5   DG  A C2    
101 N  N2    . DG  A 5  ? 0.1002 0.1374 0.1871 -0.0385 -0.0268 0.0147  5   DG  A N2    
102 N  N3    . DG  A 5  ? 0.1005 0.1306 0.1763 -0.0480 -0.0323 0.0179  5   DG  A N3    
103 C  C4    . DG  A 5  ? 0.1138 0.1409 0.1861 -0.0503 -0.0359 0.0200  5   DG  A C4    
104 P  P     . DT  A 6  ? 0.2460 0.2544 0.2692 -0.0596 -0.0232 0.0151  6   DT  A P     
105 O  OP1   . DT  A 6  ? 0.3100 0.3132 0.3226 -0.0609 -0.0237 0.0152  6   DT  A OP1   
106 O  OP2   . DT  A 6  ? 0.2611 0.2730 0.2909 -0.0605 -0.0242 0.0169  6   DT  A OP2   
107 O  "O5'" . DT  A 6  ? 0.2822 0.2912 0.3027 -0.0585 -0.0180 0.0123  6   DT  A "O5'" 
108 C  "C5'" . DT  A 6  ? 0.2229 0.2365 0.2498 -0.0578 -0.0152 0.0119  6   DT  A "C5'" 
109 C  "C4'" . DT  A 6  ? 0.1947 0.2120 0.2290 -0.0526 -0.0140 0.0102  6   DT  A "C4'" 
110 O  "O4'" . DT  A 6  ? 0.1713 0.1919 0.2160 -0.0522 -0.0187 0.0124  6   DT  A "O4'" 
111 C  "C3'" . DT  A 6  ? 0.2156 0.2369 0.2536 -0.0480 -0.0087 0.0083  6   DT  A "C3'" 
112 O  "O3'" . DT  A 6  ? 0.2095 0.2322 0.2496 -0.0424 -0.0062 0.0055  6   DT  A "O3'" 
113 C  "C2'" . DT  A 6  ? 0.1519 0.1777 0.2006 -0.0481 -0.0113 0.0107  6   DT  A "C2'" 
114 C  "C1'" . DT  A 6  ? 0.1238 0.1498 0.1775 -0.0482 -0.0165 0.0121  6   DT  A "C1'" 
115 N  N1    . DT  A 6  ? 0.1208 0.1498 0.1834 -0.0501 -0.0214 0.0153  6   DT  A N1    
116 C  C2    . DT  A 6  ? 0.1000 0.1344 0.1736 -0.0459 -0.0214 0.0153  6   DT  A C2    
117 O  O2    . DT  A 6  ? 0.1618 0.1984 0.2379 -0.0408 -0.0175 0.0129  6   DT  A O2    
118 N  N3    . DT  A 6  ? 0.1183 0.1553 0.1995 -0.0479 -0.0261 0.0182  6   DT  A N3    
119 C  C4    . DT  A 6  ? 0.1187 0.1526 0.1957 -0.0522 -0.0299 0.0205  6   DT  A C4    
120 O  O4    . DT  A 6  ? 0.1521 0.1878 0.2343 -0.0521 -0.0331 0.0225  6   DT  A O4    
121 C  C5    . DT  A 6  ? 0.1169 0.1447 0.1812 -0.0552 -0.0289 0.0198  6   DT  A C5    
122 C  C7    . DT  A 6  ? 0.1909 0.2147 0.2489 -0.0580 -0.0318 0.0215  6   DT  A C7    
123 C  C6    . DT  A 6  ? 0.1426 0.1687 0.2014 -0.0549 -0.0253 0.0176  6   DT  A C6    
124 P  P     . DA  B 1  ? 0.3032 0.3870 0.4679 -0.0136 -0.0178 0.0183  2   DA  B P     
125 O  OP1   . DA  B 1  ? 0.2949 0.3801 0.4604 -0.0177 -0.0180 0.0200  2   DA  B OP1   
126 O  OP2   . DA  B 1  ? 0.3883 0.4729 0.5526 -0.0080 -0.0126 0.0154  2   DA  B OP2   
127 O  "O5'" . DA  B 1  ? 0.2746 0.3544 0.4331 -0.0173 -0.0194 0.0185  2   DA  B "O5'" 
128 C  "C5'" . DA  B 1  ? 0.2678 0.3453 0.4255 -0.0155 -0.0216 0.0180  2   DA  B "C5'" 
129 C  "C4'" . DA  B 1  ? 0.2385 0.3144 0.3917 -0.0141 -0.0182 0.0155  2   DA  B "C4'" 
130 O  "O4'" . DA  B 1  ? 0.2325 0.3041 0.3771 -0.0196 -0.0188 0.0161  2   DA  B "O4'" 
131 C  "C3'" . DA  B 1  ? 0.2065 0.2805 0.3593 -0.0109 -0.0193 0.0142  2   DA  B "C3'" 
132 O  "O3'" . DA  B 1  ? 0.2284 0.3027 0.3790 -0.0068 -0.0144 0.0110  2   DA  B "O3'" 
133 C  "C2'" . DA  B 1  ? 0.2103 0.2804 0.3582 -0.0162 -0.0235 0.0158  2   DA  B "C2'" 
134 C  "C1'" . DA  B 1  ? 0.1778 0.2453 0.3173 -0.0204 -0.0211 0.0157  2   DA  B "C1'" 
135 N  N9    . DA  B 1  ? 0.1556 0.2194 0.2902 -0.0266 -0.0255 0.0183  2   DA  B N9    
136 C  C8    . DA  B 1  ? 0.1639 0.2286 0.3024 -0.0293 -0.0303 0.0212  2   DA  B C8    
137 N  N7    . DA  B 1  ? 0.1340 0.1940 0.2648 -0.0344 -0.0332 0.0227  2   DA  B N7    
138 C  C5    . DA  B 1  ? 0.1187 0.1756 0.2419 -0.0358 -0.0303 0.0210  2   DA  B C5    
139 C  C6    . DA  B 1  ? 0.1017 0.1530 0.2143 -0.0405 -0.0312 0.0213  2   DA  B C6    
140 N  N6    . DA  B 1  ? 0.1452 0.1929 0.2527 -0.0444 -0.0350 0.0234  2   DA  B N6    
141 N  N1    . DA  B 1  ? 0.0907 0.1386 0.1946 -0.0395 -0.0269 0.0187  2   DA  B N1    
142 C  C2    . DA  B 1  ? 0.1053 0.1552 0.2107 -0.0341 -0.0221 0.0158  2   DA  B C2    
143 N  N3    . DA  B 1  ? 0.1329 0.1878 0.2477 -0.0294 -0.0208 0.0153  2   DA  B N3    
144 C  C4    . DA  B 1  ? 0.1456 0.2040 0.2692 -0.0305 -0.0252 0.0179  2   DA  B C4    
145 P  P     . DC  B 2  ? 0.2259 0.2988 0.3758 -0.0016 -0.0139 0.0088  3   DC  B P     
146 O  OP1   . DC  B 2  ? 0.2807 0.3541 0.4274 0.0032  -0.0079 0.0057  3   DC  B OP1   
147 O  OP2   . DC  B 2  ? 0.2509 0.3237 0.4049 -0.0009 -0.0181 0.0106  3   DC  B OP2   
148 O  "O5'" . DC  B 2  ? 0.1838 0.2535 0.3295 -0.0044 -0.0156 0.0085  3   DC  B "O5'" 
149 C  "C5'" . DC  B 2  ? 0.2159 0.2820 0.3512 -0.0055 -0.0115 0.0064  3   DC  B "C5'" 
150 C  "C4'" . DC  B 2  ? 0.1469 0.2074 0.2737 -0.0094 -0.0142 0.0068  3   DC  B "C4'" 
151 O  "O4'" . DC  B 2  ? 0.1022 0.1609 0.2274 -0.0154 -0.0185 0.0100  3   DC  B "O4'" 
152 C  "C3'" . DC  B 2  ? 0.1532 0.2131 0.2832 -0.0075 -0.0175 0.0066  3   DC  B "C3'" 
153 O  "O3'" . DC  B 2  ? 0.1826 0.2380 0.3037 -0.0077 -0.0161 0.0045  3   DC  B "O3'" 
154 C  "C2'" . DC  B 2  ? 0.1702 0.2291 0.3025 -0.0123 -0.0237 0.0103  3   DC  B "C2'" 
155 C  "C1'" . DC  B 2  ? 0.1089 0.1647 0.2328 -0.0175 -0.0230 0.0112  3   DC  B "C1'" 
156 N  N1    . DC  B 2  ? 0.1217 0.1767 0.2467 -0.0227 -0.0282 0.0147  3   DC  B N1    
157 C  C2    . DC  B 2  ? 0.0955 0.1457 0.2109 -0.0281 -0.0291 0.0156  3   DC  B C2    
158 O  O2    . DC  B 2  ? 0.1079 0.1550 0.2145 -0.0282 -0.0254 0.0134  3   DC  B O2    
159 N  N3    . DC  B 2  ? 0.0806 0.1298 0.1965 -0.0330 -0.0341 0.0188  3   DC  B N3    
160 C  C4    . DC  B 2  ? 0.1019 0.1541 0.2260 -0.0322 -0.0375 0.0208  3   DC  B C4    
161 N  N4    . DC  B 2  ? 0.1275 0.1770 0.2484 -0.0358 -0.0412 0.0234  3   DC  B N4    
162 C  C5    . DC  B 2  ? 0.1383 0.1951 0.2719 -0.0266 -0.0365 0.0200  3   DC  B C5    
163 C  C6    . DC  B 2  ? 0.1386 0.1970 0.2734 -0.0223 -0.0322 0.0170  3   DC  B C6    
164 P  P     . DG  B 3  ? 0.2426 0.2991 0.3647 -0.0018 -0.0127 0.0009  4   DG  B P     
165 O  OP1   . DG  B 3  ? 0.2834 0.3430 0.4066 0.0024  -0.0072 -0.0013 4   DG  B OP1   
166 O  OP2   . DG  B 3  ? 0.3023 0.3604 0.4325 0.0002  -0.0166 0.0018  4   DG  B OP2   
167 O  "O5'" . DG  B 3  ? 0.1937 0.2444 0.3040 -0.0041 -0.0117 -0.0007 4   DG  B "O5'" 
168 C  "C5'" . DG  B 3  ? 0.1596 0.2078 0.2607 -0.0065 -0.0085 -0.0015 4   DG  B "C5'" 
169 C  "C4'" . DG  B 3  ? 0.1516 0.1943 0.2423 -0.0095 -0.0089 -0.0025 4   DG  B "C4'" 
170 O  "O4'" . DG  B 3  ? 0.1595 0.1993 0.2492 -0.0146 -0.0145 0.0005  4   DG  B "O4'" 
171 C  "C3'" . DG  B 3  ? 0.1457 0.1877 0.2355 -0.0058 -0.0077 -0.0053 4   DG  B "C3'" 
172 O  "O3'" . DG  B 3  ? 0.1523 0.1897 0.2308 -0.0079 -0.0058 -0.0070 4   DG  B "O3'" 
173 C  "C2'" . DG  B 3  ? 0.1630 0.2043 0.2578 -0.0073 -0.0135 -0.0031 4   DG  B "C2'" 
174 C  "C1'" . DG  B 3  ? 0.1109 0.1490 0.2012 -0.0138 -0.0170 0.0001  4   DG  B "C1'" 
175 N  N9    . DG  B 3  ? 0.1221 0.1608 0.2190 -0.0161 -0.0227 0.0034  4   DG  B N9    
176 C  C8    . DG  B 3  ? 0.1366 0.1796 0.2444 -0.0131 -0.0246 0.0045  4   DG  B C8    
177 N  N7    . DG  B 3  ? 0.1331 0.1756 0.2445 -0.0163 -0.0301 0.0077  4   DG  B N7    
178 C  C5    . DG  B 3  ? 0.0957 0.1330 0.1978 -0.0217 -0.0317 0.0087  4   DG  B C5    
179 C  C6    . DG  B 3  ? 0.1129 0.1475 0.2138 -0.0269 -0.0370 0.0120  4   DG  B C6    
180 O  O6    . DG  B 3  ? 0.1238 0.1599 0.2316 -0.0277 -0.0416 0.0147  4   DG  B O6    
181 N  N1    . DG  B 3  ? 0.0977 0.1274 0.1878 -0.0313 -0.0368 0.0120  4   DG  B N1    
182 C  C2    . DG  B 3  ? 0.0825 0.1101 0.1641 -0.0308 -0.0321 0.0091  4   DG  B C2    
183 N  N2    . DG  B 3  ? 0.1128 0.1355 0.1845 -0.0354 -0.0327 0.0095  4   DG  B N2    
184 N  N3    . DG  B 3  ? 0.1206 0.1508 0.2034 -0.0260 -0.0271 0.0061  4   DG  B N3    
185 C  C4    . DG  B 3  ? 0.0952 0.1303 0.1885 -0.0216 -0.0272 0.0061  4   DG  B C4    
186 P  P     . DG  B 4  ? 0.1945 0.2305 0.2685 -0.0044 -0.0030 -0.0107 5   DG  B P     
187 O  OP1   . DG  B 4  ? 0.2349 0.2710 0.3025 -0.0026 0.0028  -0.0134 5   DG  B OP1   
188 O  OP2   . DG  B 4  ? 0.2163 0.2555 0.2991 -0.0001 -0.0040 -0.0116 5   DG  B OP2   
189 O  "O5'" . DG  B 4  ? 0.1848 0.2154 0.2511 -0.0097 -0.0064 -0.0097 5   DG  B "O5'" 
190 C  "C5'" . DG  B 4  ? 0.1105 0.1372 0.1678 -0.0147 -0.0065 -0.0086 5   DG  B "C5'" 
191 C  "C4'" . DG  B 4  ? 0.1146 0.1365 0.1661 -0.0187 -0.0101 -0.0078 5   DG  B "C4'" 
192 O  "O4'" . DG  B 4  ? 0.1093 0.1310 0.1664 -0.0217 -0.0158 -0.0043 5   DG  B "O4'" 
193 C  "C3'" . DG  B 4  ? 0.0922 0.1133 0.1428 -0.0157 -0.0093 -0.0106 5   DG  B "C3'" 
194 O  "O3'" . DG  B 4  ? 0.1070 0.1232 0.1470 -0.0189 -0.0091 -0.0115 5   DG  B "O3'" 
195 C  "C2'" . DG  B 4  ? 0.1110 0.1331 0.1702 -0.0155 -0.0143 -0.0086 5   DG  B "C2'" 
196 C  "C1'" . DG  B 4  ? 0.1032 0.1238 0.1627 -0.0209 -0.0186 -0.0045 5   DG  B "C1'" 
197 N  N9    . DG  B 4  ? 0.0980 0.1216 0.1680 -0.0203 -0.0225 -0.0019 5   DG  B N9    
198 C  C8    . DG  B 4  ? 0.0993 0.1279 0.1791 -0.0154 -0.0215 -0.0024 5   DG  B C8    
199 N  N7    . DG  B 4  ? 0.1128 0.1432 0.2004 -0.0163 -0.0259 0.0005  5   DG  B N7    
200 C  C5    . DG  B 4  ? 0.0944 0.1204 0.1769 -0.0220 -0.0299 0.0031  5   DG  B C5    
201 C  C6    . DG  B 4  ? 0.1089 0.1344 0.1955 -0.0253 -0.0355 0.0067  5   DG  B C6    
202 O  O6    . DG  B 4  ? 0.1284 0.1572 0.2244 -0.0237 -0.0381 0.0084  5   DG  B O6    
203 N  N1    . DG  B 4  ? 0.0918 0.1124 0.1704 -0.0310 -0.0382 0.0084  5   DG  B N1    
204 C  C2    . DG  B 4  ? 0.1223 0.1389 0.1901 -0.0331 -0.0356 0.0067  5   DG  B C2    
205 N  N2    . DG  B 4  ? 0.1261 0.1383 0.1872 -0.0386 -0.0387 0.0087  5   DG  B N2    
206 N  N3    . DG  B 4  ? 0.1262 0.1434 0.1901 -0.0300 -0.0305 0.0032  5   DG  B N3    
207 C  C4    . DG  B 4  ? 0.1047 0.1267 0.1764 -0.0245 -0.0278 0.0016  5   DG  B C4    
208 P  P     . DC  B 5  ? 0.1257 0.1410 0.1607 -0.0157 -0.0056 -0.0156 6   DC  B P     
209 O  OP1   . DC  B 5  ? 0.1316 0.1420 0.1556 -0.0198 -0.0055 -0.0160 6   DC  B OP1   
210 O  OP2   . DC  B 5  ? 0.1303 0.1498 0.1684 -0.0098 -0.0006 -0.0185 6   DC  B OP2   
211 O  "O5'" . DC  B 5  ? 0.1138 0.1296 0.1556 -0.0142 -0.0092 -0.0153 6   DC  B "O5'" 
212 C  "C5'" . DC  B 5  ? 0.1344 0.1507 0.1761 -0.0104 -0.0072 -0.0187 6   DC  B "C5'" 
213 C  "C4'" . DC  B 5  ? 0.1426 0.1556 0.1839 -0.0129 -0.0114 -0.0178 6   DC  B "C4'" 
214 O  "O4'" . DC  B 5  ? 0.1262 0.1409 0.1768 -0.0129 -0.0157 -0.0148 6   DC  B "O4'" 
215 C  "C3'" . DC  B 5  ? 0.1218 0.1347 0.1624 -0.0095 -0.0096 -0.0212 6   DC  B "C3'" 
216 O  "O3'" . DC  B 5  ? 0.1238 0.1322 0.1537 -0.0128 -0.0090 -0.0224 6   DC  B "O3'" 
217 C  "C2'" . DC  B 5  ? 0.1092 0.1223 0.1576 -0.0092 -0.0142 -0.0194 6   DC  B "C2'" 
218 C  "C1'" . DC  B 5  ? 0.1248 0.1375 0.1766 -0.0131 -0.0185 -0.0151 6   DC  B "C1'" 
219 N  N1    . DC  B 5  ? 0.1105 0.1260 0.1733 -0.0113 -0.0217 -0.0129 6   DC  B N1    
220 C  C2    . DC  B 5  ? 0.1015 0.1147 0.1663 -0.0153 -0.0272 -0.0094 6   DC  B C2    
221 O  O2    . DC  B 5  ? 0.1066 0.1151 0.1639 -0.0200 -0.0292 -0.0083 6   DC  B O2    
222 N  N3    . DC  B 5  ? 0.0939 0.1100 0.1687 -0.0135 -0.0301 -0.0073 6   DC  B N3    
223 C  C4    . DC  B 5  ? 0.0984 0.1194 0.1809 -0.0084 -0.0277 -0.0086 6   DC  B C4    
224 N  N4    . DC  B 5  ? 0.1137 0.1375 0.2060 -0.0069 -0.0308 -0.0064 6   DC  B N4    
225 C  C5    . DC  B 5  ? 0.0991 0.1225 0.1797 -0.0046 -0.0222 -0.0121 6   DC  B C5    
226 C  C6    . DC  B 5  ? 0.1242 0.1448 0.1947 -0.0062 -0.0193 -0.0141 6   DC  B C6    
227 P  P     . DT  B 6  ? 0.1350 0.1428 0.1600 -0.0100 -0.0057 -0.0267 7   DT  B P     
228 O  OP1   . DT  B 6  ? 0.1484 0.1536 0.1625 -0.0124 -0.0030 -0.0279 7   DT  B OP1   
229 O  OP2   . DT  B 6  ? 0.1375 0.1501 0.1699 -0.0036 -0.0029 -0.0292 7   DT  B OP2   
230 O  "O5'" . DT  B 6  ? 0.1341 0.1386 0.1593 -0.0126 -0.0100 -0.0258 7   DT  B "O5'" 
231 C  "C5'" . DT  B 6  ? 0.1364 0.1360 0.1556 -0.0186 -0.0136 -0.0231 7   DT  B "C5'" 
232 C  "C4'" . DT  B 6  ? 0.1211 0.1189 0.1447 -0.0203 -0.0184 -0.0211 7   DT  B "C4'" 
233 O  "O4'" . DT  B 6  ? 0.1218 0.1223 0.1552 -0.0191 -0.0211 -0.0184 7   DT  B "O4'" 
234 C  "C3'" . DT  B 6  ? 0.1205 0.1188 0.1465 -0.0166 -0.0174 -0.0242 7   DT  B "C3'" 
235 O  "O3'" . DT  B 6  ? 0.1554 0.1496 0.1726 -0.0193 -0.0170 -0.0258 7   DT  B "O3'" 
236 C  "C2'" . DT  B 6  ? 0.1213 0.1201 0.1564 -0.0166 -0.0221 -0.0215 7   DT  B "C2'" 
237 C  "C1'" . DT  B 6  ? 0.1207 0.1202 0.1591 -0.0189 -0.0246 -0.0176 7   DT  B "C1'" 
238 N  N1    . DT  B 6  ? 0.0823 0.0863 0.1319 -0.0154 -0.0257 -0.0163 7   DT  B N1    
239 C  C2    . DT  B 6  ? 0.0860 0.0894 0.1409 -0.0177 -0.0307 -0.0124 7   DT  B C2    
240 O  O2    . DT  B 6  ? 0.1343 0.1337 0.1853 -0.0227 -0.0343 -0.0098 7   DT  B O2    
241 N  N3    . DT  B 6  ? 0.0998 0.1077 0.1652 -0.0141 -0.0312 -0.0116 7   DT  B N3    
242 C  C4    . DT  B 6  ? 0.1034 0.1160 0.1741 -0.0085 -0.0275 -0.0141 7   DT  B C4    
243 O  O4    . DT  B 6  ? 0.1185 0.1348 0.1986 -0.0057 -0.0286 -0.0130 7   DT  B O4    
244 C  C5    . DT  B 6  ? 0.0987 0.1117 0.1634 -0.0062 -0.0224 -0.0181 7   DT  B C5    
245 C  C7    . DT  B 6  ? 0.1138 0.1320 0.1837 0.0000  -0.0180 -0.0212 7   DT  B C7    
246 C  C6    . DT  B 6  ? 0.0839 0.0927 0.1385 -0.0097 -0.0217 -0.0191 7   DT  B C6    
247 N  N     . THR C 1  ? 0.1244 0.1236 0.1731 -0.0401 -0.0449 0.0085  1   THR G N     
248 C  CA    . THR C 1  ? 0.1262 0.1208 0.1630 -0.0427 -0.0431 0.0080  1   THR G CA    
249 C  C     . THR C 1  ? 0.1435 0.1369 0.1757 -0.0417 -0.0400 0.0043  1   THR G C     
250 O  O     . THR C 1  ? 0.1371 0.1323 0.1750 -0.0389 -0.0400 0.0023  1   THR G O     
251 C  CB    . THR C 1  ? 0.1662 0.1569 0.1990 -0.0442 -0.0458 0.0103  1   THR G CB    
252 O  OG1   . THR C 1  ? 0.1644 0.1546 0.2004 -0.0423 -0.0469 0.0092  1   THR G OG1   
253 C  CG2   . THR C 1  ? 0.1738 0.1651 0.2104 -0.0454 -0.0494 0.0141  1   THR G CG2   
254 N  N     . DVA C 2  ? 0.1673 0.1579 0.1895 -0.0434 -0.0373 0.0034  2   DVA G N     
255 C  CA    . DVA C 2  ? 0.1893 0.1781 0.2057 -0.0425 -0.0344 0.0000  2   DVA G CA    
256 C  CB    . DVA C 2  ? 0.2933 0.2777 0.3000 -0.0439 -0.0337 0.0006  2   DVA G CB    
257 C  CG1   . DVA C 2  ? 0.1846 0.1677 0.1833 -0.0435 -0.0296 -0.0022 2   DVA G CG1   
258 C  CG2   . DVA C 2  ? 0.2464 0.2291 0.2508 -0.0462 -0.0360 0.0043  2   DVA G CG2   
259 C  C     . DVA C 2  ? 0.1516 0.1424 0.1675 -0.0413 -0.0308 -0.0032 2   DVA G C     
260 O  O     . DVA C 2  ? 0.1677 0.1588 0.1798 -0.0425 -0.0288 -0.0032 2   DVA G O     
261 N  N     . PRO C 3  ? 0.1509 0.1434 0.1708 -0.0380 -0.0298 -0.0062 3   PRO G N     
262 C  CA    . PRO C 3  ? 0.1759 0.1689 0.2024 -0.0360 -0.0324 -0.0061 3   PRO G CA    
263 C  C     . PRO C 3  ? 0.1772 0.1660 0.1970 -0.0370 -0.0326 -0.0071 3   PRO G C     
264 O  O     . PRO C 3  ? 0.2066 0.1935 0.2180 -0.0375 -0.0294 -0.0093 3   PRO G O     
265 C  CB    . PRO C 3  ? 0.1600 0.1576 0.1922 -0.0296 -0.0284 -0.0093 3   PRO G CB    
266 C  CG    . PRO C 3  ? 0.1614 0.1589 0.1857 -0.0287 -0.0232 -0.0122 3   PRO G CG    
267 C  CD    . PRO C 3  ? 0.1315 0.1272 0.1507 -0.0334 -0.0241 -0.0098 3   PRO G CD    
268 N  N     . SAR C 4  ? 0.1755 0.1635 0.1990 -0.0367 -0.0355 -0.0056 4   SAR G N     
269 C  CA    . SAR C 4  ? 0.1619 0.1520 0.1951 -0.0359 -0.0393 -0.0028 4   SAR G CA    
270 C  C     . SAR C 4  ? 0.1739 0.1614 0.2038 -0.0388 -0.0418 0.0013  4   SAR G C     
271 O  O     . SAR C 4  ? 0.1870 0.1722 0.2086 -0.0410 -0.0404 0.0019  4   SAR G O     
272 C  CN    . SAR C 4  ? 0.1878 0.1722 0.2055 -0.0372 -0.0352 -0.0061 4   SAR G CN    
273 N  N     . MVA C 5  ? 0.1625 0.1511 0.1997 -0.0384 -0.0455 0.0041  5   MVA G N     
274 C  CN    . MVA C 5  ? 0.1692 0.1615 0.2178 -0.0352 -0.0472 0.0037  5   MVA G CN    
275 C  CA    . MVA C 5  ? 0.1807 0.1669 0.2155 -0.0408 -0.0484 0.0079  5   MVA G CA    
276 C  CB    . MVA C 5  ? 0.2280 0.2097 0.2556 -0.0420 -0.0487 0.0081  5   MVA G CB    
277 C  CG1   . MVA C 5  ? 0.2124 0.1937 0.2441 -0.0398 -0.0494 0.0065  5   MVA G CG1   
278 C  CG2   . MVA C 5  ? 0.2320 0.2113 0.2584 -0.0441 -0.0522 0.0122  5   MVA G CG2   
279 C  C     . MVA C 5  ? 0.2091 0.1954 0.2396 -0.0431 -0.0476 0.0095  5   MVA G C     
280 O  O     . MVA C 5  ? 0.1977 0.1811 0.2200 -0.0452 -0.0467 0.0101  5   MVA G O     
281 C  C1    . PXZ C 6  ? 0.1185 0.1266 0.1859 -0.0368 -0.0471 0.0108  6   PXZ G C1    
282 C  C0    . PXZ C 6  ? 0.1535 0.1563 0.2080 -0.0403 -0.0457 0.0105  6   PXZ G C0    
283 O  O1    . PXZ C 6  ? 0.1836 0.1847 0.2326 -0.0430 -0.0457 0.0121  6   PXZ G O1    
284 C  C2    . PXZ C 6  ? 0.1265 0.1354 0.1994 -0.0368 -0.0506 0.0138  6   PXZ G C2    
285 N  N2    . PXZ C 6  ? 0.1892 0.1938 0.2551 -0.0404 -0.0529 0.0167  6   PXZ G N2    
286 C  C3    . PXZ C 6  ? 0.1429 0.1568 0.2273 -0.0332 -0.0515 0.0141  6   PXZ G C3    
287 O  O3    . PXZ C 6  ? 0.2513 0.2659 0.3403 -0.0331 -0.0544 0.0167  6   PXZ G O3    
288 C  C4    . PXZ C 6  ? 0.1222 0.1405 0.2132 -0.0291 -0.0488 0.0112  6   PXZ G C4    
289 O  O5    . PXZ C 6  ? 0.1347 0.1549 0.2212 -0.0228 -0.0396 0.0047  6   PXZ G O5    
290 C  C6    . PXZ C 6  ? 0.1262 0.1489 0.2086 -0.0162 -0.0303 -0.0017 6   PXZ G C6    
291 C  C7    . PXZ C 6  ? 0.1191 0.1410 0.1943 -0.0147 -0.0255 -0.0052 6   PXZ G C7    
292 C  C8    . PXZ C 6  ? 0.1096 0.1266 0.1740 -0.0189 -0.0252 -0.0055 6   PXZ G C8    
293 C  C9    . PXZ C 6  ? 0.0858 0.0992 0.1471 -0.0245 -0.0298 -0.0023 6   PXZ G C9    
294 C  "C0'" . PXZ C 6  ? 0.1285 0.1363 0.1777 -0.0294 -0.0298 -0.0024 6   PXZ G "C0'" 
295 O  "O1'" . PXZ C 6  ? 0.1524 0.1575 0.1957 -0.0293 -0.0284 -0.0046 6   PXZ G "O1'" 
296 N  N10   . PXZ C 6  ? 0.1064 0.1169 0.1716 -0.0315 -0.0393 0.0043  6   PXZ G N10   
297 C  C11   . PXZ C 6  ? 0.1041 0.1162 0.1770 -0.0325 -0.0438 0.0077  6   PXZ G C11   
298 C  C12   . PXZ C 6  ? 0.1133 0.1301 0.1967 -0.0281 -0.0440 0.0078  6   PXZ G C12   
299 C  C13   . PXZ C 6  ? 0.1068 0.1258 0.1860 -0.0217 -0.0349 0.0015  6   PXZ G C13   
300 C  C14   . PXZ C 6  ? 0.1066 0.1209 0.1752 -0.0260 -0.0347 0.0012  6   PXZ G C14   
301 C  C15   . PXZ C 6  ? 0.1486 0.1723 0.2514 -0.0243 -0.0491 0.0114  6   PXZ G C15   
302 C  C16   . PXZ C 6  ? 0.1427 0.1707 0.2370 -0.0118 -0.0308 -0.0012 6   PXZ G C16   
303 N  N     . THR C 7  ? 0.1165 0.1236 0.1620 -0.0333 -0.0300 -0.0004 7   THR G N     
304 C  CA    . THR C 7  ? 0.1275 0.1298 0.1614 -0.0374 -0.0291 -0.0008 7   THR G CA    
305 C  C     . THR C 7  ? 0.1688 0.1686 0.2006 -0.0433 -0.0333 0.0029  7   THR G C     
306 O  O     . THR C 7  ? 0.1648 0.1673 0.2032 -0.0434 -0.0353 0.0054  7   THR G O     
307 C  CB    . THR C 7  ? 0.1238 0.1268 0.1520 -0.0361 -0.0236 -0.0034 7   THR G CB    
308 O  OG1   . THR C 7  ? 0.1429 0.1489 0.1750 -0.0365 -0.0232 -0.0016 7   THR G OG1   
309 C  CG2   . THR C 7  ? 0.1251 0.1309 0.1549 -0.0302 -0.0189 -0.0073 7   THR G CG2   
310 N  N     . DVA C 8  ? 0.1594 0.1546 0.1805 -0.0452 -0.0323 0.0029  8   DVA G N     
311 C  CA    . DVA C 8  ? 0.1950 0.1884 0.2116 -0.0477 -0.0332 0.0057  8   DVA G CA    
312 C  CB    . DVA C 8  ? 0.2977 0.2877 0.3030 -0.0490 -0.0299 0.0048  8   DVA G CB    
313 C  CG1   . DVA C 8  ? 0.2842 0.2705 0.2829 -0.0506 -0.0315 0.0070  8   DVA G CG1   
314 C  CG2   . DVA C 8  ? 0.2501 0.2396 0.2510 -0.0475 -0.0262 0.0010  8   DVA G CG2   
315 C  C     . DVA C 8  ? 0.2164 0.2083 0.2349 -0.0484 -0.0372 0.0087  8   DVA G C     
316 O  O     . DVA C 8  ? 0.2250 0.2141 0.2406 -0.0482 -0.0382 0.0087  8   DVA G O     
317 N  N     . PRO C 9  ? 0.1892 0.1831 0.2132 -0.0491 -0.0397 0.0115  9   PRO G N     
318 C  CA    . PRO C 9  ? 0.1629 0.1609 0.1927 -0.0490 -0.0390 0.0118  9   PRO G CA    
319 C  C     . PRO C 9  ? 0.1779 0.1748 0.2013 -0.0512 -0.0370 0.0122  9   PRO G C     
320 O  O     . PRO C 9  ? 0.2452 0.2387 0.2610 -0.0529 -0.0373 0.0133  9   PRO G O     
321 C  CB    . PRO C 9  ? 0.1816 0.1817 0.2197 -0.0487 -0.0430 0.0148  9   PRO G CB    
322 C  CG    . PRO C 9  ? 0.1946 0.1907 0.2275 -0.0503 -0.0456 0.0167  9   PRO G CG    
323 C  CD    . PRO C 9  ? 0.2066 0.1992 0.2322 -0.0499 -0.0438 0.0145  9   PRO G CD    
324 N  N     . SAR C 10 ? 0.2125 0.2127 0.2391 -0.0509 -0.0346 0.0114  10  SAR G N     
325 C  CA    . SAR C 10 ? 0.2039 0.2085 0.2390 -0.0486 -0.0336 0.0098  10  SAR G CA    
326 C  C     . SAR C 10 ? 0.1628 0.1665 0.1928 -0.0478 -0.0298 0.0063  10  SAR G C     
327 O  O     . SAR C 10 ? 0.1954 0.1951 0.2159 -0.0487 -0.0284 0.0053  10  SAR G O     
328 C  CN    . SAR C 10 ? 0.2559 0.2560 0.2790 -0.0529 -0.0333 0.0124  10  SAR G CN    
329 N  N     . MVA C 11 ? 0.1753 0.1829 0.2106 -0.0426 -0.0262 0.0040  11  MVA G N     
330 C  CN    . MVA C 11 ? 0.1623 0.1752 0.2091 -0.0392 -0.0271 0.0050  11  MVA G CN    
331 C  CA    . MVA C 11 ? 0.1406 0.1481 0.1704 -0.0393 -0.0207 0.0003  11  MVA G CA    
332 C  CB    . MVA C 11 ? 0.1716 0.1774 0.1932 -0.0416 -0.0174 -0.0002 11  MVA G CB    
333 C  CG1   . MVA C 11 ? 0.1650 0.1722 0.1835 -0.0370 -0.0114 -0.0041 11  MVA G CG1   
334 C  CG2   . MVA C 11 ? 0.2058 0.2141 0.2317 -0.0432 -0.0179 0.0022  11  MVA G CG2   
335 C  C     . MVA C 11 ? 0.1740 0.1780 0.1981 -0.0391 -0.0208 -0.0017 11  MVA G C     
336 O  O     . MVA C 11 ? 0.1851 0.1854 0.1999 -0.0414 -0.0195 -0.0028 11  MVA G O     
337 C  C1    . DM2 D .  ? 0.1557 0.1960 0.2712 -0.0348 -0.0489 0.0240  101 DM2 A C1    
338 C  C2    . DM2 D .  ? 0.1567 0.2011 0.2818 -0.0309 -0.0495 0.0244  101 DM2 A C2    
339 C  C3    . DM2 D .  ? 0.1604 0.2091 0.2918 -0.0261 -0.0461 0.0221  101 DM2 A C3    
340 C  C4    . DM2 D .  ? 0.1277 0.1768 0.2565 -0.0252 -0.0422 0.0193  101 DM2 A C4    
341 O  O4    . DM2 D .  ? 0.1575 0.2108 0.2918 -0.0201 -0.0383 0.0168  101 DM2 A O4    
342 C  C5    . DM2 D .  ? 0.1327 0.1778 0.2523 -0.0297 -0.0417 0.0191  101 DM2 A C5    
343 C  C6    . DM2 D .  ? 0.1109 0.1549 0.2242 -0.0280 -0.0362 0.0157  101 DM2 A C6    
344 O  O6    . DM2 D .  ? 0.1331 0.1799 0.2497 -0.0230 -0.0323 0.0133  101 DM2 A O6    
345 C  C7    . DM2 D .  ? 0.1213 0.1599 0.2225 -0.0324 -0.0352 0.0153  101 DM2 A C7    
346 C  C8    . DM2 D .  ? 0.0739 0.1107 0.1674 -0.0307 -0.0299 0.0121  101 DM2 A C8    
347 O  O8    . DM2 D .  ? 0.1166 0.1573 0.2153 -0.0249 -0.0259 0.0096  101 DM2 A O8    
348 C  C9    . DM2 D .  ? 0.1022 0.1343 0.1850 -0.0345 -0.0289 0.0117  101 DM2 A C9    
349 C  C10   . DM2 D .  ? 0.0995 0.1303 0.1748 -0.0321 -0.0228 0.0080  101 DM2 A C10   
350 O  O10   . DM2 D .  ? 0.1174 0.1517 0.1956 -0.0310 -0.0196 0.0080  101 DM2 A O10   
351 C  C11   . DM2 D .  ? 0.1165 0.1421 0.1799 -0.0360 -0.0218 0.0075  101 DM2 A C11   
352 C  C12   . DM2 D .  ? 0.1053 0.1276 0.1649 -0.0424 -0.0263 0.0106  101 DM2 A C12   
353 O  O12   . DM2 D .  ? 0.1598 0.1847 0.2216 -0.0432 -0.0245 0.0115  101 DM2 A O12   
354 C  C13   . DM2 D .  ? 0.1415 0.1584 0.1887 -0.0467 -0.0252 0.0101  101 DM2 A C13   
355 O  O13   . DM2 D .  ? 0.1683 0.1818 0.2114 -0.0482 -0.0274 0.0101  101 DM2 A O13   
356 C  C14   . DM2 D .  ? 0.1810 0.1970 0.2216 -0.0486 -0.0215 0.0095  101 DM2 A C14   
357 O  O14   . DM2 D .  ? 0.1823 0.1930 0.2118 -0.0511 -0.0205 0.0084  101 DM2 A O14   
358 C  C15   . DM2 D .  ? 0.1356 0.1588 0.2019 -0.0447 -0.0322 0.0139  101 DM2 A C15   
359 C  C16   . DM2 D .  ? 0.1186 0.1472 0.1973 -0.0403 -0.0333 0.0144  101 DM2 A C16   
360 C  C17   . DM2 D .  ? 0.1054 0.1355 0.1909 -0.0421 -0.0385 0.0175  101 DM2 A C17   
361 O  O17   . DM2 D .  ? 0.1249 0.1504 0.2031 -0.0455 -0.0411 0.0194  101 DM2 A O17   
362 C  C18   . DM2 D .  ? 0.0993 0.1345 0.1963 -0.0381 -0.0397 0.0180  101 DM2 A C18   
363 C  C19   . DM2 D .  ? 0.1030 0.1382 0.2036 -0.0388 -0.0440 0.0209  101 DM2 A C19   
364 O  O19   . DM2 D .  ? 0.1425 0.1737 0.2368 -0.0421 -0.0464 0.0227  101 DM2 A O19   
365 C  C20   . DM2 D .  ? 0.1346 0.1751 0.2471 -0.0343 -0.0450 0.0213  101 DM2 A C20   
366 C  C21   . DM2 D .  ? 0.1958 0.2522 0.3377 -0.0157 -0.0384 0.0170  101 DM2 A C21   
367 C  "C1'" . DM2 D .  ? 0.1401 0.1771 0.2202 -0.0255 -0.0146 0.0050  101 DM2 A "C1'" 
368 C  "C2'" . DM2 D .  ? 0.1371 0.1785 0.2235 -0.0239 -0.0125 0.0055  101 DM2 A "C2'" 
369 C  "C3'" . DM2 D .  ? 0.1197 0.1592 0.1993 -0.0277 -0.0106 0.0062  101 DM2 A "C3'" 
370 N  "N3'" . DM2 D .  ? 0.1635 0.2077 0.2495 -0.0256 -0.0079 0.0063  101 DM2 A "N3'" 
371 C  "C4'" . DM2 D .  ? 0.1002 0.1359 0.1687 -0.0277 -0.0063 0.0035  101 DM2 A "C4'" 
372 O  "O4'" . DM2 D .  ? 0.1460 0.1842 0.2160 -0.0219 -0.0011 0.0004  101 DM2 A "O4'" 
373 C  "C5'" . DM2 D .  ? 0.1388 0.1701 0.2013 -0.0295 -0.0088 0.0032  101 DM2 A "C5'" 
374 O  "O5'" . DM2 D .  ? 0.1223 0.1558 0.1917 -0.0256 -0.0104 0.0023  101 DM2 A "O5'" 
375 C  "C6'" . DM2 D .  ? 0.1412 0.1690 0.1929 -0.0293 -0.0046 0.0004  101 DM2 A "C6'" 
376 MN MN    . MN  E .  ? 0.2995 0.3268 0.4234 -0.0096 -0.0508 0.0079  102 MN  A MN    
377 MN MN    . MN  F .  ? 0.3212 0.3461 0.3994 -0.0531 -0.0499 0.0284  103 MN  A MN    
378 MN MN    . MN  G .  ? 0.1561 0.2034 0.2838 -0.0119 -0.0349 0.0095  101 MN  B MN    
379 CL CL    . CL  H .  ? 0.1820 0.2205 0.2265 -0.0109 -0.0051 -0.0001 102 CL  B CL    
380 O  O     . HOH I .  ? 0.5258 0.5234 0.6375 -0.0210 -0.0734 0.0193  201 HOH A O     
381 O  O     . HOH I .  ? 0.4412 0.4458 0.4538 -0.0556 -0.0165 0.0078  202 HOH A O     
382 O  O     . HOH I .  ? 0.3318 0.3222 0.4361 -0.0216 -0.0733 0.0160  203 HOH A O     
383 O  O     . HOH I .  ? 0.3948 0.3937 0.4880 -0.0314 -0.0701 0.0229  204 HOH A O     
384 O  O     . HOH I .  ? 0.3594 0.3677 0.4820 -0.0041 -0.0588 0.0011  205 HOH A O     
385 O  O     . HOH I .  ? 0.2721 0.2996 0.3859 -0.0105 -0.0442 0.0040  206 HOH A O     
386 O  O     . HOH I .  ? 0.4703 0.4707 0.4767 -0.0646 -0.0269 0.0188  207 HOH A O     
387 O  O     . HOH I .  ? 0.1617 0.1851 0.2813 -0.0090 -0.0507 0.0047  208 HOH A O     
388 O  O     . HOH I .  ? 0.2414 0.2836 0.3196 -0.0116 0.0012  -0.0039 209 HOH A O     
389 O  O     . HOH I .  ? 0.3568 0.3843 0.4455 -0.0478 -0.0518 0.0278  210 HOH A O     
390 O  O     . HOH I .  ? 0.1629 0.1907 0.2225 -0.0237 -0.0098 -0.0015 211 HOH A O     
391 O  O     . HOH I .  ? 0.4528 0.4763 0.5223 -0.0574 -0.0470 0.0286  212 HOH A O     
392 O  O     . HOH I .  ? 0.2797 0.3138 0.3732 -0.0503 -0.0491 0.0291  213 HOH A O     
393 O  O     . HOH I .  ? 0.4956 0.5043 0.5227 -0.0638 -0.0316 0.0214  214 HOH A O     
394 O  O     . HOH I .  ? 0.4408 0.4267 0.4665 -0.0517 -0.0537 0.0213  215 HOH A O     
395 O  O     . HOH I .  ? 0.2416 0.2630 0.3559 -0.0174 -0.0546 0.0111  216 HOH A O     
396 O  O     . HOH I .  ? 0.1761 0.2157 0.2482 -0.0333 -0.0041 0.0073  217 HOH A O     
397 O  O     . HOH I .  ? 0.2622 0.2936 0.3411 -0.0559 -0.0415 0.0269  218 HOH A O     
398 O  O     . HOH I .  ? 0.2525 0.3059 0.3862 -0.0109 -0.0319 0.0104  219 HOH A O     
399 O  O     . HOH I .  ? 0.2039 0.2328 0.3103 -0.0369 -0.0570 0.0264  220 HOH A O     
400 O  O     . HOH I .  ? 0.2143 0.2410 0.3293 -0.0012 -0.0396 -0.0037 221 HOH A O     
401 O  O     . HOH I .  ? 0.4757 0.4923 0.5386 -0.0557 -0.0499 0.0278  222 HOH A O     
402 O  O     . HOH I .  ? 0.3195 0.3539 0.4416 -0.0225 -0.0522 0.0185  223 HOH A O     
403 O  O     . HOH I .  ? 0.3453 0.3468 0.4275 -0.0387 -0.0674 0.0262  224 HOH A O     
404 O  O     . HOH I .  ? 0.4118 0.4298 0.5369 -0.0072 -0.0566 0.0070  225 HOH A O     
405 O  O     . HOH I .  ? 0.4734 0.4612 0.5261 -0.0507 -0.0712 0.0334  226 HOH A O     
406 O  O     . HOH I .  ? 0.4521 0.4484 0.5223 -0.0470 -0.0720 0.0334  227 HOH A O     
407 O  O     . HOH I .  ? 0.3880 0.4155 0.4861 -0.0439 -0.0575 0.0295  228 HOH A O     
408 O  O     . HOH I .  ? 0.4571 0.4706 0.5672 -0.0221 -0.0620 0.0165  229 HOH A O     
409 O  O     . HOH I .  ? 0.3375 0.3448 0.4331 -0.0300 -0.0637 0.0198  230 HOH A O     
410 O  O     . HOH I .  ? 0.3658 0.3550 0.4714 -0.0250 -0.0788 0.0231  231 HOH A O     
411 O  O     . HOH I .  ? 0.4810 0.4852 0.5944 -0.0220 -0.0712 0.0208  232 HOH A O     
412 O  O     . HOH I .  ? 0.6164 0.6144 0.7086 -0.0362 -0.0751 0.0300  233 HOH A O     
413 O  O     . HOH I .  ? 0.3593 0.3699 0.4715 -0.0192 -0.0631 0.0146  234 HOH A O     
414 O  O     . HOH I .  ? 0.2979 0.3226 0.3807 -0.0539 -0.0565 0.0327  235 HOH A O     
415 O  O     . HOH I .  ? 0.3864 0.4070 0.4419 -0.0623 -0.0404 0.0270  236 HOH A O     
416 O  O     . HOH I .  ? 0.2866 0.3055 0.3831 -0.0404 -0.0633 0.0294  237 HOH A O     
417 O  O     . HOH I .  ? 0.5151 0.5271 0.6058 -0.0408 -0.0662 0.0296  238 HOH A O     
418 O  O     . HOH I .  ? 0.5034 0.5315 0.5849 -0.0576 -0.0533 0.0331  239 HOH A O     
419 O  O     . HOH I .  ? 0.3438 0.3764 0.4723 -0.0093 -0.0493 0.0099  240 HOH A O     
420 O  O     . HOH I .  ? 0.3569 0.3884 0.4887 -0.0009 -0.0464 0.0045  241 HOH A O     
421 O  O     . HOH I .  ? 0.3698 0.3956 0.5004 -0.0086 -0.0557 0.0119  242 HOH A O     
422 O  O     . HOH I .  ? 0.4067 0.4339 0.5393 0.0023  -0.0477 0.0025  243 HOH A O     
423 O  O     . HOH I .  ? 0.3549 0.3753 0.4567 -0.0429 -0.0686 0.0349  244 HOH A O     
424 O  O     . HOH J .  ? 0.3180 0.3541 0.4033 -0.0017 -0.0105 -0.0104 201 HOH B O     
425 O  O     . HOH J .  ? 0.1463 0.1911 0.2729 -0.0196 -0.0420 0.0147  202 HOH B O     
426 O  O     . HOH J .  ? 0.3560 0.4362 0.5177 -0.0246 -0.0279 0.0240  203 HOH B O     
427 O  O     . HOH J .  ? 0.1637 0.1896 0.2589 0.0049  -0.0240 -0.0159 204 HOH B O     
428 O  O     . HOH J .  ? 0.3526 0.3379 0.3611 -0.0301 -0.0246 -0.0201 205 HOH B O     
429 O  O     . HOH J .  ? 0.4190 0.4474 0.4730 0.0010  0.0031  -0.0215 206 HOH B O     
430 O  O     . HOH J .  ? 0.4044 0.4801 0.5670 -0.0019 -0.0233 0.0146  207 HOH B O     
431 O  O     . HOH J .  ? 0.2253 0.2767 0.3434 -0.0439 -0.0416 0.0274  208 HOH B O     
432 O  O     . HOH J .  ? 0.1731 0.1972 0.2351 -0.0274 -0.0190 0.0013  209 HOH B O     
433 O  O     . HOH J .  ? 0.1782 0.1590 0.2018 -0.0289 -0.0411 -0.0099 210 HOH B O     
434 O  O     . HOH J .  ? 0.1874 0.1820 0.1988 -0.0140 -0.0111 -0.0339 211 HOH B O     
435 O  O     . HOH J .  ? 0.1794 0.2334 0.2881 -0.0206 -0.0118 0.0087  212 HOH B O     
436 O  O     . HOH J .  ? 0.1968 0.1959 0.2017 -0.0229 -0.0073 -0.0219 213 HOH B O     
437 O  O     . HOH J .  ? 0.1896 0.2296 0.2977 -0.0063 -0.0251 -0.0004 214 HOH B O     
438 O  O     . HOH J .  ? 0.1513 0.1535 0.1665 -0.0258 -0.0115 -0.0154 215 HOH B O     
439 O  O     . HOH J .  ? 0.2022 0.2640 0.3431 -0.0321 -0.0411 0.0262  216 HOH B O     
440 O  O     . HOH J .  ? 0.2189 0.2586 0.3379 -0.0151 -0.0389 0.0093  217 HOH B O     
441 O  O     . HOH J .  ? 0.3026 0.3379 0.4132 0.0031  -0.0267 -0.0077 218 HOH B O     
442 O  O     . HOH J .  ? 0.4156 0.4959 0.5509 -0.0029 -0.0238 0.0153  219 HOH B O     
443 O  O     . HOH J .  ? 0.1869 0.2352 0.3130 -0.0045 -0.0284 0.0039  220 HOH B O     
444 O  O     . HOH J .  ? 0.3255 0.3699 0.4040 0.0010  0.0079  -0.0119 221 HOH B O     
445 O  O     . HOH J .  ? 0.2715 0.3046 0.3317 -0.0136 0.0013  -0.0075 222 HOH B O     
446 O  O     . HOH J .  ? 0.2973 0.3298 0.4108 0.0064  -0.0292 -0.0101 223 HOH B O     
447 O  O     . HOH J .  ? 0.3961 0.4473 0.4935 0.0081  0.0044  -0.0119 224 HOH B O     
448 O  O     . HOH J .  ? 0.2384 0.2780 0.3359 -0.0526 -0.0461 0.0298  225 HOH B O     
449 O  O     . HOH J .  ? 0.4947 0.4815 0.4867 -0.0304 -0.0148 -0.0228 226 HOH B O     
450 O  O     . HOH J .  ? 0.3411 0.3311 0.3345 -0.0312 -0.0131 -0.0204 227 HOH B O     
451 O  O     . HOH J .  ? 0.1454 0.1952 0.2837 -0.0073 -0.0381 0.0108  228 HOH B O     
452 O  O     . HOH J .  ? 0.4486 0.4790 0.5249 -0.0014 -0.0109 -0.0141 229 HOH B O     
453 O  O     . HOH J .  ? 0.3259 0.3637 0.4269 0.0071  -0.0157 -0.0133 230 HOH B O     
454 O  O     . HOH J .  ? 0.3984 0.4316 0.4935 0.0130  -0.0136 -0.0216 231 HOH B O     
455 O  O     . HOH J .  ? 0.3549 0.3967 0.4770 -0.0007 -0.0303 -0.0004 232 HOH B O     
456 O  O     . HOH J .  ? 0.3403 0.3850 0.4778 -0.0053 -0.0415 0.0099  233 HOH B O     
457 O  O     . HOH K .  ? 0.3200 0.3103 0.3197 -0.0421 -0.0211 -0.0082 101 HOH G O     
458 O  O     . HOH K .  ? 0.4721 0.4548 0.4781 -0.0507 -0.0416 0.0124  102 HOH G O     
459 O  O     . HOH K .  ? 0.4912 0.4780 0.4972 -0.0552 -0.0413 0.0169  103 HOH G O     
460 O  O     . HOH K .  ? 0.2536 0.2473 0.2545 -0.0514 -0.0229 0.0043  104 HOH G O     
461 O  O     . HOH K .  ? 0.3261 0.3042 0.3314 -0.0434 -0.0387 0.0022  105 HOH G O     
462 O  O     . HOH K .  ? 0.4753 0.4531 0.4818 -0.0497 -0.0462 0.0136  106 HOH G O     
463 O  O     . HOH K .  ? 0.4992 0.4832 0.4976 -0.0349 -0.0231 -0.0156 107 HOH G O     
464 O  O     . HOH K .  ? 0.3993 0.3856 0.3958 -0.0378 -0.0214 -0.0128 108 HOH G O     
465 O  O     . HOH K .  ? 0.3933 0.4013 0.4773 -0.0381 -0.0620 0.0235  109 HOH G O     
466 O  O     . HOH K .  ? 0.4624 0.4790 0.5630 -0.0347 -0.0635 0.0259  110 HOH G O     
467 O  O     . HOH K .  ? 0.2821 0.2647 0.3119 -0.0350 -0.0426 -0.0033 111 HOH G O     
468 O  O     . HOH K .  ? 0.5280 0.5098 0.5386 -0.0534 -0.0489 0.0190  112 HOH G O     
469 O  O     . HOH K .  ? 0.3298 0.3109 0.3524 -0.0316 -0.0352 -0.0135 113 HOH G O     
# 
